data_9KS0
#
_entry.id   9KS0
#
_cell.length_a   108.066
_cell.length_b   130.026
_cell.length_c   169.981
_cell.angle_alpha   90.000
_cell.angle_beta   90.000
_cell.angle_gamma   90.000
#
_symmetry.space_group_name_H-M   'P 21 21 21'
#
loop_
_entity.id
_entity.type
_entity.pdbx_description
1 polymer 'NADP-dependent malic enzyme'
2 polymer 'NADP-dependent malic enzyme'
3 non-polymer 'SULFATE ION'
4 water water
#
loop_
_entity_poly.entity_id
_entity_poly.type
_entity_poly.pdbx_seq_one_letter_code
_entity_poly.pdbx_strand_id
1 'polypeptide(L)'
;MGSSHHHHHHSSGLVPRGSHMASMTGGQQMGRGSENLYFQGLFMKPIFSQARKAPKRVVLPEGEEARVLHATQELVTLGL
AKPILIGRPNVIEMRIQKLGLQIKAGVDFEIVNNESDPRFKEYWTEYFQIMKRRGVTQEQAQRALISNPTVIGAIMVQRG
EADAMICGTVGDYHEHFSVVKNVFGYRDGVHTAGAMNALLLPSGNTFIADTYVNDEPDAEELAEITLMAAETVRRFGIEP
RVALLSHSNFGSSDCPSSSKMRQALELVRERAPELMIDGEMHGDAALVEAIRNDRMPDSSLKGSANILVMPNMEAARISY
NLLRVSSSEGVTVGPVLMGVAKPVHVLTPIASVRRIVNMVALAVVEAQTQPL
;
E,F,G,H,I
2 'polypeptide(L)'
;MGSSHHHHHHSSGLVPRGSHMASMTGGQQMGRGSENLYFQGLFMKPIFSQARKAPKRVVLPEGEEARVLHATQELVTLGL
AKPILIGRPNVIEMRIQKLGLQIKAGVDFEIVNNESDPRFKEYWTEYFQIMKRRGVTQEQAQRALISNPTVIGAIMVQRG
EADAMICGTVGDYHEHFSVVKNVFGYRDGVHTAGAMNALLLPSGNTFIADTYVNDEPDAEELAEITLMAAETVRRFGIEP
RVALLSHSNFGSSD(CSO)PSSSKMRQALELVRERAPELMIDGEMHGDAALVEAIRNDRMPDSSLKGSANILVMPNMEAA
RISYNLLRVSSSEGVTVGPVLMGVAKPVHVLTPIASVRRIVNMVALAVVEAQTQPL
;
J
#
loop_
_chem_comp.id
_chem_comp.type
_chem_comp.name
_chem_comp.formula
SO4 non-polymer 'SULFATE ION' 'O4 S -2'
#
# COMPACT_ATOMS: atom_id res chain seq x y z
N GLY A 41 7.71 -39.09 -26.88
CA GLY A 41 7.33 -39.26 -25.47
C GLY A 41 7.90 -40.55 -24.90
N LEU A 42 9.13 -40.90 -25.29
CA LEU A 42 9.73 -42.19 -24.88
C LEU A 42 9.65 -42.30 -23.35
N PHE A 43 9.55 -41.17 -22.66
CA PHE A 43 9.60 -41.23 -21.17
C PHE A 43 8.34 -41.91 -20.64
N MET A 44 7.31 -42.04 -21.47
CA MET A 44 6.03 -42.63 -20.99
C MET A 44 6.16 -44.15 -21.07
N LYS A 45 7.06 -44.62 -21.91
CA LYS A 45 7.26 -46.08 -22.12
C LYS A 45 7.61 -46.77 -20.80
N PRO A 46 8.59 -46.27 -20.01
CA PRO A 46 8.97 -46.89 -18.76
C PRO A 46 7.83 -46.81 -17.73
N ILE A 47 7.01 -45.77 -17.85
CA ILE A 47 5.86 -45.56 -16.91
C ILE A 47 4.80 -46.63 -17.18
N PHE A 48 4.53 -46.90 -18.44
CA PHE A 48 3.52 -47.93 -18.81
C PHE A 48 3.99 -49.27 -18.25
N SER A 49 5.28 -49.51 -18.32
CA SER A 49 5.85 -50.78 -17.83
C SER A 49 5.76 -50.87 -16.31
N GLN A 50 6.07 -49.78 -15.61
CA GLN A 50 6.04 -49.76 -14.12
C GLN A 50 4.61 -49.88 -13.63
N ALA A 51 3.66 -49.26 -14.33
CA ALA A 51 2.24 -49.29 -13.94
C ALA A 51 1.70 -50.71 -14.05
N ARG A 52 2.08 -51.44 -15.08
CA ARG A 52 1.56 -52.80 -15.31
C ARG A 52 2.14 -53.74 -14.26
N LYS A 53 3.26 -53.36 -13.65
CA LYS A 53 3.92 -54.22 -12.64
C LYS A 53 2.99 -54.34 -11.44
N ALA A 54 2.39 -53.22 -11.03
CA ALA A 54 1.48 -53.20 -9.87
C ALA A 54 0.28 -52.30 -10.16
N PRO A 55 -0.73 -52.74 -10.92
CA PRO A 55 -1.85 -51.87 -11.28
C PRO A 55 -2.55 -51.31 -10.04
N LYS A 56 -2.87 -50.02 -10.07
CA LYS A 56 -3.50 -49.38 -8.90
C LYS A 56 -4.92 -48.91 -9.26
N ARG A 57 -5.75 -48.70 -8.24
CA ARG A 57 -7.15 -48.25 -8.45
C ARG A 57 -7.14 -46.76 -8.69
N VAL A 58 -7.74 -46.33 -9.80
CA VAL A 58 -7.73 -44.89 -10.18
C VAL A 58 -9.16 -44.42 -10.38
N VAL A 59 -9.54 -43.35 -9.68
CA VAL A 59 -10.90 -42.77 -9.82
C VAL A 59 -10.94 -41.83 -11.00
N LEU A 60 -12.00 -41.90 -11.79
CA LEU A 60 -12.19 -40.97 -12.92
C LEU A 60 -13.58 -40.38 -12.73
N PRO A 61 -13.71 -39.21 -12.09
CA PRO A 61 -15.03 -38.65 -11.75
C PRO A 61 -15.99 -38.39 -12.93
N GLU A 62 -15.46 -38.09 -14.11
CA GLU A 62 -16.30 -37.80 -15.29
C GLU A 62 -16.45 -39.09 -16.09
N GLY A 63 -17.12 -40.09 -15.51
CA GLY A 63 -17.24 -41.42 -16.15
C GLY A 63 -18.28 -41.50 -17.26
N GLU A 64 -18.96 -40.41 -17.55
CA GLU A 64 -20.00 -40.43 -18.61
C GLU A 64 -19.41 -39.77 -19.84
N GLU A 65 -18.14 -39.38 -19.77
CA GLU A 65 -17.48 -38.70 -20.91
C GLU A 65 -17.01 -39.74 -21.91
N ALA A 66 -17.13 -39.42 -23.19
CA ALA A 66 -16.74 -40.39 -24.23
C ALA A 66 -15.24 -40.60 -24.17
N ARG A 67 -14.48 -39.53 -23.93
CA ARG A 67 -13.01 -39.63 -23.89
C ARG A 67 -12.59 -40.50 -22.70
N VAL A 68 -13.29 -40.36 -21.58
CA VAL A 68 -12.93 -41.11 -20.34
C VAL A 68 -13.22 -42.60 -20.54
N LEU A 69 -14.34 -42.93 -21.17
CA LEU A 69 -14.73 -44.35 -21.34
C LEU A 69 -13.74 -45.00 -22.29
N HIS A 70 -13.36 -44.29 -23.34
CA HIS A 70 -12.38 -44.83 -24.30
C HIS A 70 -11.11 -45.15 -23.54
N ALA A 71 -10.68 -44.25 -22.66
CA ALA A 71 -9.42 -44.43 -21.91
C ALA A 71 -9.56 -45.63 -20.98
N THR A 72 -10.74 -45.83 -20.45
CA THR A 72 -10.99 -46.96 -19.52
C THR A 72 -10.79 -48.24 -20.30
N GLN A 73 -11.26 -48.27 -21.54
CA GLN A 73 -11.07 -49.45 -22.41
C GLN A 73 -9.57 -49.65 -22.61
N GLU A 74 -8.84 -48.60 -22.96
CA GLU A 74 -7.40 -48.76 -23.25
C GLU A 74 -6.66 -49.18 -21.99
N LEU A 75 -6.99 -48.58 -20.85
CA LEU A 75 -6.27 -48.88 -19.60
C LEU A 75 -6.49 -50.34 -19.22
N VAL A 76 -7.68 -50.87 -19.47
CA VAL A 76 -7.97 -52.30 -19.15
C VAL A 76 -7.15 -53.19 -20.08
N THR A 77 -7.10 -52.83 -21.36
CA THR A 77 -6.36 -53.67 -22.32
C THR A 77 -4.88 -53.66 -21.98
N LEU A 78 -4.35 -52.50 -21.60
CA LEU A 78 -2.90 -52.36 -21.28
C LEU A 78 -2.63 -52.90 -19.88
N GLY A 79 -3.65 -52.99 -19.04
CA GLY A 79 -3.49 -53.53 -17.68
C GLY A 79 -2.72 -52.60 -16.78
N LEU A 80 -2.90 -51.29 -16.92
CA LEU A 80 -2.09 -50.33 -16.14
C LEU A 80 -2.85 -49.95 -14.88
N ALA A 81 -4.15 -50.15 -14.89
CA ALA A 81 -4.90 -49.66 -13.71
C ALA A 81 -6.24 -50.35 -13.56
N LYS A 82 -6.85 -50.21 -12.39
CA LYS A 82 -8.21 -50.75 -12.17
C LYS A 82 -9.14 -49.55 -12.12
N PRO A 83 -9.80 -49.17 -13.22
CA PRO A 83 -10.62 -47.94 -13.25
C PRO A 83 -11.92 -47.89 -12.43
N ILE A 84 -12.16 -46.77 -11.76
CA ILE A 84 -13.42 -46.55 -11.00
C ILE A 84 -14.10 -45.32 -11.60
N LEU A 85 -15.24 -45.52 -12.25
CA LEU A 85 -15.91 -44.37 -12.91
C LEU A 85 -17.05 -43.90 -12.01
N ILE A 86 -17.37 -42.61 -12.09
CA ILE A 86 -18.47 -42.04 -11.27
C ILE A 86 -19.52 -41.45 -12.22
N GLY A 87 -20.76 -41.89 -12.06
CA GLY A 87 -21.86 -41.36 -12.88
C GLY A 87 -23.09 -42.23 -12.80
N ARG A 88 -24.08 -41.95 -13.65
CA ARG A 88 -25.32 -42.75 -13.68
C ARG A 88 -25.09 -43.98 -14.55
N PRO A 89 -25.21 -45.20 -14.00
CA PRO A 89 -24.93 -46.40 -14.76
C PRO A 89 -25.75 -46.47 -16.05
N ASN A 90 -26.91 -45.82 -16.06
CA ASN A 90 -27.75 -45.78 -17.28
C ASN A 90 -26.96 -45.09 -18.39
N VAL A 91 -26.27 -44.00 -18.07
CA VAL A 91 -25.59 -43.21 -19.13
C VAL A 91 -24.26 -43.89 -19.47
N ILE A 92 -23.70 -44.61 -18.51
CA ILE A 92 -22.37 -45.22 -18.74
C ILE A 92 -22.55 -46.45 -19.60
N GLU A 93 -23.44 -47.35 -19.21
CA GLU A 93 -23.59 -48.63 -19.96
C GLU A 93 -24.09 -48.32 -21.36
N MET A 94 -24.98 -47.34 -21.48
CA MET A 94 -25.56 -47.06 -22.83
C MET A 94 -24.48 -46.53 -23.76
N ARG A 95 -23.70 -45.56 -23.31
CA ARG A 95 -22.68 -44.91 -24.16
C ARG A 95 -21.57 -45.91 -24.46
N ILE A 96 -21.40 -46.90 -23.59
CA ILE A 96 -20.41 -47.98 -23.86
C ILE A 96 -20.88 -48.78 -25.07
N GLN A 97 -22.19 -49.03 -25.16
CA GLN A 97 -22.75 -49.81 -26.29
C GLN A 97 -22.94 -48.93 -27.52
N LYS A 98 -22.81 -47.61 -27.37
CA LYS A 98 -22.90 -46.74 -28.56
C LYS A 98 -21.52 -46.65 -29.19
N LEU A 99 -20.47 -46.79 -28.38
CA LEU A 99 -19.09 -46.68 -28.89
C LEU A 99 -18.53 -48.08 -29.16
N GLY A 100 -19.22 -49.12 -28.68
CA GLY A 100 -18.85 -50.52 -28.97
C GLY A 100 -17.65 -50.98 -28.17
N LEU A 101 -17.71 -50.84 -26.85
CA LEU A 101 -16.51 -51.17 -26.03
C LEU A 101 -16.78 -52.44 -25.23
N GLN A 102 -15.75 -53.25 -25.06
CA GLN A 102 -15.95 -54.55 -24.39
C GLN A 102 -16.07 -54.35 -22.89
N ILE A 103 -15.49 -53.29 -22.36
CA ILE A 103 -15.46 -53.11 -20.88
C ILE A 103 -16.86 -53.24 -20.32
N LYS A 104 -16.99 -53.96 -19.20
CA LYS A 104 -18.31 -54.11 -18.54
C LYS A 104 -18.14 -53.91 -17.03
N ALA A 105 -19.18 -53.39 -16.38
CA ALA A 105 -19.10 -53.07 -14.94
C ALA A 105 -19.02 -54.32 -14.08
N GLY A 106 -18.42 -54.18 -12.90
CA GLY A 106 -18.35 -55.31 -11.95
C GLY A 106 -17.23 -56.24 -12.32
N VAL A 107 -16.81 -56.20 -13.58
CA VAL A 107 -15.77 -57.14 -14.07
C VAL A 107 -14.52 -56.37 -14.44
N ASP A 108 -14.64 -55.43 -15.37
CA ASP A 108 -13.43 -54.72 -15.89
C ASP A 108 -13.26 -53.39 -15.16
N PHE A 109 -14.36 -52.76 -14.76
CA PHE A 109 -14.30 -51.47 -14.05
C PHE A 109 -15.44 -51.36 -13.04
N GLU A 110 -15.23 -50.57 -11.99
CA GLU A 110 -16.27 -50.37 -10.95
C GLU A 110 -17.03 -49.08 -11.25
N ILE A 111 -18.33 -49.09 -10.97
CA ILE A 111 -19.15 -47.86 -11.16
C ILE A 111 -19.64 -47.39 -9.80
N VAL A 112 -19.47 -46.10 -9.51
CA VAL A 112 -20.02 -45.52 -8.25
C VAL A 112 -21.13 -44.55 -8.65
N ASN A 113 -22.36 -44.84 -8.26
CA ASN A 113 -23.52 -43.98 -8.65
C ASN A 113 -23.56 -42.78 -7.72
N ASN A 114 -23.33 -41.60 -8.27
CA ASN A 114 -23.31 -40.38 -7.43
C ASN A 114 -24.72 -40.14 -6.90
N GLU A 115 -25.74 -40.57 -7.66
CA GLU A 115 -27.14 -40.30 -7.25
C GLU A 115 -27.61 -41.30 -6.21
N SER A 116 -26.97 -42.48 -6.14
CA SER A 116 -27.33 -43.48 -5.10
C SER A 116 -26.10 -44.30 -4.72
N ASP A 117 -25.75 -44.31 -3.44
CA ASP A 117 -24.54 -45.05 -3.01
C ASP A 117 -24.64 -45.32 -1.51
N PRO A 118 -24.49 -46.58 -1.08
CA PRO A 118 -24.57 -46.91 0.33
C PRO A 118 -23.46 -46.19 1.10
N ARG A 119 -22.46 -45.68 0.39
CA ARG A 119 -21.31 -45.10 1.12
C ARG A 119 -21.49 -43.60 1.31
N PHE A 120 -22.64 -43.05 0.91
CA PHE A 120 -22.89 -41.60 0.96
C PHE A 120 -22.67 -41.02 2.36
N LYS A 121 -23.25 -41.61 3.40
CA LYS A 121 -23.15 -41.00 4.74
C LYS A 121 -21.70 -41.00 5.21
N GLU A 122 -20.97 -42.06 4.87
CA GLU A 122 -19.59 -42.17 5.37
C GLU A 122 -18.73 -41.16 4.63
N TYR A 123 -19.23 -40.66 3.51
CA TYR A 123 -18.39 -39.78 2.66
C TYR A 123 -18.61 -38.31 3.03
N TRP A 124 -19.86 -37.87 3.04
CA TRP A 124 -20.16 -36.46 3.36
C TRP A 124 -19.73 -36.19 4.80
N THR A 125 -19.79 -37.22 5.63
CA THR A 125 -19.38 -37.08 7.05
C THR A 125 -17.89 -36.74 7.10
N GLU A 126 -17.07 -37.37 6.24
CA GLU A 126 -15.60 -37.14 6.26
C GLU A 126 -15.26 -35.82 5.60
N TYR A 127 -16.00 -35.45 4.56
CA TYR A 127 -15.78 -34.16 3.88
C TYR A 127 -16.11 -33.02 4.84
N PHE A 128 -17.16 -33.21 5.63
CA PHE A 128 -17.57 -32.16 6.60
C PHE A 128 -16.46 -32.03 7.65
N GLN A 129 -15.98 -33.16 8.14
CA GLN A 129 -14.92 -33.16 9.15
C GLN A 129 -13.78 -32.31 8.61
N ILE A 130 -13.48 -32.44 7.32
CA ILE A 130 -12.30 -31.74 6.76
C ILE A 130 -12.64 -30.28 6.48
N MET A 131 -13.88 -29.99 6.13
CA MET A 131 -14.19 -28.60 5.69
C MET A 131 -15.18 -27.91 6.62
N LYS A 132 -15.42 -28.45 7.81
CA LYS A 132 -16.42 -27.87 8.74
C LYS A 132 -16.02 -26.46 9.16
N ARG A 133 -14.72 -26.16 9.23
CA ARG A 133 -14.24 -24.84 9.67
C ARG A 133 -13.72 -24.09 8.44
N ARG A 134 -14.15 -24.52 7.26
CA ARG A 134 -13.71 -23.88 6.00
C ARG A 134 -14.93 -23.46 5.19
N GLY A 135 -16.10 -23.31 5.81
CA GLY A 135 -17.27 -22.76 5.10
C GLY A 135 -18.23 -23.80 4.61
N VAL A 136 -18.17 -25.01 5.15
CA VAL A 136 -19.03 -26.09 4.60
C VAL A 136 -19.96 -26.60 5.69
N THR A 137 -21.26 -26.53 5.44
CA THR A 137 -22.26 -27.02 6.41
C THR A 137 -22.58 -28.47 6.10
N GLN A 138 -23.22 -29.16 7.04
CA GLN A 138 -23.51 -30.59 6.84
C GLN A 138 -24.34 -30.71 5.56
N GLU A 139 -25.27 -29.78 5.38
CA GLU A 139 -26.12 -29.78 4.19
C GLU A 139 -25.26 -29.55 2.95
N GLN A 140 -24.32 -28.60 3.03
CA GLN A 140 -23.48 -28.27 1.87
C GLN A 140 -22.62 -29.48 1.52
N ALA A 141 -22.16 -30.20 2.55
CA ALA A 141 -21.36 -31.42 2.33
C ALA A 141 -22.21 -32.47 1.63
N GLN A 142 -23.48 -32.61 2.04
CA GLN A 142 -24.33 -33.68 1.46
C GLN A 142 -24.53 -33.40 -0.02
N ARG A 143 -24.85 -32.16 -0.36
CA ARG A 143 -25.12 -31.84 -1.78
C ARG A 143 -23.86 -32.15 -2.56
N ALA A 144 -22.69 -31.86 -1.97
CA ALA A 144 -21.41 -32.04 -2.68
C ALA A 144 -21.16 -33.51 -3.02
N LEU A 145 -21.48 -34.41 -2.11
CA LEU A 145 -21.17 -35.83 -2.36
C LEU A 145 -22.26 -36.42 -3.25
N ILE A 146 -23.16 -35.58 -3.75
CA ILE A 146 -24.19 -36.06 -4.71
C ILE A 146 -23.93 -35.44 -6.07
N SER A 147 -23.62 -34.14 -6.12
CA SER A 147 -23.52 -33.46 -7.44
C SER A 147 -22.11 -32.96 -7.75
N ASN A 148 -21.12 -33.35 -6.95
CA ASN A 148 -19.73 -32.96 -7.28
C ASN A 148 -18.85 -34.21 -7.34
N PRO A 149 -18.72 -34.89 -8.49
CA PRO A 149 -17.95 -36.13 -8.57
C PRO A 149 -16.46 -36.02 -8.24
N THR A 150 -15.89 -34.81 -8.35
CA THR A 150 -14.47 -34.60 -7.98
C THR A 150 -14.30 -34.80 -6.47
N VAL A 151 -15.28 -34.36 -5.68
CA VAL A 151 -15.22 -34.51 -4.20
C VAL A 151 -15.37 -35.99 -3.84
N ILE A 152 -16.26 -36.68 -4.53
CA ILE A 152 -16.47 -38.12 -4.27
C ILE A 152 -15.16 -38.87 -4.49
N GLY A 153 -14.50 -38.63 -5.61
CA GLY A 153 -13.25 -39.33 -5.93
C GLY A 153 -12.15 -38.97 -4.96
N ALA A 154 -12.08 -37.70 -4.56
CA ALA A 154 -11.03 -37.23 -3.63
C ALA A 154 -11.23 -37.92 -2.30
N ILE A 155 -12.47 -38.00 -1.86
CA ILE A 155 -12.77 -38.64 -0.54
C ILE A 155 -12.48 -40.14 -0.65
N MET A 156 -12.76 -40.74 -1.80
CA MET A 156 -12.45 -42.18 -1.99
C MET A 156 -10.94 -42.38 -1.82
N VAL A 157 -10.13 -41.53 -2.43
CA VAL A 157 -8.66 -41.68 -2.36
C VAL A 157 -8.23 -41.40 -0.92
N GLN A 158 -8.83 -40.40 -0.30
CA GLN A 158 -8.46 -40.01 1.09
C GLN A 158 -8.80 -41.14 2.05
N ARG A 159 -9.92 -41.82 1.82
CA ARG A 159 -10.35 -42.95 2.68
C ARG A 159 -9.43 -44.15 2.46
N GLY A 160 -9.05 -44.40 1.21
CA GLY A 160 -8.17 -45.54 0.89
C GLY A 160 -8.84 -46.51 -0.05
N GLU A 161 -10.05 -46.17 -0.50
CA GLU A 161 -10.82 -47.07 -1.39
C GLU A 161 -10.26 -46.90 -2.80
N ALA A 162 -9.49 -45.84 -3.01
CA ALA A 162 -8.87 -45.59 -4.33
C ALA A 162 -7.42 -45.17 -4.08
N ASP A 163 -6.55 -45.36 -5.07
CA ASP A 163 -5.12 -45.08 -4.83
C ASP A 163 -4.74 -43.80 -5.57
N ALA A 164 -5.56 -43.36 -6.51
CA ALA A 164 -5.23 -42.18 -7.34
C ALA A 164 -6.47 -41.65 -8.04
N MET A 165 -6.37 -40.43 -8.58
CA MET A 165 -7.53 -39.81 -9.27
C MET A 165 -7.08 -38.98 -10.45
N ILE A 166 -7.84 -39.04 -11.55
CA ILE A 166 -7.55 -38.15 -12.71
C ILE A 166 -8.85 -37.41 -13.04
N CYS A 167 -8.84 -36.10 -12.85
CA CYS A 167 -10.07 -35.30 -13.05
C CYS A 167 -9.79 -34.07 -13.90
N GLY A 168 -10.82 -33.31 -14.21
CA GLY A 168 -10.62 -32.06 -14.96
C GLY A 168 -10.93 -32.18 -16.43
N THR A 169 -11.49 -33.30 -16.85
CA THR A 169 -11.85 -33.49 -18.28
C THR A 169 -13.02 -32.56 -18.60
N VAL A 170 -13.66 -32.00 -17.57
CA VAL A 170 -14.80 -31.05 -17.76
C VAL A 170 -14.66 -29.95 -16.72
N GLY A 171 -14.82 -28.68 -17.11
CA GLY A 171 -14.84 -27.60 -16.11
C GLY A 171 -13.64 -26.69 -16.14
N ASP A 172 -13.28 -26.18 -14.95
CA ASP A 172 -12.12 -25.25 -14.80
C ASP A 172 -11.12 -25.89 -13.84
N TYR A 173 -9.85 -25.55 -13.95
CA TYR A 173 -8.81 -26.20 -13.14
C TYR A 173 -9.07 -25.96 -11.67
N HIS A 174 -9.42 -24.73 -11.30
CA HIS A 174 -9.55 -24.41 -9.86
C HIS A 174 -10.79 -25.04 -9.27
N GLU A 175 -11.80 -25.27 -10.09
CA GLU A 175 -12.99 -25.97 -9.58
C GLU A 175 -12.51 -27.30 -9.00
N HIS A 176 -11.53 -27.93 -9.64
CA HIS A 176 -11.09 -29.29 -9.23
C HIS A 176 -9.87 -29.20 -8.29
N PHE A 177 -8.96 -28.26 -8.53
CA PHE A 177 -7.75 -28.12 -7.70
C PHE A 177 -8.15 -27.67 -6.31
N SER A 178 -9.16 -26.83 -6.22
CA SER A 178 -9.62 -26.35 -4.90
C SER A 178 -9.97 -27.57 -4.08
N VAL A 179 -10.73 -28.49 -4.65
CA VAL A 179 -11.17 -29.69 -3.89
C VAL A 179 -9.94 -30.52 -3.50
N VAL A 180 -9.01 -30.75 -4.42
CA VAL A 180 -7.86 -31.66 -4.14
C VAL A 180 -6.95 -31.09 -3.05
N LYS A 181 -6.61 -29.80 -3.15
CA LYS A 181 -5.76 -29.16 -2.12
C LYS A 181 -6.49 -29.19 -0.78
N ASN A 182 -7.79 -28.92 -0.79
CA ASN A 182 -8.56 -28.83 0.47
C ASN A 182 -8.64 -30.20 1.14
N VAL A 183 -8.91 -31.26 0.37
CA VAL A 183 -9.09 -32.62 0.96
C VAL A 183 -7.75 -33.28 1.26
N PHE A 184 -6.77 -33.19 0.37
CA PHE A 184 -5.50 -33.96 0.58
C PHE A 184 -4.44 -33.11 1.29
N GLY A 185 -4.37 -31.84 0.95
CA GLY A 185 -3.34 -30.95 1.53
C GLY A 185 -2.05 -31.04 0.78
N TYR A 186 -1.03 -30.41 1.33
CA TYR A 186 0.32 -30.47 0.71
C TYR A 186 1.07 -31.65 1.33
N ARG A 187 2.17 -32.01 0.68
CA ARG A 187 2.98 -33.12 1.20
C ARG A 187 4.04 -32.55 2.14
N ASP A 188 4.56 -33.38 3.03
CA ASP A 188 5.51 -32.87 4.04
C ASP A 188 6.63 -32.12 3.34
N GLY A 189 6.98 -30.94 3.84
CA GLY A 189 8.15 -30.21 3.32
C GLY A 189 7.80 -29.29 2.18
N VAL A 190 6.52 -29.18 1.85
CA VAL A 190 6.16 -28.22 0.78
C VAL A 190 4.99 -27.38 1.25
N HIS A 191 5.00 -26.11 0.87
CA HIS A 191 3.94 -25.17 1.29
C HIS A 191 3.34 -24.54 0.04
N THR A 192 3.64 -25.14 -1.11
CA THR A 192 3.12 -24.62 -2.40
C THR A 192 2.96 -25.76 -3.40
N ALA A 193 2.14 -25.54 -4.41
CA ALA A 193 1.88 -26.58 -5.44
C ALA A 193 1.97 -25.93 -6.81
N GLY A 194 2.32 -26.73 -7.81
CA GLY A 194 2.52 -26.20 -9.17
C GLY A 194 2.14 -27.20 -10.21
N ALA A 195 1.92 -26.72 -11.43
CA ALA A 195 1.52 -27.60 -12.55
C ALA A 195 2.55 -27.48 -13.67
N MET A 196 2.92 -28.61 -14.26
CA MET A 196 3.94 -28.63 -15.33
C MET A 196 3.32 -29.27 -16.57
N ASN A 197 3.47 -28.61 -17.71
CA ASN A 197 2.99 -29.14 -19.00
C ASN A 197 4.19 -29.37 -19.91
N ALA A 198 4.14 -30.42 -20.71
CA ALA A 198 5.29 -30.77 -21.57
C ALA A 198 4.94 -30.64 -23.05
N LEU A 199 5.92 -30.26 -23.84
CA LEU A 199 5.72 -30.09 -25.30
C LEU A 199 6.93 -30.67 -26.02
N LEU A 200 6.69 -31.36 -27.14
CA LEU A 200 7.84 -31.86 -27.94
C LEU A 200 8.21 -30.74 -28.90
N LEU A 201 9.38 -30.16 -28.69
CA LEU A 201 9.77 -28.99 -29.51
C LEU A 201 10.95 -29.38 -30.36
N PRO A 202 11.30 -28.59 -31.37
CA PRO A 202 12.45 -28.88 -32.20
C PRO A 202 13.67 -29.08 -31.31
N SER A 203 13.78 -28.32 -30.24
CA SER A 203 14.98 -28.36 -29.37
C SER A 203 14.97 -29.59 -28.48
N GLY A 204 13.83 -30.27 -28.42
CA GLY A 204 13.71 -31.43 -27.51
C GLY A 204 12.37 -31.43 -26.81
N ASN A 205 12.28 -32.14 -25.69
CA ASN A 205 11.04 -32.21 -24.90
C ASN A 205 11.15 -31.17 -23.80
N THR A 206 10.26 -30.20 -23.78
CA THR A 206 10.41 -29.08 -22.83
C THR A 206 9.25 -29.05 -21.81
N PHE A 207 9.54 -28.68 -20.57
CA PHE A 207 8.51 -28.59 -19.51
C PHE A 207 8.35 -27.14 -19.05
N ILE A 208 7.13 -26.72 -18.70
CA ILE A 208 6.88 -25.29 -18.35
C ILE A 208 6.42 -25.14 -16.88
N ALA A 209 6.75 -24.00 -16.26
CA ALA A 209 6.48 -23.74 -14.82
C ALA A 209 5.01 -23.73 -14.48
N ASP A 210 4.67 -23.32 -13.26
CA ASP A 210 3.24 -23.40 -12.87
C ASP A 210 2.44 -22.81 -14.01
N THR A 211 1.61 -23.62 -14.63
CA THR A 211 0.83 -23.16 -15.80
C THR A 211 -0.63 -23.01 -15.39
N TYR A 212 -0.98 -23.45 -14.18
CA TYR A 212 -2.42 -23.45 -13.82
C TYR A 212 -2.69 -23.20 -12.33
N VAL A 213 -1.68 -23.22 -11.45
CA VAL A 213 -2.00 -23.13 -9.99
C VAL A 213 -1.76 -21.74 -9.40
N ASN A 214 -0.57 -21.18 -9.54
CA ASN A 214 -0.23 -19.88 -8.89
C ASN A 214 -0.08 -18.80 -9.95
N ASP A 215 -0.80 -17.68 -9.79
CA ASP A 215 -0.82 -16.60 -10.81
C ASP A 215 0.50 -15.83 -10.80
N GLU A 216 0.89 -15.31 -9.64
CA GLU A 216 2.18 -14.62 -9.53
C GLU A 216 2.90 -15.18 -8.31
N PRO A 217 3.57 -16.34 -8.44
CA PRO A 217 4.26 -16.94 -7.33
C PRO A 217 5.38 -16.04 -6.82
N ASP A 218 5.77 -16.23 -5.56
CA ASP A 218 6.87 -15.43 -4.97
C ASP A 218 8.19 -16.18 -5.19
N ALA A 219 9.29 -15.60 -4.74
CA ALA A 219 10.61 -16.22 -4.98
C ALA A 219 10.64 -17.60 -4.33
N GLU A 220 10.12 -17.69 -3.11
CA GLU A 220 10.20 -18.97 -2.37
C GLU A 220 9.26 -19.99 -3.02
N GLU A 221 8.11 -19.52 -3.44
CA GLU A 221 7.13 -20.41 -4.10
C GLU A 221 7.74 -20.92 -5.40
N LEU A 222 8.37 -20.04 -6.18
CA LEU A 222 9.01 -20.43 -7.46
C LEU A 222 10.14 -21.41 -7.18
N ALA A 223 10.87 -21.21 -6.08
CA ALA A 223 11.98 -22.11 -5.74
C ALA A 223 11.44 -23.52 -5.50
N GLU A 224 10.32 -23.63 -4.78
CA GLU A 224 9.77 -24.96 -4.46
C GLU A 224 9.29 -25.60 -5.76
N ILE A 225 8.65 -24.83 -6.62
CA ILE A 225 8.13 -25.34 -7.90
C ILE A 225 9.31 -25.82 -8.73
N THR A 226 10.41 -25.09 -8.68
CA THR A 226 11.60 -25.46 -9.49
C THR A 226 12.09 -26.82 -9.03
N LEU A 227 12.23 -27.01 -7.72
CA LEU A 227 12.72 -28.29 -7.18
C LEU A 227 11.73 -29.41 -7.52
N MET A 228 10.45 -29.15 -7.37
CA MET A 228 9.42 -30.19 -7.64
C MET A 228 9.43 -30.53 -9.13
N ALA A 229 9.57 -29.53 -9.99
CA ALA A 229 9.65 -29.78 -11.45
C ALA A 229 10.89 -30.61 -11.75
N ALA A 230 12.03 -30.29 -11.14
CA ALA A 230 13.29 -31.01 -11.43
C ALA A 230 13.18 -32.44 -10.92
N GLU A 231 12.62 -32.60 -9.72
CA GLU A 231 12.48 -33.94 -9.12
C GLU A 231 11.56 -34.77 -10.01
N THR A 232 10.50 -34.15 -10.52
CA THR A 232 9.52 -34.86 -11.38
C THR A 232 10.25 -35.36 -12.62
N VAL A 233 11.06 -34.50 -13.25
CA VAL A 233 11.75 -34.88 -14.51
C VAL A 233 12.79 -35.98 -14.27
N ARG A 234 13.51 -35.91 -13.17
CA ARG A 234 14.48 -37.00 -12.86
C ARG A 234 13.70 -38.30 -12.77
N ARG A 235 12.48 -38.25 -12.27
CA ARG A 235 11.67 -39.49 -12.09
C ARG A 235 11.16 -39.97 -13.45
N PHE A 236 11.26 -39.15 -14.49
CA PHE A 236 10.84 -39.55 -15.86
C PHE A 236 12.05 -40.15 -16.57
N GLY A 237 13.21 -40.17 -15.94
CA GLY A 237 14.46 -40.76 -16.46
C GLY A 237 15.38 -39.72 -17.08
N ILE A 238 14.92 -38.46 -17.21
CA ILE A 238 15.63 -37.36 -17.93
C ILE A 238 16.46 -36.56 -16.93
N GLU A 239 17.63 -36.04 -17.37
CA GLU A 239 18.48 -35.12 -16.59
C GLU A 239 17.81 -33.74 -16.57
N PRO A 240 17.57 -33.16 -15.38
CA PRO A 240 16.99 -31.83 -15.27
C PRO A 240 17.96 -30.70 -15.68
N ARG A 241 17.59 -29.92 -16.69
CA ARG A 241 18.38 -28.76 -17.18
C ARG A 241 17.45 -27.54 -17.18
N VAL A 242 17.50 -26.76 -16.09
CA VAL A 242 16.47 -25.75 -15.71
C VAL A 242 16.92 -24.35 -16.15
N ALA A 243 15.98 -23.56 -16.66
CA ALA A 243 16.17 -22.13 -17.02
C ALA A 243 15.04 -21.30 -16.40
N LEU A 244 15.39 -20.29 -15.61
CA LEU A 244 14.44 -19.31 -15.03
C LEU A 244 14.29 -18.14 -16.02
N LEU A 245 13.11 -18.04 -16.61
CA LEU A 245 12.92 -17.07 -17.72
C LEU A 245 12.45 -15.68 -17.29
N SER A 246 12.82 -14.69 -18.09
CA SER A 246 12.44 -13.27 -17.91
C SER A 246 12.73 -12.50 -19.21
N HIS A 247 12.35 -11.22 -19.27
CA HIS A 247 12.71 -10.35 -20.40
C HIS A 247 14.08 -9.81 -20.06
N SER A 248 14.40 -9.73 -18.77
CA SER A 248 15.76 -9.39 -18.27
C SER A 248 16.74 -10.49 -18.71
N ASN A 249 17.81 -10.10 -19.41
CA ASN A 249 18.92 -11.02 -19.82
C ASN A 249 20.07 -10.86 -18.83
N PHE A 250 20.08 -11.71 -17.79
CA PHE A 250 21.16 -11.80 -16.77
C PHE A 250 21.41 -10.42 -16.15
N GLY A 251 20.35 -9.76 -15.68
CA GLY A 251 20.40 -8.54 -14.83
C GLY A 251 20.15 -7.25 -15.60
N SER A 252 19.60 -7.33 -16.81
CA SER A 252 19.44 -6.17 -17.74
C SER A 252 18.20 -5.34 -17.38
N SER A 253 17.37 -5.80 -16.44
CA SER A 253 16.16 -5.10 -15.93
C SER A 253 16.03 -5.28 -14.42
N ASP A 254 15.44 -4.31 -13.73
CA ASP A 254 15.30 -4.26 -12.26
C ASP A 254 13.82 -4.27 -11.84
N CYS A 255 12.90 -4.62 -12.76
CA CYS A 255 11.46 -4.79 -12.45
C CYS A 255 11.29 -5.86 -11.38
N PRO A 256 10.23 -5.83 -10.55
CA PRO A 256 10.12 -6.82 -9.47
C PRO A 256 10.17 -8.27 -9.97
N SER A 257 9.66 -8.55 -11.17
CA SER A 257 9.63 -9.93 -11.72
C SER A 257 11.04 -10.47 -11.92
N SER A 258 11.85 -9.76 -12.69
CA SER A 258 13.25 -10.17 -12.92
C SER A 258 13.98 -10.30 -11.58
N SER A 259 13.59 -9.46 -10.63
CA SER A 259 14.28 -9.42 -9.30
C SER A 259 13.92 -10.66 -8.49
N LYS A 260 12.67 -11.12 -8.63
CA LYS A 260 12.11 -12.31 -7.91
C LYS A 260 12.72 -13.59 -8.50
N MET A 261 12.91 -13.63 -9.82
CA MET A 261 13.52 -14.79 -10.52
C MET A 261 14.96 -14.97 -10.03
N ARG A 262 15.71 -13.87 -9.86
CA ARG A 262 17.13 -13.88 -9.39
C ARG A 262 17.18 -14.41 -7.95
N GLN A 263 16.24 -14.00 -7.09
CA GLN A 263 16.15 -14.46 -5.67
C GLN A 263 15.82 -15.96 -5.65
N ALA A 264 14.91 -16.40 -6.52
CA ALA A 264 14.46 -17.81 -6.68
C ALA A 264 15.68 -18.70 -6.94
N LEU A 265 16.57 -18.28 -7.84
CA LEU A 265 17.77 -19.03 -8.30
C LEU A 265 18.70 -19.32 -7.12
N GLU A 266 18.94 -18.34 -6.25
CA GLU A 266 19.89 -18.58 -5.14
C GLU A 266 19.28 -19.59 -4.18
N LEU A 267 17.99 -19.43 -3.89
CA LEU A 267 17.27 -20.36 -2.97
C LEU A 267 17.42 -21.79 -3.50
N VAL A 268 17.27 -21.98 -4.81
CA VAL A 268 17.41 -23.30 -5.49
C VAL A 268 18.87 -23.78 -5.38
N ARG A 269 19.84 -22.88 -5.56
CA ARG A 269 21.29 -23.22 -5.51
C ARG A 269 21.67 -23.64 -4.08
N GLU A 270 21.06 -23.05 -3.05
CA GLU A 270 21.29 -23.39 -1.61
C GLU A 270 20.77 -24.79 -1.30
N ARG A 271 19.62 -25.17 -1.89
CA ARG A 271 18.85 -26.40 -1.54
C ARG A 271 19.18 -27.54 -2.50
N ALA A 272 19.59 -27.23 -3.73
CA ALA A 272 19.95 -28.22 -4.78
C ALA A 272 21.25 -27.78 -5.45
N PRO A 273 22.40 -27.87 -4.73
CA PRO A 273 23.68 -27.40 -5.28
C PRO A 273 24.25 -28.28 -6.42
N GLU A 274 23.54 -29.35 -6.80
CA GLU A 274 24.04 -30.29 -7.84
C GLU A 274 23.12 -30.24 -9.05
N LEU A 275 22.05 -29.47 -8.96
CA LEU A 275 21.06 -29.31 -10.06
C LEU A 275 21.57 -28.33 -11.11
N MET A 276 21.60 -28.75 -12.38
CA MET A 276 21.88 -27.86 -13.53
C MET A 276 20.75 -26.83 -13.64
N ILE A 277 21.05 -25.57 -13.33
CA ILE A 277 20.09 -24.43 -13.40
C ILE A 277 20.87 -23.14 -13.62
N ASP A 278 20.30 -22.19 -14.37
CA ASP A 278 20.87 -20.82 -14.52
C ASP A 278 19.75 -19.84 -14.92
N GLY A 279 20.02 -18.54 -14.77
CA GLY A 279 19.09 -17.44 -15.11
C GLY A 279 19.43 -16.16 -14.36
N GLU A 280 18.52 -15.18 -14.40
CA GLU A 280 17.36 -15.19 -15.29
C GLU A 280 17.85 -14.91 -16.71
N MET A 281 17.16 -15.41 -17.73
CA MET A 281 17.57 -15.26 -19.16
C MET A 281 16.34 -15.21 -20.08
N HIS A 282 16.55 -14.71 -21.31
CA HIS A 282 15.58 -14.72 -22.43
C HIS A 282 15.20 -16.17 -22.76
N GLY A 283 14.00 -16.38 -23.29
CA GLY A 283 13.53 -17.70 -23.77
C GLY A 283 14.50 -18.30 -24.77
N ASP A 284 14.92 -17.50 -25.77
CA ASP A 284 15.75 -17.96 -26.92
C ASP A 284 17.06 -18.56 -26.38
N ALA A 285 17.60 -17.99 -25.31
CA ALA A 285 18.89 -18.40 -24.68
C ALA A 285 18.71 -19.74 -23.95
N ALA A 286 17.53 -20.00 -23.40
CA ALA A 286 17.21 -21.24 -22.67
C ALA A 286 17.30 -22.44 -23.62
N LEU A 287 16.80 -22.28 -24.85
CA LEU A 287 16.61 -23.37 -25.84
C LEU A 287 17.82 -23.52 -26.77
N VAL A 288 18.53 -22.42 -27.07
CA VAL A 288 19.65 -22.37 -28.06
C VAL A 288 20.97 -22.06 -27.33
N GLU A 289 21.82 -23.08 -27.12
CA GLU A 289 23.12 -22.96 -26.43
C GLU A 289 23.96 -21.84 -27.06
N ALA A 290 23.94 -21.73 -28.39
CA ALA A 290 24.73 -20.74 -29.18
C ALA A 290 24.41 -19.32 -28.71
N ILE A 291 23.13 -18.98 -28.62
CA ILE A 291 22.64 -17.62 -28.22
C ILE A 291 23.07 -17.34 -26.77
N ARG A 292 23.15 -18.39 -25.95
CA ARG A 292 23.49 -18.28 -24.50
C ARG A 292 25.01 -18.14 -24.32
N ASN A 293 25.82 -18.70 -25.21
CA ASN A 293 27.29 -18.65 -25.03
C ASN A 293 27.77 -17.25 -25.36
N ASP A 294 27.05 -16.54 -26.22
CA ASP A 294 27.43 -15.16 -26.59
C ASP A 294 27.13 -14.24 -25.41
N ARG A 295 26.22 -14.64 -24.53
CA ARG A 295 25.82 -13.76 -23.40
C ARG A 295 26.50 -14.23 -22.12
N MET A 296 26.54 -15.54 -21.88
CA MET A 296 27.14 -16.07 -20.64
C MET A 296 27.98 -17.28 -20.99
N PRO A 297 29.18 -17.10 -21.57
CA PRO A 297 29.99 -18.24 -22.00
C PRO A 297 30.14 -19.32 -20.92
N ASP A 298 30.25 -18.91 -19.64
CA ASP A 298 30.45 -19.82 -18.49
C ASP A 298 29.14 -20.00 -17.71
N SER A 299 28.00 -20.04 -18.41
CA SER A 299 26.68 -20.44 -17.86
C SER A 299 26.72 -21.92 -17.47
N SER A 300 26.45 -22.25 -16.20
CA SER A 300 26.48 -23.65 -15.69
C SER A 300 25.36 -24.48 -16.33
N LEU A 301 24.43 -23.83 -17.05
CA LEU A 301 23.41 -24.49 -17.91
C LEU A 301 24.06 -24.92 -19.23
N LYS A 302 24.18 -26.22 -19.47
CA LYS A 302 24.79 -26.83 -20.68
C LYS A 302 23.69 -27.36 -21.60
N GLY A 303 23.82 -27.08 -22.91
CA GLY A 303 22.93 -27.60 -23.96
C GLY A 303 21.68 -26.76 -24.10
N SER A 304 20.50 -27.41 -24.18
CA SER A 304 19.20 -26.72 -24.33
C SER A 304 18.26 -27.11 -23.20
N ALA A 305 17.86 -26.17 -22.34
CA ALA A 305 17.04 -26.48 -21.15
C ALA A 305 15.78 -27.28 -21.48
N ASN A 306 15.44 -28.23 -20.61
CA ASN A 306 14.24 -29.10 -20.80
C ASN A 306 13.14 -28.61 -19.86
N ILE A 307 13.51 -27.85 -18.84
CA ILE A 307 12.53 -27.28 -17.85
C ILE A 307 12.61 -25.76 -17.93
N LEU A 308 11.47 -25.09 -18.13
CA LEU A 308 11.34 -23.61 -18.24
C LEU A 308 10.41 -23.10 -17.13
N VAL A 309 10.99 -22.44 -16.11
CA VAL A 309 10.24 -21.85 -14.96
C VAL A 309 9.90 -20.40 -15.30
N MET A 310 8.61 -20.06 -15.25
CA MET A 310 8.14 -18.72 -15.66
C MET A 310 7.81 -17.86 -14.45
N PRO A 311 7.82 -16.52 -14.59
CA PRO A 311 7.64 -15.61 -13.46
C PRO A 311 6.17 -15.43 -13.02
N ASN A 312 5.23 -15.62 -13.95
CA ASN A 312 3.77 -15.49 -13.70
C ASN A 312 3.01 -16.48 -14.60
N MET A 313 1.77 -16.79 -14.26
CA MET A 313 0.97 -17.80 -15.02
C MET A 313 0.59 -17.27 -16.39
N GLU A 314 0.47 -15.95 -16.56
CA GLU A 314 0.04 -15.39 -17.86
C GLU A 314 1.10 -15.73 -18.89
N ALA A 315 2.37 -15.56 -18.53
CA ALA A 315 3.50 -15.87 -19.43
C ALA A 315 3.60 -17.36 -19.67
N ALA A 316 3.28 -18.16 -18.66
CA ALA A 316 3.42 -19.62 -18.78
C ALA A 316 2.31 -20.20 -19.66
N ARG A 317 1.06 -19.89 -19.38
CA ARG A 317 -0.03 -20.52 -20.16
C ARG A 317 -0.02 -19.99 -21.59
N ILE A 318 0.17 -18.69 -21.77
CA ILE A 318 0.14 -18.13 -23.15
C ILE A 318 1.28 -18.74 -23.95
N SER A 319 2.47 -18.79 -23.36
CA SER A 319 3.59 -19.45 -24.05
C SER A 319 3.18 -20.90 -24.33
N TYR A 320 2.84 -21.64 -23.28
CA TYR A 320 2.45 -23.07 -23.45
C TYR A 320 1.39 -23.18 -24.55
N ASN A 321 0.36 -22.34 -24.51
CA ASN A 321 -0.79 -22.37 -25.46
C ASN A 321 -0.31 -22.13 -26.89
N LEU A 322 0.44 -21.04 -27.11
CA LEU A 322 0.91 -20.61 -28.46
C LEU A 322 1.87 -21.66 -29.03
N LEU A 323 2.79 -22.17 -28.20
CA LEU A 323 3.77 -23.23 -28.57
C LEU A 323 3.01 -24.49 -28.99
N ARG A 324 2.10 -24.97 -28.15
CA ARG A 324 1.37 -26.24 -28.44
C ARG A 324 0.74 -26.20 -29.82
N VAL A 325 -0.04 -25.16 -30.12
CA VAL A 325 -0.80 -25.12 -31.40
C VAL A 325 0.13 -24.75 -32.57
N SER A 326 1.40 -24.48 -32.29
CA SER A 326 2.27 -23.99 -33.38
C SER A 326 3.61 -24.70 -33.43
N SER A 327 4.37 -24.66 -32.34
CA SER A 327 5.76 -25.19 -32.40
C SER A 327 5.88 -26.61 -31.84
N SER A 328 4.78 -27.25 -31.44
CA SER A 328 4.91 -28.59 -30.79
C SER A 328 4.49 -29.68 -31.76
N GLU A 329 4.81 -30.92 -31.41
CA GLU A 329 4.47 -32.06 -32.30
C GLU A 329 4.11 -33.25 -31.41
N GLY A 330 3.00 -33.16 -30.67
CA GLY A 330 2.56 -34.31 -29.86
C GLY A 330 2.95 -34.20 -28.41
N VAL A 331 2.05 -33.66 -27.57
CA VAL A 331 2.32 -33.58 -26.10
C VAL A 331 2.26 -35.00 -25.54
N THR A 332 2.78 -35.21 -24.34
CA THR A 332 2.76 -36.54 -23.71
C THR A 332 2.08 -36.46 -22.35
N VAL A 333 2.58 -35.57 -21.48
CA VAL A 333 2.00 -35.42 -20.13
C VAL A 333 1.55 -33.97 -19.94
N GLY A 334 0.71 -33.71 -18.94
CA GLY A 334 0.28 -32.33 -18.65
C GLY A 334 -1.23 -32.24 -18.57
N PRO A 335 -1.80 -31.42 -17.65
CA PRO A 335 -1.04 -30.73 -16.62
C PRO A 335 -0.57 -31.63 -15.46
N VAL A 336 0.73 -31.64 -15.20
CA VAL A 336 1.29 -32.46 -14.09
C VAL A 336 1.25 -31.64 -12.81
N LEU A 337 0.45 -32.07 -11.85
CA LEU A 337 0.26 -31.40 -10.55
C LEU A 337 1.31 -31.96 -9.57
N MET A 338 2.11 -31.07 -8.98
CA MET A 338 3.20 -31.42 -8.03
C MET A 338 2.91 -30.76 -6.67
N GLY A 339 3.05 -31.50 -5.57
CA GLY A 339 3.11 -30.97 -4.20
C GLY A 339 1.90 -31.36 -3.35
N VAL A 340 0.85 -31.86 -3.98
CA VAL A 340 -0.38 -32.37 -3.28
C VAL A 340 0.00 -33.67 -2.57
N ALA A 341 -0.66 -34.00 -1.47
CA ALA A 341 -0.24 -35.16 -0.63
C ALA A 341 -0.79 -36.48 -1.15
N LYS A 342 -1.61 -36.47 -2.20
CA LYS A 342 -2.06 -37.75 -2.77
C LYS A 342 -1.76 -37.75 -4.27
N PRO A 343 -1.64 -38.93 -4.90
CA PRO A 343 -1.39 -39.01 -6.34
C PRO A 343 -2.61 -38.56 -7.15
N VAL A 344 -2.62 -37.29 -7.57
CA VAL A 344 -3.82 -36.73 -8.26
C VAL A 344 -3.37 -35.73 -9.33
N HIS A 345 -4.13 -35.59 -10.41
CA HIS A 345 -3.82 -34.63 -11.50
C HIS A 345 -5.12 -34.02 -12.02
N VAL A 346 -5.14 -32.71 -12.22
CA VAL A 346 -6.34 -32.07 -12.80
C VAL A 346 -5.99 -31.79 -14.26
N LEU A 347 -6.91 -32.10 -15.17
CA LEU A 347 -6.64 -31.94 -16.61
C LEU A 347 -7.49 -30.78 -17.15
N THR A 348 -7.65 -30.72 -18.46
CA THR A 348 -8.39 -29.61 -19.09
C THR A 348 -9.46 -30.18 -20.02
N PRO A 349 -10.51 -29.42 -20.38
CA PRO A 349 -11.58 -29.97 -21.22
C PRO A 349 -11.11 -30.54 -22.57
N ILE A 350 -9.99 -30.04 -23.09
CA ILE A 350 -9.49 -30.43 -24.44
C ILE A 350 -8.58 -31.66 -24.34
N ALA A 351 -8.37 -32.17 -23.14
CA ALA A 351 -7.52 -33.36 -22.89
C ALA A 351 -8.00 -34.52 -23.78
N SER A 352 -7.09 -35.08 -24.59
CA SER A 352 -7.35 -36.18 -25.54
C SER A 352 -7.32 -37.52 -24.80
N VAL A 353 -7.85 -38.59 -25.42
CA VAL A 353 -7.90 -39.96 -24.86
C VAL A 353 -6.47 -40.41 -24.50
N ARG A 354 -5.49 -40.12 -25.35
CA ARG A 354 -4.05 -40.45 -25.10
C ARG A 354 -3.58 -39.75 -23.82
N ARG A 355 -3.98 -38.50 -23.59
CA ARG A 355 -3.48 -37.77 -22.40
C ARG A 355 -4.06 -38.41 -21.14
N ILE A 356 -5.35 -38.69 -21.15
CA ILE A 356 -6.03 -39.28 -19.96
C ILE A 356 -5.31 -40.59 -19.60
N VAL A 357 -5.12 -41.47 -20.59
CA VAL A 357 -4.39 -42.77 -20.45
C VAL A 357 -3.02 -42.49 -19.82
N ASN A 358 -2.21 -41.64 -20.46
CA ASN A 358 -0.82 -41.31 -20.03
C ASN A 358 -0.83 -40.78 -18.58
N MET A 359 -1.74 -39.87 -18.25
CA MET A 359 -1.81 -39.22 -16.91
C MET A 359 -2.25 -40.25 -15.86
N VAL A 360 -3.16 -41.17 -16.20
CA VAL A 360 -3.57 -42.31 -15.32
C VAL A 360 -2.33 -43.17 -15.07
N ALA A 361 -1.64 -43.59 -16.13
CA ALA A 361 -0.39 -44.39 -16.08
C ALA A 361 0.58 -43.75 -15.09
N LEU A 362 0.89 -42.47 -15.29
CA LEU A 362 1.80 -41.66 -14.42
C LEU A 362 1.33 -41.74 -12.95
N ALA A 363 0.02 -41.53 -12.71
CA ALA A 363 -0.60 -41.49 -11.36
C ALA A 363 -0.49 -42.84 -10.65
N VAL A 364 -0.44 -43.93 -11.40
CA VAL A 364 -0.31 -45.32 -10.86
C VAL A 364 1.11 -45.48 -10.30
N VAL A 365 2.12 -45.09 -11.07
CA VAL A 365 3.57 -45.09 -10.67
C VAL A 365 3.74 -44.16 -9.46
N GLU A 366 2.97 -43.08 -9.44
CA GLU A 366 2.93 -42.06 -8.35
C GLU A 366 2.47 -42.75 -7.06
N ALA A 367 1.44 -43.60 -7.18
CA ALA A 367 0.77 -44.29 -6.04
C ALA A 367 1.64 -45.47 -5.57
N GLN A 368 2.60 -45.92 -6.39
CA GLN A 368 3.51 -47.04 -6.06
C GLN A 368 4.65 -46.56 -5.15
N THR A 369 4.95 -45.26 -5.17
CA THR A 369 6.12 -44.65 -4.48
C THR A 369 5.64 -43.53 -3.54
N GLN A 370 5.73 -42.28 -3.99
CA GLN A 370 5.26 -41.14 -3.19
C GLN A 370 4.76 -40.06 -4.15
N PRO A 371 3.71 -39.29 -3.80
CA PRO A 371 3.12 -38.31 -4.71
C PRO A 371 4.16 -37.31 -5.24
N LEU A 372 4.00 -36.89 -6.49
CA LEU A 372 4.96 -35.94 -7.11
C LEU A 372 4.75 -34.54 -6.51
N LEU B 42 6.58 -13.06 -49.58
CA LEU B 42 7.26 -11.89 -48.97
C LEU B 42 6.28 -10.71 -48.87
N PHE B 43 5.92 -10.31 -47.65
CA PHE B 43 5.01 -9.16 -47.47
C PHE B 43 5.83 -7.88 -47.46
N MET B 44 7.14 -8.02 -47.60
CA MET B 44 8.05 -6.84 -47.56
C MET B 44 8.06 -6.18 -48.94
N LYS B 45 7.97 -6.99 -50.00
CA LYS B 45 7.99 -6.46 -51.38
C LYS B 45 7.16 -5.18 -51.47
N PRO B 46 5.86 -5.17 -51.15
CA PRO B 46 5.10 -3.92 -51.16
C PRO B 46 5.83 -2.75 -50.50
N ILE B 47 6.55 -3.01 -49.39
CA ILE B 47 7.32 -2.01 -48.61
C ILE B 47 8.53 -1.56 -49.44
N PHE B 48 9.33 -2.51 -49.92
CA PHE B 48 10.55 -2.17 -50.70
C PHE B 48 10.16 -1.34 -51.92
N SER B 49 9.15 -1.78 -52.67
CA SER B 49 8.69 -1.08 -53.91
C SER B 49 8.28 0.35 -53.58
N GLN B 50 7.53 0.56 -52.49
CA GLN B 50 7.02 1.88 -52.06
C GLN B 50 8.18 2.77 -51.62
N ALA B 51 9.15 2.20 -50.91
CA ALA B 51 10.42 2.86 -50.55
C ALA B 51 11.13 3.33 -51.82
N ARG B 52 11.35 2.40 -52.76
CA ARG B 52 12.18 2.59 -53.99
C ARG B 52 11.71 3.81 -54.79
N LYS B 53 10.39 4.08 -54.79
CA LYS B 53 9.75 5.16 -55.58
C LYS B 53 10.18 6.54 -55.07
N ALA B 54 10.28 6.72 -53.74
CA ALA B 54 10.69 7.98 -53.09
C ALA B 54 11.58 7.68 -51.88
N PRO B 55 12.87 7.33 -52.08
CA PRO B 55 13.77 7.01 -50.97
C PRO B 55 14.08 8.22 -50.09
N LYS B 56 14.16 8.01 -48.77
CA LYS B 56 14.36 9.07 -47.74
C LYS B 56 15.67 8.80 -46.99
N ARG B 57 16.18 9.83 -46.29
CA ARG B 57 17.46 9.78 -45.53
C ARG B 57 17.23 9.10 -44.18
N VAL B 58 17.98 8.03 -43.90
CA VAL B 58 17.89 7.21 -42.66
C VAL B 58 19.25 7.23 -41.95
N VAL B 59 19.24 7.57 -40.66
CA VAL B 59 20.48 7.59 -39.85
C VAL B 59 20.70 6.22 -39.23
N LEU B 60 21.92 5.70 -39.34
CA LEU B 60 22.33 4.42 -38.71
C LEU B 60 23.44 4.70 -37.71
N PRO B 61 23.08 4.95 -36.42
CA PRO B 61 24.05 5.41 -35.43
C PRO B 61 25.24 4.48 -35.16
N GLU B 62 25.10 3.19 -35.45
CA GLU B 62 26.16 2.16 -35.24
C GLU B 62 26.91 1.97 -36.57
N GLY B 63 27.52 3.04 -37.08
CA GLY B 63 28.13 3.09 -38.42
C GLY B 63 29.26 2.11 -38.60
N GLU B 64 29.94 1.76 -37.50
CA GLU B 64 31.17 0.92 -37.50
C GLU B 64 30.81 -0.57 -37.44
N GLU B 65 29.54 -0.91 -37.18
CA GLU B 65 29.08 -2.33 -37.02
C GLU B 65 29.12 -3.04 -38.38
N ALA B 66 29.72 -4.22 -38.41
CA ALA B 66 29.83 -5.10 -39.59
C ALA B 66 28.45 -5.20 -40.28
N ARG B 67 27.41 -5.46 -39.49
CA ARG B 67 26.04 -5.78 -39.98
C ARG B 67 25.45 -4.54 -40.66
N VAL B 68 25.68 -3.35 -40.08
CA VAL B 68 25.12 -2.06 -40.56
C VAL B 68 25.75 -1.71 -41.92
N LEU B 69 27.02 -2.05 -42.11
CA LEU B 69 27.75 -1.79 -43.39
C LEU B 69 27.23 -2.76 -44.48
N HIS B 70 27.12 -4.06 -44.17
CA HIS B 70 26.52 -5.09 -45.05
C HIS B 70 25.14 -4.61 -45.52
N ALA B 71 24.35 -4.03 -44.60
CA ALA B 71 22.97 -3.56 -44.84
C ALA B 71 22.98 -2.31 -45.73
N THR B 72 23.83 -1.34 -45.39
CA THR B 72 24.04 -0.08 -46.16
C THR B 72 24.26 -0.41 -47.64
N GLN B 73 25.13 -1.38 -47.94
CA GLN B 73 25.38 -1.78 -49.35
C GLN B 73 24.11 -2.34 -49.99
N GLU B 74 23.39 -3.19 -49.27
CA GLU B 74 22.18 -3.86 -49.84
C GLU B 74 21.06 -2.81 -50.03
N LEU B 75 20.99 -1.82 -49.13
CA LEU B 75 20.01 -0.69 -49.22
C LEU B 75 20.28 0.15 -50.47
N VAL B 76 21.56 0.48 -50.73
CA VAL B 76 22.00 1.36 -51.85
C VAL B 76 21.85 0.60 -53.18
N THR B 77 22.15 -0.69 -53.21
CA THR B 77 21.99 -1.50 -54.44
C THR B 77 20.53 -1.50 -54.88
N LEU B 78 19.61 -1.72 -53.95
CA LEU B 78 18.15 -1.82 -54.23
C LEU B 78 17.51 -0.42 -54.28
N GLY B 79 18.27 0.64 -53.95
CA GLY B 79 17.81 2.03 -53.99
C GLY B 79 16.62 2.28 -53.08
N LEU B 80 16.67 1.72 -51.86
CA LEU B 80 15.57 1.78 -50.86
C LEU B 80 15.68 3.06 -50.03
N ALA B 81 16.89 3.41 -49.58
CA ALA B 81 17.16 4.54 -48.65
C ALA B 81 18.50 5.22 -49.00
N LYS B 82 18.63 6.49 -48.60
CA LYS B 82 19.92 7.22 -48.71
C LYS B 82 20.51 7.16 -47.29
N PRO B 83 21.51 6.29 -47.05
CA PRO B 83 22.00 6.08 -45.71
C PRO B 83 23.00 7.08 -45.12
N ILE B 84 22.82 7.41 -43.85
CA ILE B 84 23.81 8.24 -43.09
C ILE B 84 24.35 7.39 -41.94
N LEU B 85 25.66 7.17 -41.93
CA LEU B 85 26.29 6.37 -40.85
C LEU B 85 27.01 7.31 -39.88
N ILE B 86 27.02 6.96 -38.60
CA ILE B 86 27.70 7.75 -37.53
C ILE B 86 28.83 6.89 -36.97
N GLY B 87 30.00 7.50 -36.76
CA GLY B 87 31.23 6.81 -36.33
C GLY B 87 32.46 7.45 -36.95
N ARG B 88 33.63 6.88 -36.70
CA ARG B 88 34.94 7.38 -37.20
C ARG B 88 35.06 7.04 -38.69
N PRO B 89 35.24 8.05 -39.58
CA PRO B 89 35.21 7.81 -41.02
C PRO B 89 36.28 6.81 -41.48
N ASN B 90 37.47 6.87 -40.87
CA ASN B 90 38.62 5.96 -41.16
C ASN B 90 38.24 4.53 -40.80
N VAL B 91 37.65 4.31 -39.61
CA VAL B 91 37.23 2.98 -39.08
C VAL B 91 36.14 2.39 -39.99
N ILE B 92 35.22 3.22 -40.48
CA ILE B 92 34.11 2.79 -41.39
C ILE B 92 34.73 2.38 -42.73
N GLU B 93 35.62 3.20 -43.29
CA GLU B 93 36.25 3.00 -44.63
C GLU B 93 37.23 1.82 -44.57
N MET B 94 37.92 1.64 -43.44
CA MET B 94 38.84 0.49 -43.18
C MET B 94 38.03 -0.81 -43.22
N ARG B 95 36.88 -0.85 -42.54
CA ARG B 95 36.05 -2.08 -42.36
C ARG B 95 35.25 -2.39 -43.62
N ILE B 96 34.82 -1.36 -44.36
CA ILE B 96 34.21 -1.52 -45.71
C ILE B 96 35.18 -2.32 -46.59
N GLN B 97 36.48 -2.05 -46.46
CA GLN B 97 37.49 -2.79 -47.23
C GLN B 97 37.59 -4.24 -46.74
N LYS B 98 37.88 -4.44 -45.46
CA LYS B 98 38.11 -5.80 -44.92
C LYS B 98 36.91 -6.70 -45.18
N LEU B 99 35.74 -6.11 -45.41
CA LEU B 99 34.52 -6.93 -45.60
C LEU B 99 34.24 -7.06 -47.09
N GLY B 100 35.11 -6.49 -47.92
CA GLY B 100 34.95 -6.57 -49.39
C GLY B 100 33.69 -5.89 -49.84
N LEU B 101 33.59 -4.59 -49.64
CA LEU B 101 32.34 -3.87 -49.95
C LEU B 101 32.60 -2.80 -51.01
N GLN B 102 31.55 -2.40 -51.75
CA GLN B 102 31.74 -1.48 -52.89
C GLN B 102 31.29 -0.08 -52.54
N ILE B 103 30.39 0.05 -51.57
CA ILE B 103 29.85 1.38 -51.19
C ILE B 103 31.01 2.30 -50.86
N LYS B 104 30.92 3.55 -51.31
CA LYS B 104 31.98 4.54 -50.98
C LYS B 104 31.32 5.80 -50.42
N ALA B 105 32.00 6.47 -49.50
CA ALA B 105 31.40 7.64 -48.81
C ALA B 105 31.19 8.80 -49.78
N GLY B 106 30.36 9.76 -49.38
CA GLY B 106 30.14 10.96 -50.20
C GLY B 106 29.70 10.61 -51.59
N VAL B 107 29.41 9.34 -51.82
CA VAL B 107 28.97 8.89 -53.17
C VAL B 107 27.72 8.03 -52.99
N ASP B 108 27.84 6.98 -52.17
CA ASP B 108 26.69 6.08 -51.94
C ASP B 108 26.07 6.43 -50.60
N PHE B 109 26.88 6.86 -49.64
CA PHE B 109 26.38 7.17 -48.28
C PHE B 109 27.16 8.33 -47.67
N GLU B 110 26.56 8.97 -46.68
CA GLU B 110 27.23 10.08 -45.97
C GLU B 110 27.71 9.61 -44.60
N ILE B 111 28.84 10.12 -44.14
CA ILE B 111 29.38 9.81 -42.78
C ILE B 111 29.29 11.09 -41.94
N VAL B 112 28.89 10.94 -40.67
CA VAL B 112 28.88 12.02 -39.66
C VAL B 112 29.92 11.62 -38.59
N ASN B 113 31.04 12.34 -38.54
CA ASN B 113 32.15 12.05 -37.59
C ASN B 113 31.71 12.46 -36.18
N ASN B 114 31.39 11.47 -35.33
CA ASN B 114 30.89 11.65 -33.94
C ASN B 114 31.90 12.45 -33.11
N GLU B 115 33.17 12.54 -33.56
CA GLU B 115 34.29 13.20 -32.83
C GLU B 115 34.57 14.61 -33.40
N SER B 116 34.40 14.80 -34.72
CA SER B 116 34.78 16.05 -35.42
C SER B 116 33.69 16.45 -36.42
N ASP B 117 32.79 17.36 -36.03
CA ASP B 117 31.75 17.91 -36.95
C ASP B 117 31.46 19.35 -36.54
N PRO B 118 31.37 20.32 -37.48
CA PRO B 118 31.12 21.73 -37.17
C PRO B 118 29.76 22.01 -36.49
N ARG B 119 28.77 21.14 -36.73
CA ARG B 119 27.38 21.27 -36.19
C ARG B 119 27.34 20.89 -34.70
N PHE B 120 28.46 20.44 -34.12
CA PHE B 120 28.57 19.97 -32.72
C PHE B 120 27.88 20.96 -31.77
N LYS B 121 28.14 22.26 -31.92
CA LYS B 121 27.62 23.33 -31.02
C LYS B 121 26.09 23.42 -31.13
N GLU B 122 25.54 23.26 -32.33
CA GLU B 122 24.06 23.31 -32.58
C GLU B 122 23.38 22.08 -31.98
N TYR B 123 24.09 20.96 -31.91
CA TYR B 123 23.47 19.69 -31.45
C TYR B 123 23.36 19.65 -29.93
N TRP B 124 24.49 19.74 -29.21
CA TRP B 124 24.44 19.63 -27.73
C TRP B 124 23.53 20.74 -27.18
N THR B 125 23.54 21.91 -27.83
CA THR B 125 22.69 23.08 -27.46
C THR B 125 21.21 22.70 -27.54
N GLU B 126 20.81 21.93 -28.56
CA GLU B 126 19.40 21.51 -28.74
C GLU B 126 19.06 20.41 -27.72
N TYR B 127 19.91 19.39 -27.57
CA TYR B 127 19.74 18.28 -26.59
C TYR B 127 19.65 18.87 -25.18
N PHE B 128 20.39 19.95 -24.91
CA PHE B 128 20.38 20.66 -23.60
C PHE B 128 19.03 21.36 -23.42
N GLN B 129 18.57 22.09 -24.44
CA GLN B 129 17.25 22.78 -24.45
C GLN B 129 16.14 21.79 -24.11
N ILE B 130 16.28 20.54 -24.58
CA ILE B 130 15.27 19.45 -24.38
C ILE B 130 15.42 18.90 -22.96
N MET B 131 16.65 18.65 -22.50
CA MET B 131 16.92 17.83 -21.29
C MET B 131 17.42 18.69 -20.12
N LYS B 132 17.38 20.02 -20.21
CA LYS B 132 17.96 20.93 -19.18
C LYS B 132 17.23 20.73 -17.84
N ARG B 133 15.91 20.46 -17.86
CA ARG B 133 15.08 20.26 -16.64
C ARG B 133 15.00 18.78 -16.28
N ARG B 134 15.71 17.92 -17.02
CA ARG B 134 15.64 16.45 -16.84
C ARG B 134 16.95 15.86 -16.34
N GLY B 135 17.81 16.67 -15.72
CA GLY B 135 19.05 16.20 -15.06
C GLY B 135 20.28 16.26 -15.97
N VAL B 136 20.11 16.66 -17.23
CA VAL B 136 21.24 16.77 -18.20
C VAL B 136 21.80 18.19 -18.12
N THR B 137 23.06 18.32 -17.67
CA THR B 137 23.82 19.60 -17.62
C THR B 137 24.36 19.91 -19.01
N GLN B 138 24.81 21.15 -19.24
CA GLN B 138 25.52 21.58 -20.48
C GLN B 138 26.67 20.61 -20.75
N GLU B 139 27.46 20.30 -19.73
CA GLU B 139 28.68 19.45 -19.82
C GLU B 139 28.27 18.03 -20.21
N GLN B 140 27.25 17.47 -19.56
CA GLN B 140 26.71 16.10 -19.83
C GLN B 140 26.15 16.04 -21.25
N ALA B 141 25.56 17.15 -21.72
CA ALA B 141 24.96 17.28 -23.08
C ALA B 141 26.07 17.28 -24.13
N GLN B 142 27.26 17.79 -23.80
CA GLN B 142 28.44 17.83 -24.69
C GLN B 142 29.01 16.41 -24.84
N ARG B 143 29.19 15.69 -23.72
CA ARG B 143 29.60 14.26 -23.72
C ARG B 143 28.60 13.44 -24.54
N ALA B 144 27.30 13.67 -24.32
CA ALA B 144 26.18 12.96 -24.98
C ALA B 144 26.33 13.03 -26.50
N LEU B 145 26.63 14.22 -27.05
CA LEU B 145 26.66 14.41 -28.53
C LEU B 145 28.00 13.96 -29.11
N ILE B 146 28.87 13.39 -28.28
CA ILE B 146 30.18 12.82 -28.72
C ILE B 146 30.15 11.30 -28.57
N SER B 147 29.77 10.80 -27.39
CA SER B 147 29.90 9.36 -27.02
C SER B 147 28.55 8.62 -27.07
N ASN B 148 27.45 9.29 -27.44
CA ASN B 148 26.12 8.64 -27.62
C ASN B 148 25.63 8.85 -29.05
N PRO B 149 25.86 7.88 -29.96
CA PRO B 149 25.46 8.02 -31.37
C PRO B 149 23.94 8.18 -31.57
N THR B 150 23.14 7.61 -30.68
CA THR B 150 21.65 7.65 -30.74
C THR B 150 21.18 9.10 -30.55
N VAL B 151 21.72 9.82 -29.57
CA VAL B 151 21.39 11.24 -29.30
C VAL B 151 21.70 12.06 -30.56
N ILE B 152 22.91 11.91 -31.10
CA ILE B 152 23.38 12.60 -32.35
C ILE B 152 22.34 12.32 -33.45
N GLY B 153 21.96 11.06 -33.61
CA GLY B 153 21.07 10.57 -34.67
C GLY B 153 19.65 11.06 -34.51
N ALA B 154 19.13 11.14 -33.28
CA ALA B 154 17.78 11.64 -32.97
C ALA B 154 17.71 13.15 -33.22
N ILE B 155 18.70 13.91 -32.75
CA ILE B 155 18.79 15.39 -32.95
C ILE B 155 18.83 15.68 -34.45
N MET B 156 19.52 14.84 -35.23
CA MET B 156 19.57 14.94 -36.72
C MET B 156 18.16 14.88 -37.28
N VAL B 157 17.40 13.83 -36.93
CA VAL B 157 16.03 13.55 -37.45
C VAL B 157 15.13 14.73 -37.06
N GLN B 158 15.25 15.19 -35.81
CA GLN B 158 14.43 16.26 -35.19
C GLN B 158 14.68 17.60 -35.91
N ARG B 159 15.91 17.84 -36.37
CA ARG B 159 16.34 19.09 -37.05
C ARG B 159 16.01 19.02 -38.55
N GLY B 160 15.60 17.85 -39.05
CA GLY B 160 15.23 17.64 -40.47
C GLY B 160 16.44 17.39 -41.36
N GLU B 161 17.63 17.23 -40.77
CA GLU B 161 18.87 16.83 -41.49
C GLU B 161 18.81 15.33 -41.80
N ALA B 162 17.87 14.61 -41.17
CA ALA B 162 17.49 13.22 -41.49
C ALA B 162 15.97 13.06 -41.37
N ASP B 163 15.40 12.07 -42.07
CA ASP B 163 13.93 11.84 -42.19
C ASP B 163 13.51 10.70 -41.26
N ALA B 164 14.39 9.72 -41.05
CA ALA B 164 14.16 8.53 -40.18
C ALA B 164 15.47 8.11 -39.49
N MET B 165 15.39 7.12 -38.59
CA MET B 165 16.55 6.53 -37.88
C MET B 165 16.25 5.07 -37.52
N ILE B 166 17.26 4.20 -37.68
CA ILE B 166 17.23 2.79 -37.20
C ILE B 166 18.45 2.58 -36.30
N CYS B 167 18.22 2.34 -35.01
CA CYS B 167 19.27 2.21 -33.98
C CYS B 167 19.02 0.96 -33.14
N GLY B 168 19.92 0.61 -32.21
CA GLY B 168 19.66 -0.52 -31.30
C GLY B 168 20.49 -1.76 -31.58
N THR B 169 21.24 -1.77 -32.68
CA THR B 169 22.06 -2.94 -33.06
C THR B 169 23.17 -3.13 -32.03
N VAL B 170 23.26 -2.22 -31.07
CA VAL B 170 24.30 -2.31 -29.99
C VAL B 170 23.72 -1.69 -28.72
N GLY B 171 23.69 -2.44 -27.62
CA GLY B 171 23.25 -1.86 -26.34
C GLY B 171 21.92 -2.36 -25.84
N ASP B 172 21.30 -1.62 -24.92
CA ASP B 172 20.01 -2.02 -24.30
C ASP B 172 18.85 -1.27 -24.98
N TYR B 173 17.76 -1.98 -25.24
CA TYR B 173 16.59 -1.35 -25.92
C TYR B 173 16.25 -0.04 -25.22
N HIS B 174 16.14 -0.04 -23.89
CA HIS B 174 15.63 1.08 -23.07
C HIS B 174 16.59 2.29 -23.16
N GLU B 175 17.90 2.03 -23.22
CA GLU B 175 18.97 3.06 -23.38
C GLU B 175 18.62 3.94 -24.57
N HIS B 176 18.33 3.32 -25.72
CA HIS B 176 18.01 3.98 -27.01
C HIS B 176 16.62 4.62 -26.96
N PHE B 177 15.61 3.86 -26.52
CA PHE B 177 14.19 4.31 -26.42
C PHE B 177 14.08 5.58 -25.57
N SER B 178 14.80 5.64 -24.47
CA SER B 178 14.78 6.85 -23.62
C SER B 178 15.12 8.07 -24.48
N VAL B 179 16.22 8.00 -25.22
CA VAL B 179 16.66 9.12 -26.10
C VAL B 179 15.51 9.45 -27.06
N VAL B 180 15.03 8.42 -27.77
CA VAL B 180 13.98 8.52 -28.82
C VAL B 180 12.76 9.23 -28.23
N LYS B 181 12.26 8.76 -27.09
CA LYS B 181 11.03 9.34 -26.49
C LYS B 181 11.30 10.79 -26.05
N ASN B 182 12.39 11.02 -25.32
CA ASN B 182 12.71 12.36 -24.77
C ASN B 182 12.83 13.40 -25.89
N VAL B 183 13.46 13.03 -27.02
CA VAL B 183 13.84 13.97 -28.11
C VAL B 183 12.64 14.18 -29.04
N PHE B 184 11.97 13.10 -29.46
CA PHE B 184 10.87 13.14 -30.46
C PHE B 184 9.51 13.35 -29.78
N GLY B 185 9.31 12.77 -28.60
CA GLY B 185 8.01 12.77 -27.89
C GLY B 185 6.99 11.87 -28.60
N TYR B 186 5.75 11.86 -28.12
CA TYR B 186 4.64 11.03 -28.66
C TYR B 186 3.98 11.74 -29.84
N ARG B 187 3.28 10.96 -30.67
CA ARG B 187 2.36 11.46 -31.73
C ARG B 187 1.17 12.18 -31.07
N ASP B 188 0.40 12.94 -31.83
CA ASP B 188 -0.80 13.67 -31.33
C ASP B 188 -1.90 12.65 -30.99
N GLY B 189 -2.54 12.82 -29.83
CA GLY B 189 -3.67 12.01 -29.35
C GLY B 189 -3.23 10.70 -28.70
N VAL B 190 -1.92 10.47 -28.60
CA VAL B 190 -1.30 9.19 -28.13
C VAL B 190 -0.38 9.49 -26.96
N HIS B 191 -0.58 8.79 -25.83
CA HIS B 191 0.06 9.08 -24.52
C HIS B 191 0.91 7.88 -24.06
N THR B 192 1.14 6.93 -24.98
CA THR B 192 1.94 5.72 -24.70
C THR B 192 2.60 5.18 -25.98
N ALA B 193 3.74 4.49 -25.86
CA ALA B 193 4.47 3.85 -26.97
C ALA B 193 4.41 2.33 -26.81
N GLY B 194 4.58 1.59 -27.91
CA GLY B 194 4.52 0.12 -27.94
C GLY B 194 5.39 -0.46 -29.05
N ALA B 195 6.04 -1.59 -28.77
CA ALA B 195 6.83 -2.40 -29.73
C ALA B 195 5.99 -3.61 -30.16
N MET B 196 6.18 -4.07 -31.41
CA MET B 196 5.39 -5.18 -32.02
C MET B 196 6.33 -6.03 -32.89
N ASN B 197 6.38 -7.33 -32.62
CA ASN B 197 7.25 -8.26 -33.36
C ASN B 197 6.41 -9.19 -34.23
N ALA B 198 6.84 -9.46 -35.46
CA ALA B 198 6.15 -10.34 -36.43
C ALA B 198 6.72 -11.76 -36.33
N LEU B 199 5.90 -12.76 -36.66
CA LEU B 199 6.30 -14.19 -36.75
C LEU B 199 5.50 -14.84 -37.88
N LEU B 200 6.13 -15.77 -38.61
CA LEU B 200 5.40 -16.70 -39.52
C LEU B 200 5.23 -18.02 -38.77
N LEU B 201 4.05 -18.20 -38.18
CA LEU B 201 3.62 -19.45 -37.48
C LEU B 201 2.76 -20.26 -38.44
N PRO B 202 2.56 -21.58 -38.19
CA PRO B 202 1.69 -22.40 -39.03
C PRO B 202 0.32 -21.77 -39.35
N SER B 203 -0.18 -20.90 -38.46
CA SER B 203 -1.48 -20.20 -38.57
C SER B 203 -1.34 -18.91 -39.39
N GLY B 204 -0.15 -18.65 -39.94
CA GLY B 204 0.14 -17.49 -40.81
C GLY B 204 0.97 -16.43 -40.09
N ASN B 205 0.93 -15.20 -40.62
CA ASN B 205 1.66 -14.08 -39.98
C ASN B 205 1.00 -13.75 -38.65
N THR B 206 1.84 -13.46 -37.66
CA THR B 206 1.35 -13.13 -36.30
C THR B 206 2.19 -12.02 -35.68
N PHE B 207 1.55 -11.05 -35.04
CA PHE B 207 2.20 -9.89 -34.35
C PHE B 207 1.94 -9.99 -32.84
N ILE B 208 2.94 -9.69 -32.02
CA ILE B 208 2.91 -9.77 -30.52
C ILE B 208 3.27 -8.39 -29.95
N ALA B 209 2.46 -7.87 -29.03
CA ALA B 209 2.67 -6.56 -28.34
C ALA B 209 2.14 -6.61 -26.91
N ASP B 210 2.63 -5.69 -26.06
CA ASP B 210 3.88 -4.91 -26.24
C ASP B 210 5.09 -5.76 -25.84
N THR B 211 6.17 -5.68 -26.61
CA THR B 211 7.31 -6.60 -26.37
C THR B 211 8.52 -5.90 -25.73
N TYR B 212 8.60 -4.58 -25.74
CA TYR B 212 9.86 -3.95 -25.25
C TYR B 212 9.70 -2.62 -24.50
N VAL B 213 8.53 -1.98 -24.51
CA VAL B 213 8.41 -0.61 -23.92
C VAL B 213 7.80 -0.63 -22.51
N ASN B 214 6.61 -1.21 -22.36
CA ASN B 214 5.88 -1.18 -21.07
C ASN B 214 5.86 -2.56 -20.41
N ASP B 215 6.29 -2.65 -19.16
CA ASP B 215 6.32 -3.94 -18.44
C ASP B 215 4.91 -4.36 -18.01
N GLU B 216 4.19 -3.47 -17.34
CA GLU B 216 2.80 -3.77 -16.90
C GLU B 216 1.90 -2.62 -17.35
N PRO B 217 1.53 -2.62 -18.65
CA PRO B 217 0.68 -1.58 -19.21
C PRO B 217 -0.74 -1.61 -18.64
N ASP B 218 -1.29 -0.43 -18.39
CA ASP B 218 -2.67 -0.31 -17.87
C ASP B 218 -3.64 -0.54 -19.02
N ALA B 219 -4.94 -0.49 -18.75
CA ALA B 219 -5.96 -0.68 -19.79
C ALA B 219 -5.82 0.43 -20.84
N GLU B 220 -5.70 1.67 -20.42
CA GLU B 220 -5.64 2.74 -21.44
C GLU B 220 -4.42 2.53 -22.32
N GLU B 221 -3.33 2.09 -21.72
CA GLU B 221 -2.07 1.87 -22.49
C GLU B 221 -2.28 0.72 -23.48
N LEU B 222 -2.92 -0.37 -23.04
CA LEU B 222 -3.22 -1.55 -23.89
C LEU B 222 -4.19 -1.15 -25.02
N ALA B 223 -5.16 -0.28 -24.71
CA ALA B 223 -6.16 0.23 -25.68
C ALA B 223 -5.46 1.05 -26.78
N GLU B 224 -4.46 1.85 -26.40
CA GLU B 224 -3.67 2.71 -27.33
C GLU B 224 -2.76 1.82 -28.19
N ILE B 225 -2.11 0.82 -27.59
CA ILE B 225 -1.18 -0.14 -28.26
C ILE B 225 -1.96 -0.97 -29.29
N THR B 226 -3.17 -1.41 -28.94
CA THR B 226 -4.04 -2.25 -29.80
C THR B 226 -4.40 -1.48 -31.08
N LEU B 227 -4.88 -0.24 -30.94
CA LEU B 227 -5.31 0.63 -32.08
C LEU B 227 -4.11 0.87 -32.99
N MET B 228 -2.95 1.22 -32.40
CA MET B 228 -1.68 1.51 -33.13
C MET B 228 -1.28 0.27 -33.94
N ALA B 229 -1.23 -0.89 -33.29
CA ALA B 229 -0.87 -2.20 -33.88
C ALA B 229 -1.82 -2.53 -35.04
N ALA B 230 -3.13 -2.43 -34.80
CA ALA B 230 -4.20 -2.66 -35.80
C ALA B 230 -3.93 -1.76 -37.03
N GLU B 231 -3.70 -0.46 -36.85
CA GLU B 231 -3.50 0.38 -38.05
C GLU B 231 -2.16 0.05 -38.70
N THR B 232 -1.14 -0.22 -37.88
CA THR B 232 0.18 -0.60 -38.44
C THR B 232 0.00 -1.78 -39.41
N VAL B 233 -0.77 -2.80 -39.02
CA VAL B 233 -0.97 -4.05 -39.80
C VAL B 233 -1.77 -3.75 -41.08
N ARG B 234 -2.68 -2.75 -41.05
CA ARG B 234 -3.47 -2.31 -42.23
C ARG B 234 -2.51 -1.77 -43.30
N ARG B 235 -1.44 -1.09 -42.88
CA ARG B 235 -0.51 -0.44 -43.85
C ARG B 235 0.30 -1.50 -44.58
N PHE B 236 0.48 -2.66 -43.96
CA PHE B 236 1.19 -3.82 -44.58
C PHE B 236 0.26 -4.52 -45.59
N GLY B 237 -1.01 -4.10 -45.66
CA GLY B 237 -2.03 -4.63 -46.58
C GLY B 237 -2.65 -5.92 -46.06
N ILE B 238 -2.89 -6.00 -44.75
CA ILE B 238 -3.47 -7.18 -44.04
C ILE B 238 -4.67 -6.71 -43.20
N GLU B 239 -5.75 -7.50 -43.20
CA GLU B 239 -6.90 -7.19 -42.34
C GLU B 239 -6.54 -7.52 -40.90
N PRO B 240 -6.60 -6.54 -39.99
CA PRO B 240 -6.21 -6.77 -38.60
C PRO B 240 -7.27 -7.57 -37.84
N ARG B 241 -6.84 -8.64 -37.15
CA ARG B 241 -7.70 -9.59 -36.39
C ARG B 241 -7.11 -9.77 -35.00
N VAL B 242 -7.54 -8.92 -34.06
CA VAL B 242 -6.91 -8.77 -32.71
C VAL B 242 -7.52 -9.81 -31.76
N ALA B 243 -6.67 -10.43 -30.94
CA ALA B 243 -7.03 -11.26 -29.78
C ALA B 243 -6.24 -10.76 -28.57
N LEU B 244 -6.95 -10.23 -27.56
CA LEU B 244 -6.38 -9.90 -26.23
C LEU B 244 -6.22 -11.20 -25.44
N LEU B 245 -5.01 -11.52 -24.99
CA LEU B 245 -4.76 -12.85 -24.40
C LEU B 245 -4.66 -12.83 -22.87
N SER B 246 -4.92 -13.98 -22.23
CA SER B 246 -4.78 -14.13 -20.76
C SER B 246 -4.96 -15.61 -20.41
N HIS B 247 -4.43 -16.06 -19.26
CA HIS B 247 -4.69 -17.45 -18.81
C HIS B 247 -6.19 -17.56 -18.62
N SER B 248 -6.82 -16.48 -18.16
CA SER B 248 -8.28 -16.35 -18.06
C SER B 248 -8.92 -16.55 -19.45
N ASN B 249 -9.91 -17.43 -19.55
CA ASN B 249 -10.65 -17.61 -20.83
C ASN B 249 -12.07 -17.09 -20.65
N PHE B 250 -12.37 -15.92 -21.21
CA PHE B 250 -13.75 -15.36 -21.17
C PHE B 250 -14.31 -15.31 -19.75
N GLY B 251 -13.67 -14.56 -18.84
CA GLY B 251 -14.23 -14.33 -17.49
C GLY B 251 -13.96 -15.45 -16.51
N SER B 252 -13.05 -16.34 -16.85
CA SER B 252 -12.79 -17.53 -16.00
C SER B 252 -11.98 -17.18 -14.76
N SER B 253 -11.21 -16.10 -14.82
CA SER B 253 -10.37 -15.63 -13.68
C SER B 253 -10.63 -14.16 -13.41
N ASP B 254 -10.52 -13.75 -12.14
CA ASP B 254 -10.80 -12.37 -11.66
C ASP B 254 -9.51 -11.74 -11.11
N CYS B 255 -8.34 -12.23 -11.53
CA CYS B 255 -7.03 -11.60 -11.22
C CYS B 255 -6.96 -10.24 -11.90
N PRO B 256 -6.17 -9.26 -11.39
CA PRO B 256 -6.09 -7.94 -12.00
C PRO B 256 -5.70 -7.98 -13.49
N SER B 257 -4.93 -8.97 -13.91
CA SER B 257 -4.48 -9.05 -15.33
C SER B 257 -5.68 -9.23 -16.25
N SER B 258 -6.57 -10.15 -15.91
CA SER B 258 -7.77 -10.43 -16.75
C SER B 258 -8.68 -9.22 -16.81
N SER B 259 -8.98 -8.58 -15.70
CA SER B 259 -9.83 -7.37 -15.69
C SER B 259 -9.20 -6.34 -16.61
N LYS B 260 -7.91 -6.09 -16.43
CA LYS B 260 -7.12 -5.13 -17.24
C LYS B 260 -7.42 -5.36 -18.73
N MET B 261 -7.37 -6.61 -19.19
CA MET B 261 -7.57 -6.98 -20.61
C MET B 261 -9.04 -6.72 -21.02
N ARG B 262 -9.99 -6.96 -20.12
CA ARG B 262 -11.46 -6.83 -20.40
C ARG B 262 -11.83 -5.35 -20.47
N GLN B 263 -11.30 -4.53 -19.55
CA GLN B 263 -11.46 -3.05 -19.56
C GLN B 263 -10.83 -2.51 -20.86
N ALA B 264 -9.71 -3.10 -21.30
CA ALA B 264 -8.97 -2.73 -22.52
C ALA B 264 -9.84 -3.00 -23.75
N LEU B 265 -10.50 -4.17 -23.79
CA LEU B 265 -11.45 -4.57 -24.87
C LEU B 265 -12.55 -3.53 -25.01
N GLU B 266 -13.11 -3.07 -23.87
CA GLU B 266 -14.22 -2.09 -23.80
C GLU B 266 -13.78 -0.77 -24.44
N LEU B 267 -12.59 -0.27 -24.07
CA LEU B 267 -12.05 1.03 -24.55
C LEU B 267 -11.78 0.97 -26.05
N VAL B 268 -11.34 -0.20 -26.54
CA VAL B 268 -11.01 -0.45 -27.98
C VAL B 268 -12.31 -0.56 -28.79
N ARG B 269 -13.39 -1.06 -28.19
CA ARG B 269 -14.72 -1.22 -28.84
C ARG B 269 -15.29 0.15 -29.22
N GLU B 270 -15.32 1.09 -28.25
CA GLU B 270 -15.82 2.48 -28.42
C GLU B 270 -15.02 3.19 -29.51
N ARG B 271 -13.69 3.11 -29.43
CA ARG B 271 -12.75 3.92 -30.25
C ARG B 271 -12.71 3.40 -31.68
N ALA B 272 -12.89 2.09 -31.89
CA ALA B 272 -12.86 1.44 -33.23
C ALA B 272 -13.97 0.39 -33.32
N PRO B 273 -15.24 0.79 -33.59
CA PRO B 273 -16.33 -0.16 -33.80
C PRO B 273 -16.12 -1.13 -34.97
N GLU B 274 -15.26 -0.79 -35.94
CA GLU B 274 -15.07 -1.55 -37.21
C GLU B 274 -13.98 -2.62 -37.05
N LEU B 275 -13.03 -2.43 -36.11
CA LEU B 275 -11.87 -3.36 -35.88
C LEU B 275 -12.38 -4.72 -35.40
N MET B 276 -11.94 -5.81 -36.04
CA MET B 276 -12.15 -7.20 -35.57
C MET B 276 -11.24 -7.45 -34.35
N ILE B 277 -11.84 -7.58 -33.17
CA ILE B 277 -11.13 -7.80 -31.88
C ILE B 277 -12.05 -8.62 -30.97
N ASP B 278 -11.49 -9.48 -30.12
CA ASP B 278 -12.24 -10.17 -29.04
C ASP B 278 -11.25 -10.65 -27.97
N GLY B 279 -11.78 -10.97 -26.78
CA GLY B 279 -11.03 -11.49 -25.63
C GLY B 279 -11.82 -11.32 -24.34
N GLU B 280 -11.17 -11.50 -23.18
CA GLU B 280 -9.82 -12.02 -23.09
C GLU B 280 -9.90 -13.55 -23.24
N MET B 281 -8.94 -14.17 -23.93
CA MET B 281 -8.98 -15.62 -24.27
C MET B 281 -7.58 -16.25 -24.19
N HIS B 282 -7.55 -17.59 -24.13
CA HIS B 282 -6.34 -18.43 -24.25
C HIS B 282 -5.66 -18.17 -25.60
N GLY B 283 -4.33 -18.33 -25.65
CA GLY B 283 -3.54 -18.24 -26.89
C GLY B 283 -4.00 -19.24 -27.94
N ASP B 284 -4.38 -20.46 -27.52
CA ASP B 284 -4.75 -21.58 -28.41
C ASP B 284 -6.05 -21.21 -29.16
N ALA B 285 -7.01 -20.61 -28.46
CA ALA B 285 -8.32 -20.19 -29.01
C ALA B 285 -8.13 -19.02 -29.99
N ALA B 286 -7.10 -18.20 -29.78
CA ALA B 286 -6.78 -17.03 -30.64
C ALA B 286 -6.35 -17.50 -32.03
N LEU B 287 -5.48 -18.51 -32.10
CA LEU B 287 -4.84 -18.99 -33.36
C LEU B 287 -5.72 -20.02 -34.05
N VAL B 288 -6.37 -20.91 -33.29
CA VAL B 288 -7.18 -22.05 -33.82
C VAL B 288 -8.68 -21.79 -33.58
N GLU B 289 -9.43 -21.50 -34.65
CA GLU B 289 -10.89 -21.18 -34.63
C GLU B 289 -11.69 -22.33 -33.98
N ALA B 290 -11.41 -23.57 -34.37
CA ALA B 290 -12.13 -24.79 -33.91
C ALA B 290 -12.22 -24.80 -32.38
N ILE B 291 -11.13 -24.41 -31.70
CA ILE B 291 -11.02 -24.37 -30.21
C ILE B 291 -11.86 -23.20 -29.68
N ARG B 292 -11.81 -22.04 -30.34
CA ARG B 292 -12.54 -20.82 -29.94
C ARG B 292 -14.06 -21.03 -30.06
N ASN B 293 -14.51 -21.75 -31.11
CA ASN B 293 -15.95 -22.00 -31.40
C ASN B 293 -16.53 -22.94 -30.33
N ASP B 294 -15.71 -23.81 -29.77
CA ASP B 294 -16.20 -24.73 -28.71
C ASP B 294 -16.45 -23.93 -27.43
N ARG B 295 -15.64 -22.90 -27.18
CA ARG B 295 -15.79 -22.05 -25.97
C ARG B 295 -16.82 -20.95 -26.22
N MET B 296 -16.69 -20.20 -27.33
CA MET B 296 -17.49 -18.97 -27.63
C MET B 296 -17.91 -18.97 -29.09
N PRO B 297 -19.03 -19.66 -29.44
CA PRO B 297 -19.47 -19.77 -30.83
C PRO B 297 -19.58 -18.46 -31.61
N ASP B 298 -20.16 -17.41 -31.00
CA ASP B 298 -20.55 -16.15 -31.69
C ASP B 298 -19.55 -15.03 -31.38
N SER B 299 -18.27 -15.36 -31.16
CA SER B 299 -17.16 -14.40 -31.02
C SER B 299 -17.06 -13.56 -32.31
N SER B 300 -16.85 -12.25 -32.18
CA SER B 300 -16.73 -11.32 -33.33
C SER B 300 -15.38 -11.52 -34.04
N LEU B 301 -14.40 -12.11 -33.33
CA LEU B 301 -13.12 -12.58 -33.92
C LEU B 301 -13.42 -13.79 -34.81
N LYS B 302 -13.17 -13.68 -36.12
CA LYS B 302 -13.38 -14.76 -37.12
C LYS B 302 -12.02 -15.25 -37.62
N GLY B 303 -11.90 -16.55 -37.90
CA GLY B 303 -10.67 -17.19 -38.41
C GLY B 303 -9.58 -17.20 -37.35
N SER B 304 -8.35 -16.95 -37.79
CA SER B 304 -7.19 -16.92 -36.86
C SER B 304 -6.76 -15.49 -36.59
N ALA B 305 -6.46 -15.18 -35.34
CA ALA B 305 -6.03 -13.85 -34.88
C ALA B 305 -4.58 -13.63 -35.31
N ASN B 306 -4.30 -12.49 -35.97
CA ASN B 306 -2.97 -12.16 -36.54
C ASN B 306 -2.26 -11.13 -35.65
N ILE B 307 -2.97 -10.49 -34.72
CA ILE B 307 -2.39 -9.59 -33.69
C ILE B 307 -2.73 -10.17 -32.30
N LEU B 308 -1.69 -10.37 -31.49
CA LEU B 308 -1.90 -10.90 -30.12
C LEU B 308 -1.42 -9.85 -29.11
N VAL B 309 -2.38 -9.15 -28.48
CA VAL B 309 -2.02 -8.15 -27.43
C VAL B 309 -1.92 -8.90 -26.11
N MET B 310 -0.80 -8.74 -25.40
CA MET B 310 -0.56 -9.54 -24.18
C MET B 310 -0.69 -8.67 -22.93
N PRO B 311 -0.87 -9.27 -21.74
CA PRO B 311 -1.01 -8.52 -20.49
C PRO B 311 0.25 -7.83 -19.95
N ASN B 312 1.41 -8.48 -20.05
CA ASN B 312 2.65 -7.94 -19.47
C ASN B 312 3.82 -8.20 -20.42
N MET B 313 4.79 -7.29 -20.47
CA MET B 313 6.00 -7.50 -21.31
C MET B 313 6.54 -8.91 -21.07
N GLU B 314 6.60 -9.38 -19.82
CA GLU B 314 7.20 -10.71 -19.56
C GLU B 314 6.48 -11.74 -20.43
N ALA B 315 5.16 -11.68 -20.47
CA ALA B 315 4.39 -12.63 -21.32
C ALA B 315 4.75 -12.43 -22.79
N ALA B 316 4.78 -11.16 -23.25
CA ALA B 316 5.01 -10.77 -24.67
C ALA B 316 6.38 -11.26 -25.15
N ARG B 317 7.45 -11.02 -24.39
CA ARG B 317 8.81 -11.38 -24.86
C ARG B 317 9.03 -12.89 -24.78
N ILE B 318 8.68 -13.50 -23.66
CA ILE B 318 8.95 -14.96 -23.48
C ILE B 318 8.20 -15.74 -24.57
N SER B 319 6.92 -15.42 -24.80
CA SER B 319 6.11 -15.97 -25.92
C SER B 319 6.88 -15.82 -27.23
N TYR B 320 7.26 -14.59 -27.58
CA TYR B 320 7.98 -14.25 -28.85
C TYR B 320 9.29 -15.05 -28.93
N ASN B 321 10.16 -14.88 -27.94
CA ASN B 321 11.49 -15.56 -27.87
C ASN B 321 11.34 -17.06 -28.18
N LEU B 322 10.44 -17.75 -27.47
CA LEU B 322 10.28 -19.23 -27.53
C LEU B 322 9.71 -19.64 -28.89
N LEU B 323 8.81 -18.84 -29.47
CA LEU B 323 8.16 -19.10 -30.77
C LEU B 323 9.15 -18.86 -31.91
N ARG B 324 10.01 -17.84 -31.79
CA ARG B 324 11.00 -17.43 -32.83
C ARG B 324 11.97 -18.59 -33.07
N VAL B 325 12.45 -19.25 -32.01
CA VAL B 325 13.47 -20.32 -32.14
C VAL B 325 12.81 -21.68 -32.40
N SER B 326 11.54 -21.83 -32.03
CA SER B 326 10.86 -23.15 -32.13
C SER B 326 9.98 -23.20 -33.38
N SER B 327 9.67 -22.03 -33.95
CA SER B 327 8.88 -21.99 -35.21
C SER B 327 9.73 -21.24 -36.22
N SER B 328 10.93 -21.77 -36.50
CA SER B 328 11.85 -21.08 -37.44
C SER B 328 11.19 -20.97 -38.81
N GLU B 329 11.02 -19.76 -39.30
CA GLU B 329 10.45 -19.57 -40.67
C GLU B 329 11.07 -18.29 -41.26
N GLY B 330 12.27 -17.93 -40.80
CA GLY B 330 12.94 -16.71 -41.29
C GLY B 330 12.50 -15.47 -40.53
N VAL B 331 12.98 -14.29 -40.93
CA VAL B 331 12.67 -13.03 -40.20
C VAL B 331 12.05 -12.02 -41.17
N THR B 332 11.20 -11.12 -40.65
CA THR B 332 10.59 -10.07 -41.49
C THR B 332 10.77 -8.72 -40.80
N VAL B 333 9.88 -8.39 -39.87
CA VAL B 333 9.95 -7.07 -39.18
C VAL B 333 10.00 -7.31 -37.67
N GLY B 334 10.38 -6.28 -36.92
CA GLY B 334 10.50 -6.40 -35.45
C GLY B 334 11.79 -5.78 -34.97
N PRO B 335 11.86 -5.17 -33.77
CA PRO B 335 10.69 -4.71 -33.03
C PRO B 335 10.14 -3.40 -33.58
N VAL B 336 8.92 -3.41 -34.11
CA VAL B 336 8.32 -2.20 -34.74
C VAL B 336 7.84 -1.24 -33.64
N LEU B 337 8.45 -0.05 -33.59
CA LEU B 337 8.08 0.95 -32.57
C LEU B 337 6.87 1.73 -33.06
N MET B 338 5.91 1.95 -32.18
CA MET B 338 4.65 2.66 -32.53
C MET B 338 4.36 3.73 -31.48
N GLY B 339 3.93 4.92 -31.93
CA GLY B 339 3.41 6.00 -31.07
C GLY B 339 4.45 7.08 -30.81
N VAL B 340 5.57 7.07 -31.54
CA VAL B 340 6.64 8.09 -31.46
C VAL B 340 6.46 9.06 -32.62
N ALA B 341 6.77 10.35 -32.37
CA ALA B 341 6.42 11.51 -33.23
C ALA B 341 7.25 11.54 -34.51
N LYS B 342 8.34 10.80 -34.57
CA LYS B 342 9.20 10.78 -35.78
C LYS B 342 9.44 9.32 -36.18
N PRO B 343 9.75 9.03 -37.46
CA PRO B 343 9.91 7.65 -37.91
C PRO B 343 11.18 7.03 -37.31
N VAL B 344 11.04 6.17 -36.30
CA VAL B 344 12.22 5.56 -35.63
C VAL B 344 11.87 4.18 -35.07
N HIS B 345 12.83 3.25 -35.07
CA HIS B 345 12.67 1.88 -34.49
C HIS B 345 13.96 1.48 -33.77
N VAL B 346 13.84 0.98 -32.55
CA VAL B 346 15.02 0.47 -31.80
C VAL B 346 15.03 -1.04 -31.99
N LEU B 347 16.20 -1.63 -32.18
CA LEU B 347 16.31 -3.07 -32.50
C LEU B 347 17.10 -3.79 -31.42
N THR B 348 17.56 -5.01 -31.71
CA THR B 348 18.29 -5.81 -30.70
C THR B 348 19.74 -6.02 -31.16
N PRO B 349 20.69 -6.27 -30.24
CA PRO B 349 22.08 -6.57 -30.64
C PRO B 349 22.22 -7.81 -31.53
N ILE B 350 21.26 -8.74 -31.45
CA ILE B 350 21.28 -10.04 -32.20
C ILE B 350 20.50 -9.90 -33.50
N ALA B 351 20.17 -8.67 -33.89
CA ALA B 351 19.47 -8.37 -35.16
C ALA B 351 20.39 -8.70 -36.34
N SER B 352 19.82 -9.25 -37.42
CA SER B 352 20.53 -9.67 -38.66
C SER B 352 20.52 -8.53 -39.68
N VAL B 353 21.34 -8.66 -40.72
CA VAL B 353 21.44 -7.71 -41.87
C VAL B 353 20.06 -7.58 -42.53
N ARG B 354 19.35 -8.70 -42.69
CA ARG B 354 18.04 -8.67 -43.39
C ARG B 354 17.06 -7.82 -42.59
N ARG B 355 17.01 -8.02 -41.28
CA ARG B 355 16.07 -7.27 -40.40
C ARG B 355 16.34 -5.77 -40.53
N ILE B 356 17.61 -5.35 -40.42
CA ILE B 356 18.05 -3.93 -40.53
C ILE B 356 17.56 -3.36 -41.88
N VAL B 357 17.73 -4.12 -42.96
CA VAL B 357 17.34 -3.69 -44.34
C VAL B 357 15.82 -3.54 -44.39
N ASN B 358 15.08 -4.50 -43.83
CA ASN B 358 13.59 -4.51 -43.82
C ASN B 358 13.08 -3.33 -42.97
N MET B 359 13.65 -3.14 -41.77
CA MET B 359 13.21 -2.11 -40.80
C MET B 359 13.54 -0.70 -41.34
N VAL B 360 14.66 -0.55 -42.05
CA VAL B 360 15.03 0.70 -42.77
C VAL B 360 13.96 0.97 -43.84
N ALA B 361 13.61 -0.06 -44.62
CA ALA B 361 12.63 0.00 -45.73
C ALA B 361 11.27 0.46 -45.18
N LEU B 362 10.82 -0.12 -44.07
CA LEU B 362 9.59 0.28 -43.35
C LEU B 362 9.72 1.75 -42.94
N ALA B 363 10.84 2.12 -42.30
CA ALA B 363 11.13 3.46 -41.78
C ALA B 363 11.08 4.49 -42.92
N VAL B 364 11.44 4.10 -44.14
CA VAL B 364 11.39 4.99 -45.34
C VAL B 364 9.92 5.24 -45.71
N VAL B 365 9.13 4.17 -45.83
CA VAL B 365 7.66 4.24 -46.14
C VAL B 365 6.98 5.05 -45.03
N GLU B 366 7.48 4.91 -43.80
CA GLU B 366 6.99 5.60 -42.58
C GLU B 366 7.37 7.09 -42.67
N ALA B 367 8.53 7.39 -43.25
CA ALA B 367 8.99 8.78 -43.41
C ALA B 367 8.09 9.41 -44.47
N GLN B 368 7.85 8.68 -45.55
CA GLN B 368 6.81 9.15 -46.49
C GLN B 368 5.55 8.97 -45.66
N THR B 369 4.40 9.47 -46.09
CA THR B 369 3.20 9.19 -45.29
C THR B 369 3.38 9.72 -43.87
N GLN B 370 3.16 8.89 -42.85
CA GLN B 370 3.23 9.40 -41.46
C GLN B 370 3.74 8.31 -40.51
N PRO B 371 4.43 8.69 -39.41
CA PRO B 371 4.92 7.72 -38.43
C PRO B 371 3.88 6.75 -37.87
N LEU B 372 4.28 5.51 -37.60
CA LEU B 372 3.36 4.47 -37.06
C LEU B 372 3.19 4.64 -35.55
N GLU C 35 40.39 22.59 20.57
CA GLU C 35 41.53 21.69 20.24
C GLU C 35 42.00 22.03 18.82
N ASN C 36 41.51 21.30 17.80
CA ASN C 36 41.72 21.58 16.35
C ASN C 36 40.39 21.42 15.62
N LEU C 37 39.29 21.22 16.36
CA LEU C 37 37.95 21.13 15.76
C LEU C 37 37.41 22.55 15.61
N TYR C 38 37.91 23.48 16.42
CA TYR C 38 37.47 24.90 16.38
C TYR C 38 38.22 25.67 15.28
N PHE C 39 39.43 25.23 14.93
CA PHE C 39 40.37 25.98 14.04
C PHE C 39 40.28 25.47 12.61
N GLN C 40 40.66 26.32 11.65
CA GLN C 40 40.46 25.98 10.23
C GLN C 40 41.50 24.99 9.67
N GLY C 41 41.04 23.82 9.23
CA GLY C 41 41.92 22.86 8.52
C GLY C 41 43.14 22.42 9.29
N LEU C 42 43.18 22.61 10.59
CA LEU C 42 44.33 22.07 11.36
C LEU C 42 44.24 20.54 11.36
N PHE C 43 43.03 20.00 11.43
CA PHE C 43 42.84 18.54 11.53
C PHE C 43 43.43 17.82 10.31
N MET C 44 43.87 18.58 9.31
CA MET C 44 44.35 17.92 8.06
C MET C 44 45.87 17.99 7.98
N LYS C 45 46.54 18.59 8.96
CA LYS C 45 48.02 18.62 8.99
C LYS C 45 48.58 17.20 9.09
N PRO C 46 48.11 16.36 10.04
CA PRO C 46 48.55 14.96 10.13
C PRO C 46 48.33 14.15 8.84
N ILE C 47 47.28 14.48 8.08
CA ILE C 47 46.91 13.80 6.81
C ILE C 47 47.98 14.09 5.76
N PHE C 48 48.44 15.35 5.67
CA PHE C 48 49.50 15.79 4.72
C PHE C 48 50.84 15.19 5.14
N SER C 49 51.12 15.22 6.45
CA SER C 49 52.35 14.68 7.09
C SER C 49 52.50 13.18 6.80
N GLN C 50 51.39 12.44 6.74
CA GLN C 50 51.37 10.96 6.60
C GLN C 50 51.46 10.55 5.13
N ALA C 51 50.99 11.40 4.21
CA ALA C 51 51.01 11.17 2.76
C ALA C 51 52.39 11.52 2.19
N ARG C 52 53.01 12.58 2.71
CA ARG C 52 54.38 13.03 2.33
C ARG C 52 55.38 11.93 2.70
N LYS C 53 55.19 11.25 3.83
CA LYS C 53 56.15 10.22 4.32
C LYS C 53 56.15 9.00 3.40
N ALA C 54 55.01 8.68 2.81
CA ALA C 54 54.87 7.53 1.88
C ALA C 54 53.76 7.80 0.87
N PRO C 55 54.02 8.59 -0.19
CA PRO C 55 53.03 8.82 -1.25
C PRO C 55 52.57 7.51 -1.91
N LYS C 56 51.26 7.39 -2.15
CA LYS C 56 50.63 6.23 -2.85
C LYS C 56 50.11 6.68 -4.22
N ARG C 57 49.81 5.70 -5.07
CA ARG C 57 49.34 5.97 -6.44
C ARG C 57 47.83 6.26 -6.43
N VAL C 58 47.43 7.36 -7.04
CA VAL C 58 46.01 7.82 -7.06
C VAL C 58 45.59 8.09 -8.51
N VAL C 59 44.50 7.46 -8.94
CA VAL C 59 43.98 7.66 -10.32
C VAL C 59 42.98 8.81 -10.33
N LEU C 60 43.10 9.69 -11.31
CA LEU C 60 42.19 10.85 -11.50
C LEU C 60 41.53 10.70 -12.87
N PRO C 61 40.42 9.95 -12.96
CA PRO C 61 39.78 9.66 -14.25
C PRO C 61 39.56 10.83 -15.21
N GLU C 62 39.26 12.02 -14.67
CA GLU C 62 38.98 13.21 -15.52
C GLU C 62 40.29 13.95 -15.76
N GLY C 63 41.31 13.25 -16.25
CA GLY C 63 42.65 13.85 -16.40
C GLY C 63 42.76 14.89 -17.50
N GLU C 64 41.66 15.19 -18.19
CA GLU C 64 41.70 16.28 -19.20
C GLU C 64 41.03 17.55 -18.67
N GLU C 65 40.51 17.52 -17.44
CA GLU C 65 39.89 18.71 -16.80
C GLU C 65 41.01 19.63 -16.28
N ALA C 66 40.94 20.91 -16.63
CA ALA C 66 41.87 21.98 -16.20
C ALA C 66 42.11 21.88 -14.69
N ARG C 67 41.04 21.71 -13.92
CA ARG C 67 41.05 21.77 -12.43
C ARG C 67 41.87 20.59 -11.88
N VAL C 68 41.76 19.42 -12.51
CA VAL C 68 42.49 18.17 -12.14
C VAL C 68 43.98 18.36 -12.44
N LEU C 69 44.29 18.98 -13.57
CA LEU C 69 45.70 19.13 -13.99
C LEU C 69 46.43 20.02 -12.99
N HIS C 70 45.79 21.11 -12.57
CA HIS C 70 46.38 22.00 -11.55
C HIS C 70 46.65 21.18 -10.29
N ALA C 71 45.71 20.32 -9.91
CA ALA C 71 45.84 19.56 -8.65
C ALA C 71 46.99 18.57 -8.74
N THR C 72 47.20 17.97 -9.91
CA THR C 72 48.31 17.03 -10.10
C THR C 72 49.61 17.78 -9.80
N GLN C 73 49.79 18.92 -10.44
CA GLN C 73 51.01 19.73 -10.20
C GLN C 73 51.19 19.91 -8.70
N GLU C 74 50.22 20.52 -8.02
CA GLU C 74 50.39 20.81 -6.58
C GLU C 74 50.60 19.49 -5.83
N LEU C 75 49.96 18.42 -6.29
CA LEU C 75 50.21 17.08 -5.68
C LEU C 75 51.68 16.69 -5.85
N VAL C 76 52.24 16.89 -7.05
CA VAL C 76 53.66 16.55 -7.37
C VAL C 76 54.58 17.50 -6.59
N THR C 77 54.28 18.80 -6.59
CA THR C 77 55.06 19.86 -5.90
C THR C 77 55.16 19.53 -4.42
N LEU C 78 54.02 19.28 -3.76
CA LEU C 78 53.95 19.01 -2.30
C LEU C 78 54.39 17.57 -1.98
N GLY C 79 54.57 16.74 -3.02
CA GLY C 79 55.00 15.33 -2.91
C GLY C 79 54.05 14.52 -2.06
N LEU C 80 52.76 14.53 -2.42
CA LEU C 80 51.65 13.92 -1.63
C LEU C 80 51.23 12.58 -2.25
N ALA C 81 51.31 12.45 -3.58
CA ALA C 81 50.83 11.26 -4.33
C ALA C 81 51.50 11.17 -5.69
N LYS C 82 51.58 9.94 -6.21
CA LYS C 82 52.08 9.70 -7.59
C LYS C 82 50.81 9.68 -8.44
N PRO C 83 50.48 10.78 -9.14
CA PRO C 83 49.22 10.90 -9.87
C PRO C 83 49.20 10.00 -11.10
N ILE C 84 48.04 9.43 -11.42
CA ILE C 84 47.76 8.68 -12.69
C ILE C 84 46.49 9.25 -13.31
N LEU C 85 46.61 9.95 -14.44
CA LEU C 85 45.47 10.57 -15.16
C LEU C 85 45.00 9.62 -16.27
N ILE C 86 43.70 9.61 -16.55
CA ILE C 86 43.08 8.93 -17.73
C ILE C 86 42.59 10.01 -18.70
N GLY C 87 42.91 9.85 -19.98
CA GLY C 87 42.56 10.81 -21.05
C GLY C 87 43.41 10.61 -22.28
N ARG C 88 43.11 11.36 -23.34
CA ARG C 88 43.88 11.43 -24.61
C ARG C 88 45.19 12.15 -24.35
N PRO C 89 46.38 11.51 -24.50
CA PRO C 89 47.65 12.13 -24.13
C PRO C 89 47.87 13.52 -24.75
N ASN C 90 47.41 13.72 -25.99
CA ASN C 90 47.56 14.98 -26.78
C ASN C 90 46.81 16.11 -26.08
N VAL C 91 45.53 15.88 -25.73
CA VAL C 91 44.62 16.88 -25.10
C VAL C 91 45.17 17.30 -23.73
N ILE C 92 45.66 16.34 -22.94
CA ILE C 92 46.29 16.59 -21.61
C ILE C 92 47.50 17.51 -21.82
N GLU C 93 48.47 17.08 -22.62
CA GLU C 93 49.68 17.92 -22.76
C GLU C 93 49.23 19.29 -23.24
N MET C 94 48.51 19.37 -24.35
CA MET C 94 48.13 20.70 -24.89
C MET C 94 47.66 21.59 -23.75
N ARG C 95 46.88 21.06 -22.82
CA ARG C 95 46.28 21.85 -21.71
C ARG C 95 47.34 22.16 -20.63
N ILE C 96 48.27 21.24 -20.38
CA ILE C 96 49.39 21.42 -19.41
C ILE C 96 50.23 22.64 -19.84
N GLN C 97 50.53 22.74 -21.12
CA GLN C 97 51.30 23.91 -21.62
C GLN C 97 50.41 25.14 -21.58
N LYS C 98 49.14 25.00 -21.93
CA LYS C 98 48.23 26.18 -22.02
C LYS C 98 48.04 26.77 -20.61
N LEU C 99 48.05 25.93 -19.59
CA LEU C 99 47.85 26.41 -18.20
C LEU C 99 49.18 26.90 -17.65
N GLY C 100 50.28 26.41 -18.20
CA GLY C 100 51.60 26.84 -17.74
C GLY C 100 52.10 25.91 -16.66
N LEU C 101 51.68 24.65 -16.74
CA LEU C 101 52.09 23.67 -15.71
C LEU C 101 53.40 23.03 -16.14
N GLN C 102 54.24 22.66 -15.18
CA GLN C 102 55.58 22.12 -15.52
C GLN C 102 55.60 20.63 -15.22
N ILE C 103 54.44 20.06 -14.88
CA ILE C 103 54.38 18.59 -14.70
C ILE C 103 54.65 17.97 -16.07
N LYS C 104 55.38 16.86 -16.11
CA LYS C 104 55.74 16.28 -17.43
C LYS C 104 55.31 14.82 -17.47
N ALA C 105 54.72 14.41 -18.60
CA ALA C 105 54.24 13.02 -18.75
C ALA C 105 55.39 12.03 -18.66
N GLY C 106 55.18 10.92 -17.96
CA GLY C 106 56.22 9.88 -17.87
C GLY C 106 57.28 10.25 -16.86
N VAL C 107 57.28 11.49 -16.40
CA VAL C 107 58.35 11.96 -15.48
C VAL C 107 57.76 12.21 -14.11
N ASP C 108 56.69 12.98 -14.06
CA ASP C 108 56.06 13.37 -12.77
C ASP C 108 54.84 12.47 -12.49
N PHE C 109 54.11 12.08 -13.53
CA PHE C 109 52.85 11.29 -13.46
C PHE C 109 52.76 10.34 -14.67
N GLU C 110 51.75 9.47 -14.61
CA GLU C 110 51.54 8.50 -15.71
C GLU C 110 50.19 8.79 -16.38
N ILE C 111 50.14 8.69 -17.70
CA ILE C 111 48.89 8.85 -18.50
C ILE C 111 48.45 7.47 -18.99
N VAL C 112 47.18 7.13 -18.76
CA VAL C 112 46.52 5.91 -19.31
C VAL C 112 45.55 6.36 -20.41
N ASN C 113 45.88 6.07 -21.68
CA ASN C 113 45.05 6.43 -22.86
C ASN C 113 43.78 5.57 -22.82
N ASN C 114 42.61 6.20 -22.76
CA ASN C 114 41.31 5.49 -22.71
C ASN C 114 41.02 4.80 -24.05
N GLU C 115 41.58 5.34 -25.14
CA GLU C 115 41.32 4.81 -26.50
C GLU C 115 42.42 3.84 -26.91
N SER C 116 43.43 3.66 -26.07
CA SER C 116 44.54 2.74 -26.39
C SER C 116 45.28 2.31 -25.12
N ASP C 117 45.38 1.00 -24.88
CA ASP C 117 46.17 0.48 -23.74
C ASP C 117 46.37 -1.01 -23.97
N PRO C 118 47.60 -1.53 -23.79
CA PRO C 118 47.89 -2.94 -24.03
C PRO C 118 47.21 -3.92 -23.04
N ARG C 119 46.68 -3.41 -21.92
CA ARG C 119 45.96 -4.21 -20.90
C ARG C 119 44.44 -4.00 -21.02
N PHE C 120 43.95 -3.58 -22.19
CA PHE C 120 42.52 -3.27 -22.45
C PHE C 120 41.67 -4.55 -22.32
N LYS C 121 42.17 -5.67 -22.86
CA LYS C 121 41.45 -6.97 -22.86
C LYS C 121 41.30 -7.49 -21.42
N GLU C 122 42.38 -7.39 -20.63
CA GLU C 122 42.42 -7.85 -19.22
C GLU C 122 41.41 -7.03 -18.39
N TYR C 123 41.18 -5.77 -18.78
CA TYR C 123 40.31 -4.87 -18.00
C TYR C 123 38.84 -5.19 -18.22
N TRP C 124 38.38 -5.15 -19.47
CA TRP C 124 36.96 -5.43 -19.76
C TRP C 124 36.62 -6.86 -19.34
N THR C 125 37.60 -7.76 -19.36
CA THR C 125 37.47 -9.17 -18.90
C THR C 125 37.11 -9.19 -17.42
N GLU C 126 37.76 -8.35 -16.59
CA GLU C 126 37.49 -8.34 -15.12
C GLU C 126 36.19 -7.58 -14.83
N TYR C 127 35.88 -6.53 -15.59
CA TYR C 127 34.64 -5.73 -15.40
C TYR C 127 33.42 -6.59 -15.77
N PHE C 128 33.52 -7.37 -16.85
CA PHE C 128 32.46 -8.31 -17.30
C PHE C 128 32.21 -9.37 -16.22
N GLN C 129 33.27 -9.89 -15.61
CA GLN C 129 33.20 -10.94 -14.56
C GLN C 129 32.45 -10.39 -13.33
N ILE C 130 32.54 -9.09 -13.08
CA ILE C 130 31.86 -8.39 -11.95
C ILE C 130 30.39 -8.15 -12.32
N MET C 131 30.10 -7.85 -13.60
CA MET C 131 28.82 -7.24 -14.06
C MET C 131 28.08 -8.15 -15.06
N LYS C 132 28.54 -9.38 -15.29
CA LYS C 132 27.93 -10.35 -16.25
C LYS C 132 26.49 -10.65 -15.84
N ARG C 133 26.22 -10.80 -14.54
CA ARG C 133 24.89 -11.12 -13.95
C ARG C 133 24.09 -9.83 -13.69
N ARG C 134 24.70 -8.65 -13.95
CA ARG C 134 24.07 -7.35 -13.62
C ARG C 134 23.76 -6.50 -14.85
N GLY C 135 23.46 -7.11 -15.98
CA GLY C 135 22.99 -6.41 -17.20
C GLY C 135 24.09 -5.72 -17.97
N VAL C 136 25.27 -6.35 -18.09
CA VAL C 136 26.40 -5.87 -18.92
C VAL C 136 26.91 -7.04 -19.77
N THR C 137 26.68 -6.99 -21.09
CA THR C 137 27.21 -7.95 -22.09
C THR C 137 28.71 -7.73 -22.23
N GLN C 138 29.41 -8.65 -22.92
CA GLN C 138 30.87 -8.56 -23.20
C GLN C 138 31.15 -7.35 -24.10
N GLU C 139 30.21 -7.06 -25.00
CA GLU C 139 30.29 -5.93 -25.98
C GLU C 139 30.22 -4.61 -25.21
N GLN C 140 29.28 -4.51 -24.25
CA GLN C 140 29.04 -3.31 -23.39
C GLN C 140 30.22 -3.10 -22.45
N ALA C 141 30.81 -4.19 -21.94
CA ALA C 141 31.97 -4.18 -21.02
C ALA C 141 33.17 -3.54 -21.73
N GLN C 142 33.42 -3.94 -22.98
CA GLN C 142 34.47 -3.36 -23.85
C GLN C 142 34.23 -1.85 -24.00
N ARG C 143 33.02 -1.42 -24.34
CA ARG C 143 32.78 0.02 -24.58
C ARG C 143 33.06 0.80 -23.29
N ALA C 144 32.53 0.33 -22.17
CA ALA C 144 32.69 1.02 -20.88
C ALA C 144 34.18 1.27 -20.58
N LEU C 145 35.04 0.30 -20.88
CA LEU C 145 36.47 0.44 -20.53
C LEU C 145 37.17 1.31 -21.59
N ILE C 146 36.41 1.96 -22.47
CA ILE C 146 37.01 2.88 -23.46
C ILE C 146 36.35 4.26 -23.34
N SER C 147 35.10 4.32 -22.85
CA SER C 147 34.36 5.60 -22.83
C SER C 147 33.97 6.01 -21.40
N ASN C 148 34.25 5.17 -20.43
CA ASN C 148 33.91 5.46 -19.00
C ASN C 148 35.20 5.45 -18.18
N PRO C 149 35.83 6.62 -17.94
CA PRO C 149 37.11 6.67 -17.23
C PRO C 149 37.02 6.17 -15.78
N THR C 150 35.85 6.29 -15.14
CA THR C 150 35.63 5.88 -13.72
C THR C 150 35.69 4.35 -13.62
N VAL C 151 35.21 3.63 -14.63
CA VAL C 151 35.29 2.14 -14.69
C VAL C 151 36.76 1.76 -14.87
N ILE C 152 37.44 2.35 -15.86
CA ILE C 152 38.89 2.13 -16.12
C ILE C 152 39.65 2.28 -14.80
N GLY C 153 39.38 3.36 -14.07
CA GLY C 153 40.05 3.73 -12.80
C GLY C 153 39.72 2.75 -11.68
N ALA C 154 38.45 2.38 -11.53
CA ALA C 154 37.96 1.41 -10.53
C ALA C 154 38.69 0.08 -10.72
N ILE C 155 38.77 -0.39 -11.96
CA ILE C 155 39.41 -1.68 -12.36
C ILE C 155 40.91 -1.62 -12.05
N MET C 156 41.57 -0.49 -12.31
CA MET C 156 43.01 -0.25 -11.99
C MET C 156 43.23 -0.55 -10.50
N VAL C 157 42.44 0.07 -9.62
CA VAL C 157 42.61 0.02 -8.13
C VAL C 157 42.27 -1.40 -7.65
N GLN C 158 41.26 -2.03 -8.25
CA GLN C 158 40.80 -3.40 -7.89
C GLN C 158 41.90 -4.41 -8.24
N ARG C 159 42.65 -4.16 -9.33
CA ARG C 159 43.74 -5.05 -9.81
C ARG C 159 45.04 -4.82 -9.02
N GLY C 160 45.15 -3.69 -8.29
CA GLY C 160 46.34 -3.32 -7.52
C GLY C 160 47.33 -2.51 -8.35
N GLU C 161 46.92 -2.06 -9.54
CA GLU C 161 47.73 -1.22 -10.47
C GLU C 161 47.64 0.26 -10.05
N ALA C 162 46.74 0.57 -9.10
CA ALA C 162 46.65 1.87 -8.39
C ALA C 162 46.20 1.60 -6.95
N ASP C 163 46.41 2.57 -6.06
CA ASP C 163 46.19 2.40 -4.59
C ASP C 163 44.89 3.11 -4.18
N ALA C 164 44.44 4.11 -4.93
CA ALA C 164 43.21 4.90 -4.65
C ALA C 164 42.68 5.52 -5.95
N MET C 165 41.50 6.15 -5.89
CA MET C 165 40.90 6.92 -7.02
C MET C 165 40.14 8.13 -6.47
N ILE C 166 40.27 9.28 -7.15
CA ILE C 166 39.46 10.51 -6.88
C ILE C 166 38.77 10.92 -8.19
N CYS C 167 37.45 10.76 -8.24
CA CYS C 167 36.59 10.91 -9.46
C CYS C 167 35.40 11.84 -9.16
N GLY C 168 34.59 12.11 -10.19
CA GLY C 168 33.31 12.84 -10.10
C GLY C 168 33.49 14.34 -10.06
N THR C 169 34.51 14.83 -10.77
CA THR C 169 34.74 16.28 -10.90
C THR C 169 33.87 16.72 -12.07
N VAL C 170 33.25 15.74 -12.74
CA VAL C 170 32.33 16.02 -13.86
C VAL C 170 31.26 14.93 -13.87
N GLY C 171 29.99 15.31 -13.92
CA GLY C 171 28.91 14.31 -14.01
C GLY C 171 28.00 14.30 -12.80
N ASP C 172 27.39 13.14 -12.52
CA ASP C 172 26.47 13.00 -11.37
C ASP C 172 27.10 12.05 -10.35
N TYR C 173 26.93 12.33 -9.06
CA TYR C 173 27.55 11.50 -8.01
C TYR C 173 27.19 10.03 -8.22
N HIS C 174 25.98 9.77 -8.69
CA HIS C 174 25.53 8.35 -8.75
C HIS C 174 26.09 7.64 -9.99
N GLU C 175 26.29 8.35 -11.11
CA GLU C 175 27.06 7.84 -12.27
C GLU C 175 28.31 7.12 -11.76
N HIS C 176 29.10 7.82 -10.95
CA HIS C 176 30.42 7.38 -10.42
C HIS C 176 30.25 6.37 -9.29
N PHE C 177 29.42 6.69 -8.29
CA PHE C 177 29.26 5.88 -7.05
C PHE C 177 28.88 4.43 -7.39
N SER C 178 27.88 4.24 -8.27
CA SER C 178 27.35 2.89 -8.64
C SER C 178 28.44 2.03 -9.29
N VAL C 179 29.43 2.65 -9.96
CA VAL C 179 30.62 1.96 -10.52
C VAL C 179 31.55 1.57 -9.36
N VAL C 180 31.84 2.53 -8.48
CA VAL C 180 32.66 2.36 -7.24
C VAL C 180 32.11 1.16 -6.46
N LYS C 181 30.82 1.19 -6.10
CA LYS C 181 30.11 0.16 -5.31
C LYS C 181 30.23 -1.20 -6.02
N ASN C 182 29.79 -1.27 -7.28
CA ASN C 182 29.76 -2.52 -8.09
C ASN C 182 31.15 -3.17 -8.08
N VAL C 183 32.18 -2.40 -8.42
CA VAL C 183 33.56 -2.91 -8.69
C VAL C 183 34.26 -3.27 -7.36
N PHE C 184 34.04 -2.45 -6.32
CA PHE C 184 34.80 -2.63 -5.05
C PHE C 184 33.96 -3.35 -3.99
N GLY C 185 32.69 -2.99 -3.88
CA GLY C 185 31.83 -3.60 -2.84
C GLY C 185 31.95 -2.86 -1.53
N TYR C 186 31.30 -3.36 -0.49
CA TYR C 186 31.35 -2.71 0.84
C TYR C 186 32.44 -3.35 1.69
N ARG C 187 32.84 -2.67 2.75
CA ARG C 187 33.84 -3.23 3.68
C ARG C 187 33.18 -4.35 4.48
N ASP C 188 33.98 -5.17 5.16
CA ASP C 188 33.43 -6.29 5.97
C ASP C 188 32.63 -5.68 7.13
N GLY C 189 31.47 -6.27 7.44
CA GLY C 189 30.57 -5.86 8.53
C GLY C 189 29.80 -4.59 8.21
N VAL C 190 29.65 -4.27 6.92
CA VAL C 190 29.00 -3.02 6.42
C VAL C 190 28.14 -3.38 5.20
N HIS C 191 26.87 -2.97 5.22
CA HIS C 191 25.85 -3.25 4.17
C HIS C 191 25.25 -1.95 3.63
N THR C 192 25.89 -0.81 3.90
CA THR C 192 25.49 0.53 3.40
C THR C 192 26.70 1.46 3.40
N ALA C 193 26.81 2.30 2.37
CA ALA C 193 27.84 3.36 2.25
C ALA C 193 27.19 4.72 2.52
N GLY C 194 28.00 5.69 2.93
CA GLY C 194 27.54 7.05 3.29
C GLY C 194 28.54 8.10 2.86
N ALA C 195 28.05 9.28 2.51
CA ALA C 195 28.85 10.49 2.21
C ALA C 195 28.74 11.44 3.40
N MET C 196 29.85 12.12 3.72
CA MET C 196 29.94 13.09 4.82
C MET C 196 30.64 14.35 4.30
N ASN C 197 30.05 15.49 4.60
CA ASN C 197 30.60 16.80 4.18
C ASN C 197 30.93 17.60 5.45
N ALA C 198 32.04 18.33 5.43
CA ALA C 198 32.49 19.15 6.56
C ALA C 198 32.10 20.62 6.30
N LEU C 199 31.84 21.36 7.38
CA LEU C 199 31.69 22.83 7.38
C LEU C 199 32.49 23.37 8.58
N LEU C 200 32.96 24.61 8.48
CA LEU C 200 33.47 25.36 9.66
C LEU C 200 32.42 26.41 10.04
N LEU C 201 31.49 26.02 10.91
CA LEU C 201 30.43 26.90 11.48
C LEU C 201 31.03 27.62 12.69
N PRO C 202 30.36 28.66 13.24
CA PRO C 202 30.89 29.36 14.41
C PRO C 202 31.28 28.43 15.57
N SER C 203 30.53 27.34 15.78
CA SER C 203 30.68 26.38 16.91
C SER C 203 31.84 25.41 16.67
N GLY C 204 32.45 25.42 15.47
CA GLY C 204 33.62 24.58 15.12
C GLY C 204 33.37 23.76 13.87
N ASN C 205 34.35 22.94 13.48
CA ASN C 205 34.25 21.98 12.35
C ASN C 205 33.10 21.02 12.62
N THR C 206 32.13 21.01 11.69
CA THR C 206 30.93 20.15 11.81
C THR C 206 30.78 19.31 10.53
N PHE C 207 30.45 18.03 10.68
CA PHE C 207 30.26 17.04 9.59
C PHE C 207 28.76 16.73 9.46
N ILE C 208 28.28 16.54 8.24
CA ILE C 208 26.86 16.18 7.93
C ILE C 208 26.84 14.95 7.03
N ALA C 209 26.05 13.94 7.40
CA ALA C 209 25.78 12.71 6.63
C ALA C 209 24.31 12.33 6.77
N ASP C 210 23.79 11.48 5.88
CA ASP C 210 24.34 11.14 4.54
C ASP C 210 23.84 12.18 3.55
N THR C 211 24.75 12.73 2.75
CA THR C 211 24.37 13.85 1.86
C THR C 211 24.34 13.45 0.39
N TYR C 212 24.74 12.23 0.03
CA TYR C 212 24.84 11.91 -1.41
C TYR C 212 24.51 10.45 -1.78
N VAL C 213 24.55 9.50 -0.86
CA VAL C 213 24.39 8.05 -1.28
C VAL C 213 22.96 7.54 -1.09
N ASN C 214 22.36 7.72 0.09
CA ASN C 214 21.03 7.12 0.37
C ASN C 214 19.95 8.20 0.44
N ASP C 215 18.90 8.07 -0.40
CA ASP C 215 17.82 9.08 -0.39
C ASP C 215 17.06 8.99 0.93
N GLU C 216 16.50 7.83 1.25
CA GLU C 216 15.83 7.64 2.56
C GLU C 216 16.39 6.39 3.22
N PRO C 217 17.36 6.53 4.16
CA PRO C 217 17.95 5.40 4.82
C PRO C 217 17.02 4.82 5.89
N ASP C 218 17.12 3.53 6.15
CA ASP C 218 16.33 2.88 7.24
C ASP C 218 17.16 2.94 8.53
N ALA C 219 16.60 2.51 9.66
CA ALA C 219 17.20 2.59 11.01
C ALA C 219 18.59 1.95 11.01
N GLU C 220 18.71 0.76 10.41
CA GLU C 220 19.99 0.00 10.34
C GLU C 220 21.02 0.83 9.56
N GLU C 221 20.67 1.27 8.34
CA GLU C 221 21.55 2.05 7.43
C GLU C 221 22.08 3.28 8.17
N LEU C 222 21.21 4.01 8.87
CA LEU C 222 21.58 5.24 9.64
C LEU C 222 22.59 4.90 10.73
N ALA C 223 22.37 3.79 11.46
CA ALA C 223 23.24 3.32 12.56
C ALA C 223 24.63 3.01 12.01
N GLU C 224 24.70 2.35 10.85
CA GLU C 224 25.97 2.02 10.16
C GLU C 224 26.68 3.31 9.75
N ILE C 225 25.97 4.25 9.12
CA ILE C 225 26.51 5.56 8.67
C ILE C 225 27.11 6.28 9.89
N THR C 226 26.37 6.35 11.00
CA THR C 226 26.77 7.01 12.26
C THR C 226 28.18 6.53 12.67
N LEU C 227 28.35 5.20 12.84
CA LEU C 227 29.61 4.56 13.31
C LEU C 227 30.75 4.89 12.33
N MET C 228 30.46 4.84 11.03
CA MET C 228 31.43 5.18 9.94
C MET C 228 31.84 6.65 10.08
N ALA C 229 30.86 7.54 10.28
CA ALA C 229 31.08 9.00 10.46
C ALA C 229 31.89 9.25 11.73
N ALA C 230 31.59 8.50 12.81
CA ALA C 230 32.27 8.60 14.13
C ALA C 230 33.75 8.25 14.00
N GLU C 231 34.07 7.12 13.34
CA GLU C 231 35.46 6.59 13.23
C GLU C 231 36.25 7.41 12.21
N THR C 232 35.58 7.95 11.18
CA THR C 232 36.19 8.90 10.19
C THR C 232 36.70 10.13 10.94
N VAL C 233 35.89 10.67 11.85
CA VAL C 233 36.19 11.93 12.61
C VAL C 233 37.29 11.63 13.64
N ARG C 234 37.32 10.42 14.21
CA ARG C 234 38.42 9.94 15.11
C ARG C 234 39.75 10.06 14.36
N ARG C 235 39.80 9.57 13.12
CA ARG C 235 41.07 9.57 12.35
C ARG C 235 41.54 11.00 12.12
N PHE C 236 40.62 11.96 12.04
CA PHE C 236 40.99 13.40 11.89
C PHE C 236 41.48 13.96 13.23
N GLY C 237 41.63 13.10 14.25
CA GLY C 237 42.09 13.48 15.60
C GLY C 237 41.14 14.44 16.28
N ILE C 238 39.83 14.21 16.13
CA ILE C 238 38.73 14.95 16.80
C ILE C 238 37.88 13.94 17.58
N GLU C 239 37.34 14.36 18.73
CA GLU C 239 36.40 13.55 19.54
C GLU C 239 35.03 13.58 18.89
N PRO C 240 34.47 12.43 18.45
CA PRO C 240 33.15 12.41 17.81
C PRO C 240 32.02 12.71 18.81
N ARG C 241 31.22 13.74 18.53
CA ARG C 241 30.02 14.15 19.32
C ARG C 241 28.81 14.17 18.39
N VAL C 242 28.11 13.05 18.28
CA VAL C 242 27.05 12.80 17.25
C VAL C 242 25.72 13.33 17.78
N ALA C 243 24.92 13.93 16.88
CA ALA C 243 23.51 14.29 17.11
C ALA C 243 22.67 13.75 15.94
N LEU C 244 21.61 13.02 16.26
CA LEU C 244 20.58 12.57 15.28
C LEU C 244 19.53 13.68 15.18
N LEU C 245 19.42 14.24 13.99
CA LEU C 245 18.56 15.43 13.84
C LEU C 245 17.16 15.11 13.32
N SER C 246 16.19 15.92 13.78
CA SER C 246 14.79 15.80 13.33
C SER C 246 14.02 17.04 13.77
N HIS C 247 12.88 17.34 13.16
CA HIS C 247 11.97 18.44 13.58
C HIS C 247 11.24 18.03 14.85
N SER C 248 11.34 16.74 15.21
CA SER C 248 10.88 16.17 16.50
C SER C 248 11.95 16.38 17.57
N ASN C 249 11.61 17.15 18.61
CA ASN C 249 12.53 17.40 19.74
C ASN C 249 12.26 16.37 20.84
N PHE C 250 13.07 15.34 20.90
CA PHE C 250 13.01 14.23 21.89
C PHE C 250 11.57 13.77 22.07
N GLY C 251 10.92 13.35 20.97
CA GLY C 251 9.64 12.63 20.97
C GLY C 251 8.41 13.53 20.82
N SER C 252 8.58 14.74 20.27
CA SER C 252 7.48 15.73 20.08
C SER C 252 6.65 15.41 18.82
N SER C 253 7.11 14.45 18.03
CA SER C 253 6.35 13.99 16.85
C SER C 253 6.61 12.49 16.67
N ASP C 254 5.61 11.74 16.20
CA ASP C 254 5.74 10.28 16.03
C ASP C 254 5.82 9.99 14.53
N CYS C 255 6.40 10.91 13.78
CA CYS C 255 6.58 10.73 12.32
C CYS C 255 7.35 9.42 12.05
N PRO C 256 7.33 8.90 10.82
CA PRO C 256 8.10 7.70 10.49
C PRO C 256 9.60 8.00 10.64
N SER C 257 10.02 9.21 10.26
CA SER C 257 11.45 9.61 10.34
C SER C 257 11.89 9.74 11.79
N SER C 258 11.08 10.39 12.62
CA SER C 258 11.42 10.58 14.05
C SER C 258 11.68 9.23 14.68
N SER C 259 10.80 8.27 14.43
CA SER C 259 10.94 6.92 15.03
C SER C 259 12.22 6.27 14.51
N LYS C 260 12.48 6.40 13.21
CA LYS C 260 13.66 5.76 12.60
C LYS C 260 14.90 6.20 13.37
N MET C 261 14.94 7.49 13.73
CA MET C 261 16.14 8.03 14.41
C MET C 261 16.27 7.38 15.78
N ARG C 262 15.20 7.38 16.58
CA ARG C 262 15.14 6.77 17.94
C ARG C 262 15.64 5.33 17.86
N GLN C 263 15.22 4.58 16.82
CA GLN C 263 15.65 3.18 16.57
C GLN C 263 17.15 3.16 16.29
N ALA C 264 17.62 4.04 15.39
CA ALA C 264 19.04 4.17 14.98
C ALA C 264 19.91 4.39 16.22
N LEU C 265 19.46 5.25 17.13
CA LEU C 265 20.16 5.63 18.40
C LEU C 265 20.42 4.37 19.24
N GLU C 266 19.38 3.56 19.47
CA GLU C 266 19.45 2.30 20.25
C GLU C 266 20.50 1.37 19.63
N LEU C 267 20.45 1.17 18.31
CA LEU C 267 21.35 0.27 17.55
C LEU C 267 22.80 0.75 17.67
N VAL C 268 23.01 2.07 17.74
CA VAL C 268 24.36 2.71 17.85
C VAL C 268 24.87 2.52 19.29
N ARG C 269 24.01 2.72 20.28
CA ARG C 269 24.36 2.58 21.72
C ARG C 269 24.66 1.11 22.04
N GLU C 270 24.12 0.17 21.26
CA GLU C 270 24.40 -1.30 21.40
C GLU C 270 25.84 -1.59 20.92
N ARG C 271 26.20 -1.09 19.74
CA ARG C 271 27.46 -1.46 19.03
C ARG C 271 28.61 -0.53 19.43
N ALA C 272 28.29 0.64 20.01
CA ALA C 272 29.27 1.68 20.39
C ALA C 272 28.80 2.40 21.66
N PRO C 273 28.84 1.73 22.83
CA PRO C 273 28.40 2.36 24.09
C PRO C 273 29.38 3.43 24.61
N GLU C 274 30.63 3.41 24.15
CA GLU C 274 31.68 4.41 24.50
C GLU C 274 31.40 5.74 23.80
N LEU C 275 30.72 5.72 22.64
CA LEU C 275 30.52 6.89 21.72
C LEU C 275 29.53 7.87 22.34
N MET C 276 29.86 9.18 22.27
CA MET C 276 28.97 10.28 22.72
C MET C 276 27.96 10.59 21.61
N ILE C 277 26.68 10.26 21.86
CA ILE C 277 25.57 10.46 20.89
C ILE C 277 24.26 10.64 21.67
N ASP C 278 23.38 11.52 21.19
CA ASP C 278 21.99 11.66 21.72
C ASP C 278 21.08 12.13 20.58
N GLY C 279 19.76 11.95 20.76
CA GLY C 279 18.71 12.33 19.79
C GLY C 279 17.37 11.69 20.16
N GLU C 280 16.37 11.82 19.29
CA GLU C 280 16.41 12.72 18.14
C GLU C 280 16.10 14.13 18.63
N MET C 281 16.70 15.17 18.02
CA MET C 281 16.60 16.57 18.50
C MET C 281 16.71 17.58 17.34
N HIS C 282 16.31 18.82 17.62
CA HIS C 282 16.44 20.00 16.72
C HIS C 282 17.92 20.32 16.48
N GLY C 283 18.24 20.89 15.31
CA GLY C 283 19.59 21.31 14.92
C GLY C 283 20.19 22.30 15.90
N ASP C 284 19.38 23.26 16.38
CA ASP C 284 19.83 24.35 17.30
C ASP C 284 20.32 23.73 18.62
N ALA C 285 19.61 22.71 19.12
CA ALA C 285 19.92 22.00 20.39
C ALA C 285 21.21 21.19 20.23
N ALA C 286 21.46 20.63 19.04
CA ALA C 286 22.66 19.82 18.71
C ALA C 286 23.92 20.69 18.74
N LEU C 287 23.83 21.93 18.23
CA LEU C 287 24.97 22.85 17.99
C LEU C 287 25.20 23.76 19.19
N VAL C 288 24.16 24.09 19.96
CA VAL C 288 24.21 25.07 21.08
C VAL C 288 23.85 24.36 22.39
N GLU C 289 24.85 24.05 23.21
CA GLU C 289 24.72 23.35 24.52
C GLU C 289 23.60 23.99 25.34
N ALA C 290 23.61 25.32 25.46
CA ALA C 290 22.69 26.11 26.32
C ALA C 290 21.23 25.76 25.99
N ILE C 291 20.89 25.71 24.70
CA ILE C 291 19.50 25.40 24.20
C ILE C 291 19.14 23.97 24.63
N ARG C 292 20.07 23.02 24.42
CA ARG C 292 19.86 21.58 24.73
C ARG C 292 19.61 21.40 26.23
N ASN C 293 20.41 22.07 27.07
CA ASN C 293 20.37 21.95 28.55
C ASN C 293 18.99 22.33 29.09
N ASP C 294 18.29 23.26 28.43
CA ASP C 294 16.91 23.68 28.80
C ASP C 294 15.91 22.56 28.49
N ARG C 295 16.12 21.78 27.43
CA ARG C 295 15.14 20.73 27.04
C ARG C 295 15.54 19.38 27.63
N MET C 296 16.82 19.10 27.66
CA MET C 296 17.34 17.79 28.13
C MET C 296 18.62 18.01 28.95
N PRO C 297 18.49 18.46 30.23
CA PRO C 297 19.66 18.72 31.08
C PRO C 297 20.66 17.56 31.15
N ASP C 298 20.16 16.32 31.20
CA ASP C 298 20.95 15.08 31.44
C ASP C 298 21.41 14.46 30.12
N SER C 299 21.11 15.09 28.97
CA SER C 299 21.56 14.64 27.64
C SER C 299 23.02 14.18 27.72
N SER C 300 23.31 12.95 27.30
CA SER C 300 24.68 12.36 27.32
C SER C 300 25.57 13.04 26.26
N LEU C 301 24.96 13.85 25.39
CA LEU C 301 25.68 14.76 24.45
C LEU C 301 26.14 16.00 25.23
N LYS C 302 27.45 16.30 25.21
CA LYS C 302 28.07 17.42 25.95
C LYS C 302 28.65 18.43 24.94
N GLY C 303 28.44 19.73 25.21
CA GLY C 303 28.93 20.84 24.38
C GLY C 303 28.25 20.88 23.04
N SER C 304 29.05 21.14 21.99
CA SER C 304 28.50 21.26 20.62
C SER C 304 28.82 20.03 19.82
N ALA C 305 27.81 19.44 19.22
CA ALA C 305 27.92 18.25 18.35
C ALA C 305 28.69 18.64 17.08
N ASN C 306 29.57 17.76 16.60
CA ASN C 306 30.42 17.98 15.41
C ASN C 306 30.01 17.01 14.28
N ILE C 307 29.16 16.02 14.57
CA ILE C 307 28.61 15.08 13.55
C ILE C 307 27.07 15.17 13.60
N LEU C 308 26.48 15.70 12.52
CA LEU C 308 25.01 15.81 12.35
C LEU C 308 24.54 14.72 11.38
N VAL C 309 23.87 13.70 11.91
CA VAL C 309 23.26 12.59 11.13
C VAL C 309 21.80 12.97 10.84
N MET C 310 21.38 12.91 9.58
CA MET C 310 20.03 13.42 9.22
C MET C 310 19.08 12.32 8.74
N PRO C 311 17.76 12.55 8.83
CA PRO C 311 16.77 11.56 8.43
C PRO C 311 16.78 11.20 6.94
N ASN C 312 16.91 12.21 6.08
CA ASN C 312 16.81 11.97 4.62
C ASN C 312 17.83 12.84 3.88
N MET C 313 18.23 12.40 2.69
CA MET C 313 19.18 13.18 1.83
C MET C 313 18.60 14.56 1.52
N GLU C 314 17.28 14.74 1.56
CA GLU C 314 16.73 16.08 1.24
C GLU C 314 17.14 17.03 2.35
N ALA C 315 16.81 16.68 3.59
CA ALA C 315 17.17 17.51 4.75
C ALA C 315 18.69 17.70 4.83
N ALA C 316 19.46 16.66 4.48
CA ALA C 316 20.94 16.61 4.57
C ALA C 316 21.57 17.57 3.56
N ARG C 317 21.16 17.52 2.29
CA ARG C 317 21.85 18.37 1.28
C ARG C 317 21.31 19.80 1.29
N ILE C 318 20.01 20.00 1.51
CA ILE C 318 19.48 21.38 1.59
C ILE C 318 20.15 22.10 2.75
N SER C 319 20.28 21.43 3.89
CA SER C 319 20.90 22.04 5.09
C SER C 319 22.38 22.37 4.83
N TYR C 320 23.16 21.41 4.34
CA TYR C 320 24.59 21.64 4.03
C TYR C 320 24.72 22.75 2.99
N ASN C 321 24.01 22.60 1.89
CA ASN C 321 24.08 23.57 0.76
C ASN C 321 23.87 24.99 1.28
N LEU C 322 22.78 25.24 2.00
CA LEU C 322 22.43 26.58 2.54
C LEU C 322 23.50 27.01 3.55
N LEU C 323 23.93 26.09 4.42
CA LEU C 323 24.93 26.35 5.49
C LEU C 323 26.29 26.70 4.87
N ARG C 324 26.70 26.02 3.80
CA ARG C 324 28.02 26.22 3.13
C ARG C 324 28.11 27.63 2.54
N VAL C 325 27.05 28.11 1.91
CA VAL C 325 27.06 29.44 1.20
C VAL C 325 26.77 30.56 2.19
N SER C 326 26.22 30.25 3.36
CA SER C 326 25.81 31.23 4.40
C SER C 326 26.84 31.30 5.54
N SER C 327 27.65 30.25 5.72
CA SER C 327 28.89 30.28 6.54
C SER C 327 29.97 31.03 5.76
N SER C 328 30.71 31.93 6.45
CA SER C 328 31.76 32.81 5.87
C SER C 328 33.13 32.08 5.83
N GLU C 329 33.25 31.05 6.67
CA GLU C 329 34.48 30.24 6.73
C GLU C 329 34.45 29.27 5.56
N GLY C 330 35.61 28.77 5.17
CA GLY C 330 35.71 27.88 4.00
C GLY C 330 35.76 26.41 4.39
N VAL C 331 35.69 25.53 3.38
CA VAL C 331 35.66 24.05 3.64
C VAL C 331 36.97 23.40 3.18
N THR C 332 37.21 22.17 3.60
CA THR C 332 38.47 21.46 3.27
C THR C 332 38.17 20.07 2.71
N VAL C 333 37.30 19.31 3.37
CA VAL C 333 37.02 17.92 2.93
C VAL C 333 35.54 17.78 2.58
N GLY C 334 35.21 16.89 1.66
CA GLY C 334 33.82 16.71 1.21
C GLY C 334 33.77 16.42 -0.27
N PRO C 335 32.88 15.52 -0.73
CA PRO C 335 32.21 14.56 0.13
C PRO C 335 33.05 13.32 0.51
N VAL C 336 33.22 13.05 1.81
CA VAL C 336 33.98 11.85 2.27
C VAL C 336 33.09 10.62 2.08
N LEU C 337 33.40 9.79 1.09
CA LEU C 337 32.75 8.47 0.89
C LEU C 337 33.24 7.48 1.96
N MET C 338 32.31 6.85 2.67
CA MET C 338 32.58 5.88 3.77
C MET C 338 31.82 4.58 3.48
N GLY C 339 32.49 3.44 3.65
CA GLY C 339 31.87 2.09 3.65
C GLY C 339 32.24 1.27 2.44
N VAL C 340 33.15 1.76 1.59
CA VAL C 340 33.61 1.05 0.36
C VAL C 340 34.95 0.38 0.65
N ALA C 341 35.22 -0.75 0.01
CA ALA C 341 36.32 -1.70 0.34
C ALA C 341 37.67 -1.22 -0.22
N LYS C 342 37.67 -0.16 -1.04
CA LYS C 342 38.90 0.48 -1.57
C LYS C 342 38.84 1.99 -1.34
N PRO C 343 40.00 2.66 -1.13
CA PRO C 343 40.02 4.09 -0.81
C PRO C 343 39.67 4.95 -2.03
N VAL C 344 38.44 5.49 -2.05
CA VAL C 344 37.85 6.22 -3.20
C VAL C 344 36.89 7.28 -2.67
N HIS C 345 36.84 8.43 -3.34
CA HIS C 345 35.88 9.53 -3.04
C HIS C 345 35.32 10.06 -4.35
N VAL C 346 33.99 10.20 -4.41
CA VAL C 346 33.33 10.82 -5.58
C VAL C 346 33.07 12.26 -5.15
N LEU C 347 33.42 13.22 -5.99
CA LEU C 347 33.28 14.64 -5.60
C LEU C 347 32.17 15.28 -6.42
N THR C 348 32.19 16.60 -6.53
CA THR C 348 31.12 17.33 -7.27
C THR C 348 31.78 18.17 -8.36
N PRO C 349 31.07 18.61 -9.41
CA PRO C 349 31.68 19.47 -10.43
C PRO C 349 32.16 20.84 -9.88
N ILE C 350 31.60 21.29 -8.75
CA ILE C 350 31.94 22.63 -8.19
C ILE C 350 33.08 22.51 -7.18
N ALA C 351 33.69 21.34 -7.06
CA ALA C 351 34.83 21.08 -6.15
C ALA C 351 36.05 21.84 -6.65
N SER C 352 36.64 22.70 -5.81
CA SER C 352 37.82 23.55 -6.14
C SER C 352 39.07 22.67 -6.30
N VAL C 353 40.15 23.26 -6.79
CA VAL C 353 41.46 22.56 -7.00
C VAL C 353 42.03 22.14 -5.64
N ARG C 354 41.89 22.98 -4.62
CA ARG C 354 42.42 22.70 -3.26
C ARG C 354 41.73 21.46 -2.69
N ARG C 355 40.41 21.34 -2.83
CA ARG C 355 39.70 20.16 -2.30
C ARG C 355 40.26 18.89 -2.96
N ILE C 356 40.31 18.90 -4.27
CA ILE C 356 40.81 17.70 -5.03
C ILE C 356 42.11 17.23 -4.36
N VAL C 357 43.01 18.16 -4.04
CA VAL C 357 44.32 17.87 -3.39
C VAL C 357 44.06 17.29 -1.99
N ASN C 358 43.21 17.94 -1.19
CA ASN C 358 42.97 17.50 0.22
C ASN C 358 42.30 16.13 0.27
N MET C 359 41.49 15.79 -0.74
CA MET C 359 40.77 14.49 -0.79
C MET C 359 41.70 13.39 -1.32
N VAL C 360 42.64 13.74 -2.21
CA VAL C 360 43.73 12.82 -2.65
C VAL C 360 44.60 12.51 -1.43
N ALA C 361 45.11 13.56 -0.77
CA ALA C 361 45.89 13.46 0.48
C ALA C 361 45.20 12.47 1.42
N LEU C 362 43.89 12.64 1.65
CA LEU C 362 43.06 11.77 2.52
C LEU C 362 43.10 10.34 1.98
N ALA C 363 42.91 10.18 0.67
CA ALA C 363 42.81 8.88 -0.03
C ALA C 363 44.16 8.14 0.06
N VAL C 364 45.28 8.87 0.08
CA VAL C 364 46.65 8.30 0.18
C VAL C 364 46.84 7.70 1.58
N VAL C 365 46.53 8.47 2.64
CA VAL C 365 46.51 8.01 4.06
C VAL C 365 45.57 6.81 4.17
N GLU C 366 44.56 6.76 3.30
CA GLU C 366 43.54 5.69 3.34
C GLU C 366 44.10 4.45 2.66
N ALA C 367 44.92 4.62 1.62
CA ALA C 367 45.57 3.47 0.98
C ALA C 367 46.52 2.88 2.00
N GLN C 368 47.36 3.71 2.61
CA GLN C 368 48.15 3.17 3.73
C GLN C 368 47.10 3.04 4.82
N THR C 369 47.37 2.35 5.92
CA THR C 369 46.30 2.15 6.92
C THR C 369 45.13 1.38 6.29
N GLN C 370 43.89 1.81 6.56
CA GLN C 370 42.70 1.06 6.08
C GLN C 370 41.66 2.03 5.48
N PRO C 371 40.74 1.59 4.58
CA PRO C 371 39.79 2.48 3.92
C PRO C 371 38.55 2.95 4.69
N LEU C 372 38.27 4.26 4.66
CA LEU C 372 37.04 4.82 5.26
C LEU C 372 37.16 6.35 5.30
N GLY D 41 18.07 49.59 11.21
CA GLY D 41 17.72 48.81 9.99
C GLY D 41 16.48 47.96 10.20
N LEU D 42 15.32 48.64 10.24
CA LEU D 42 14.05 47.97 10.63
C LEU D 42 12.96 47.96 9.54
N PHE D 43 12.63 46.77 9.00
CA PHE D 43 11.52 46.62 8.02
C PHE D 43 10.23 46.62 8.83
N MET D 44 10.37 46.48 10.13
CA MET D 44 9.23 46.60 11.08
C MET D 44 8.75 48.06 11.15
N LYS D 45 9.61 48.99 10.78
CA LYS D 45 9.28 50.44 10.92
C LYS D 45 7.99 50.73 10.17
N PRO D 46 7.85 50.38 8.87
CA PRO D 46 6.60 50.59 8.16
C PRO D 46 5.38 49.93 8.83
N ILE D 47 5.58 48.70 9.36
CA ILE D 47 4.55 47.89 10.06
C ILE D 47 4.14 48.63 11.34
N PHE D 48 5.07 48.93 12.23
CA PHE D 48 4.73 49.68 13.46
C PHE D 48 3.92 50.92 13.07
N SER D 49 4.48 51.77 12.21
CA SER D 49 3.84 53.05 11.81
C SER D 49 2.34 52.84 11.56
N GLN D 50 2.00 51.82 10.78
CA GLN D 50 0.62 51.55 10.29
C GLN D 50 -0.25 51.03 11.45
N ALA D 51 0.36 50.30 12.38
CA ALA D 51 -0.30 49.80 13.61
C ALA D 51 -0.67 50.97 14.52
N ARG D 52 0.28 51.89 14.73
CA ARG D 52 0.16 53.06 15.65
C ARG D 52 -0.97 53.99 15.20
N LYS D 53 -1.19 54.09 13.88
CA LYS D 53 -2.16 55.04 13.27
C LYS D 53 -3.60 54.62 13.56
N ALA D 54 -3.85 53.33 13.82
CA ALA D 54 -5.16 52.77 14.23
C ALA D 54 -4.95 51.48 15.01
N PRO D 55 -4.50 51.56 16.28
CA PRO D 55 -4.27 50.36 17.08
C PRO D 55 -5.49 49.45 17.08
N LYS D 56 -5.28 48.15 17.19
CA LYS D 56 -6.41 47.18 17.19
C LYS D 56 -6.30 46.30 18.45
N ARG D 57 -7.40 45.69 18.85
CA ARG D 57 -7.43 44.89 20.10
C ARG D 57 -6.84 43.50 19.84
N VAL D 58 -5.82 43.11 20.61
CA VAL D 58 -5.13 41.82 20.37
C VAL D 58 -5.20 40.94 21.62
N VAL D 59 -5.62 39.69 21.42
CA VAL D 59 -5.75 38.73 22.56
C VAL D 59 -4.42 38.01 22.77
N LEU D 60 -3.98 37.96 24.02
CA LEU D 60 -2.73 37.27 24.42
C LEU D 60 -3.09 36.19 25.43
N PRO D 61 -3.54 35.00 24.96
CA PRO D 61 -4.02 33.92 25.84
C PRO D 61 -3.10 33.59 27.02
N GLU D 62 -1.79 33.76 26.85
CA GLU D 62 -0.81 33.51 27.94
C GLU D 62 -0.60 34.83 28.68
N GLY D 63 -1.64 35.32 29.33
CA GLY D 63 -1.66 36.63 30.03
C GLY D 63 -0.81 36.63 31.29
N GLU D 64 -0.57 35.44 31.87
CA GLU D 64 0.16 35.29 33.16
C GLU D 64 1.67 35.14 32.90
N GLU D 65 2.09 35.03 31.64
CA GLU D 65 3.53 34.84 31.26
C GLU D 65 4.29 36.16 31.45
N ALA D 66 5.51 36.07 32.00
CA ALA D 66 6.42 37.21 32.26
C ALA D 66 6.64 37.99 30.96
N ARG D 67 7.04 37.29 29.90
CA ARG D 67 7.43 37.88 28.58
C ARG D 67 6.23 38.63 27.99
N VAL D 68 5.02 38.09 28.13
CA VAL D 68 3.76 38.66 27.57
C VAL D 68 3.42 39.97 28.31
N LEU D 69 3.65 40.02 29.62
CA LEU D 69 3.42 41.24 30.46
C LEU D 69 4.38 42.35 30.02
N HIS D 70 5.68 42.04 29.89
CA HIS D 70 6.73 42.95 29.35
C HIS D 70 6.27 43.51 28.00
N ALA D 71 5.84 42.63 27.09
CA ALA D 71 5.39 42.93 25.71
C ALA D 71 4.17 43.86 25.75
N THR D 72 3.29 43.70 26.74
CA THR D 72 2.07 44.56 26.86
C THR D 72 2.53 45.96 27.27
N GLN D 73 3.39 46.07 28.27
CA GLN D 73 3.96 47.37 28.72
C GLN D 73 4.56 48.10 27.50
N GLU D 74 5.38 47.39 26.73
CA GLU D 74 6.09 47.94 25.53
C GLU D 74 5.05 48.34 24.47
N LEU D 75 4.06 47.49 24.22
CA LEU D 75 2.98 47.72 23.22
C LEU D 75 2.19 48.99 23.58
N VAL D 76 1.85 49.15 24.87
CA VAL D 76 1.08 50.32 25.39
C VAL D 76 1.95 51.58 25.30
N THR D 77 3.22 51.49 25.69
CA THR D 77 4.23 52.59 25.60
C THR D 77 4.35 53.04 24.14
N LEU D 78 4.57 52.10 23.21
CA LEU D 78 4.74 52.38 21.75
C LEU D 78 3.37 52.58 21.09
N GLY D 79 2.28 52.46 21.84
CA GLY D 79 0.90 52.74 21.39
C GLY D 79 0.56 51.99 20.11
N LEU D 80 0.96 50.73 20.03
CA LEU D 80 0.76 49.94 18.80
C LEU D 80 -0.50 49.10 18.91
N ALA D 81 -0.84 48.65 20.12
CA ALA D 81 -2.01 47.74 20.23
C ALA D 81 -2.81 47.97 21.51
N LYS D 82 -4.11 47.72 21.45
CA LYS D 82 -4.95 47.76 22.68
C LYS D 82 -4.99 46.33 23.22
N PRO D 83 -4.10 45.94 24.15
CA PRO D 83 -4.01 44.54 24.59
C PRO D 83 -5.12 43.94 25.46
N ILE D 84 -5.42 42.65 25.27
CA ILE D 84 -6.44 41.91 26.08
C ILE D 84 -5.80 40.61 26.59
N LEU D 85 -5.30 40.59 27.82
CA LEU D 85 -4.64 39.40 28.44
C LEU D 85 -5.71 38.47 29.02
N ILE D 86 -5.43 37.16 29.04
CA ILE D 86 -6.33 36.10 29.59
C ILE D 86 -5.58 35.37 30.72
N GLY D 87 -6.26 35.12 31.82
CA GLY D 87 -5.70 34.52 33.06
C GLY D 87 -6.34 35.12 34.29
N ARG D 88 -5.82 34.76 35.47
CA ARG D 88 -6.35 35.18 36.79
C ARG D 88 -5.93 36.62 37.06
N PRO D 89 -6.88 37.58 37.27
CA PRO D 89 -6.52 38.98 37.53
C PRO D 89 -5.62 39.10 38.76
N ASN D 90 -5.89 38.25 39.77
CA ASN D 90 -5.13 38.09 41.03
C ASN D 90 -3.64 37.81 40.73
N VAL D 91 -3.35 37.10 39.64
CA VAL D 91 -1.98 36.61 39.28
C VAL D 91 -1.32 37.56 38.27
N ILE D 92 -2.10 38.18 37.39
CA ILE D 92 -1.60 39.17 36.39
C ILE D 92 -1.13 40.42 37.16
N GLU D 93 -2.00 41.00 37.99
CA GLU D 93 -1.73 42.23 38.78
C GLU D 93 -0.59 41.97 39.79
N MET D 94 -0.38 40.72 40.18
CA MET D 94 0.66 40.44 41.20
C MET D 94 2.04 40.52 40.56
N ARG D 95 2.22 39.91 39.39
CA ARG D 95 3.55 39.84 38.72
C ARG D 95 3.83 41.14 37.94
N ILE D 96 2.82 41.97 37.68
CA ILE D 96 3.00 43.36 37.13
C ILE D 96 3.75 44.20 38.17
N GLN D 97 3.50 43.94 39.46
CA GLN D 97 4.25 44.54 40.61
C GLN D 97 5.68 43.97 40.63
N LYS D 98 5.80 42.65 40.71
CA LYS D 98 7.08 41.91 40.89
C LYS D 98 8.09 42.27 39.79
N LEU D 99 7.61 42.63 38.59
CA LEU D 99 8.44 42.98 37.40
C LEU D 99 8.56 44.50 37.26
N GLY D 100 8.08 45.26 38.25
CA GLY D 100 8.18 46.73 38.32
C GLY D 100 7.68 47.40 37.04
N LEU D 101 6.52 46.97 36.56
CA LEU D 101 5.93 47.53 35.32
C LEU D 101 4.86 48.56 35.72
N GLN D 102 4.46 49.42 34.78
CA GLN D 102 3.54 50.54 35.14
C GLN D 102 2.27 50.46 34.31
N ILE D 103 1.72 49.25 34.14
CA ILE D 103 0.45 49.08 33.36
C ILE D 103 -0.66 48.73 34.34
N LYS D 104 -1.91 49.04 33.97
CA LYS D 104 -3.06 48.81 34.89
C LYS D 104 -4.20 48.16 34.12
N ALA D 105 -5.10 47.46 34.82
CA ALA D 105 -6.20 46.71 34.17
C ALA D 105 -7.36 47.65 33.81
N GLY D 106 -7.47 48.79 34.49
CA GLY D 106 -8.53 49.80 34.26
C GLY D 106 -8.62 50.24 32.81
N VAL D 107 -7.55 50.85 32.29
CA VAL D 107 -7.53 51.54 30.95
C VAL D 107 -6.45 50.92 30.03
N ASP D 108 -5.22 50.76 30.53
CA ASP D 108 -4.03 50.34 29.73
C ASP D 108 -4.35 49.06 28.93
N PHE D 109 -4.87 48.02 29.57
CA PHE D 109 -5.22 46.72 28.95
C PHE D 109 -6.41 46.09 29.70
N GLU D 110 -7.36 45.58 28.92
CA GLU D 110 -8.53 44.91 29.50
C GLU D 110 -8.15 43.46 29.81
N ILE D 111 -8.65 42.96 30.95
CA ILE D 111 -8.35 41.56 31.37
C ILE D 111 -9.61 40.69 31.30
N VAL D 112 -9.48 39.49 30.74
CA VAL D 112 -10.55 38.46 30.68
C VAL D 112 -10.21 37.36 31.70
N ASN D 113 -10.92 37.33 32.83
CA ASN D 113 -10.77 36.29 33.87
C ASN D 113 -11.40 34.99 33.35
N ASN D 114 -10.58 33.95 33.14
CA ASN D 114 -10.99 32.67 32.52
C ASN D 114 -11.78 31.83 33.54
N GLU D 115 -11.52 32.04 34.83
CA GLU D 115 -12.23 31.30 35.90
C GLU D 115 -13.55 32.00 36.22
N SER D 116 -13.74 33.23 35.74
CA SER D 116 -15.04 33.92 35.94
C SER D 116 -15.22 35.03 34.90
N ASP D 117 -16.29 34.96 34.10
CA ASP D 117 -16.59 36.04 33.14
C ASP D 117 -18.06 35.95 32.74
N PRO D 118 -18.80 37.06 32.74
CA PRO D 118 -20.24 37.05 32.40
C PRO D 118 -20.60 36.69 30.96
N ARG D 119 -19.59 36.51 30.08
CA ARG D 119 -19.78 36.12 28.65
C ARG D 119 -19.47 34.62 28.48
N PHE D 120 -19.32 33.89 29.58
CA PHE D 120 -18.93 32.45 29.62
C PHE D 120 -19.92 31.62 28.77
N LYS D 121 -21.20 31.64 29.15
CA LYS D 121 -22.27 30.85 28.46
C LYS D 121 -22.19 31.13 26.95
N GLU D 122 -22.11 32.40 26.55
CA GLU D 122 -22.14 32.74 25.11
C GLU D 122 -20.95 32.10 24.40
N TYR D 123 -19.82 32.01 25.09
CA TYR D 123 -18.59 31.48 24.44
C TYR D 123 -18.70 29.98 24.22
N TRP D 124 -18.79 29.20 25.29
CA TRP D 124 -18.84 27.72 25.16
C TRP D 124 -19.98 27.32 24.23
N THR D 125 -21.06 28.11 24.20
CA THR D 125 -22.20 27.85 23.30
C THR D 125 -21.75 28.03 21.84
N GLU D 126 -20.90 29.03 21.57
CA GLU D 126 -20.39 29.25 20.19
C GLU D 126 -19.38 28.17 19.85
N TYR D 127 -18.45 27.92 20.75
CA TYR D 127 -17.40 26.88 20.56
C TYR D 127 -18.07 25.52 20.32
N PHE D 128 -19.19 25.24 21.01
CA PHE D 128 -19.99 24.01 20.86
C PHE D 128 -20.74 24.03 19.52
N GLN D 129 -21.27 25.18 19.10
CA GLN D 129 -22.02 25.33 17.83
C GLN D 129 -21.10 25.02 16.64
N ILE D 130 -19.80 25.29 16.78
CA ILE D 130 -18.76 25.01 15.75
C ILE D 130 -18.39 23.52 15.80
N MET D 131 -18.19 22.96 17.00
CA MET D 131 -17.47 21.68 17.23
C MET D 131 -18.42 20.57 17.73
N LYS D 132 -19.73 20.81 17.74
CA LYS D 132 -20.75 19.82 18.21
C LYS D 132 -20.58 18.51 17.44
N ARG D 133 -20.38 18.56 16.12
CA ARG D 133 -20.30 17.38 15.22
C ARG D 133 -18.84 17.05 14.88
N ARG D 134 -17.90 17.61 15.66
CA ARG D 134 -16.44 17.39 15.46
C ARG D 134 -15.84 16.71 16.70
N GLY D 135 -16.65 16.19 17.62
CA GLY D 135 -16.19 15.34 18.74
C GLY D 135 -16.25 16.02 20.11
N VAL D 136 -16.78 17.25 20.19
CA VAL D 136 -16.80 18.07 21.44
C VAL D 136 -18.24 18.09 22.00
N THR D 137 -18.40 17.58 23.23
CA THR D 137 -19.68 17.63 23.99
C THR D 137 -19.81 19.02 24.63
N GLN D 138 -21.00 19.37 25.11
CA GLN D 138 -21.28 20.65 25.81
C GLN D 138 -20.35 20.77 27.02
N GLU D 139 -20.12 19.65 27.72
CA GLU D 139 -19.32 19.58 28.97
C GLU D 139 -17.85 19.87 28.63
N GLN D 140 -17.34 19.28 27.54
CA GLN D 140 -15.96 19.49 27.03
C GLN D 140 -15.77 20.95 26.62
N ALA D 141 -16.79 21.59 26.04
CA ALA D 141 -16.79 23.00 25.58
C ALA D 141 -16.76 23.94 26.78
N GLN D 142 -17.43 23.59 27.87
CA GLN D 142 -17.45 24.38 29.14
C GLN D 142 -16.07 24.30 29.82
N ARG D 143 -15.34 23.20 29.69
CA ARG D 143 -13.97 23.13 30.28
C ARG D 143 -13.03 23.93 29.39
N ALA D 144 -13.11 23.71 28.08
CA ALA D 144 -12.28 24.44 27.10
C ALA D 144 -12.28 25.94 27.41
N LEU D 145 -13.46 26.54 27.62
CA LEU D 145 -13.59 28.02 27.79
C LEU D 145 -13.28 28.47 29.23
N ILE D 146 -12.84 27.56 30.07
CA ILE D 146 -12.38 27.89 31.46
C ILE D 146 -10.86 27.71 31.56
N SER D 147 -10.32 26.59 31.06
CA SER D 147 -8.90 26.19 31.25
C SER D 147 -8.21 25.88 29.91
N ASN D 148 -8.61 26.53 28.82
CA ASN D 148 -7.87 26.60 27.54
C ASN D 148 -7.93 28.03 27.01
N PRO D 149 -6.94 28.89 27.37
CA PRO D 149 -7.01 30.31 27.04
C PRO D 149 -6.97 30.61 25.53
N THR D 150 -6.35 29.73 24.73
CA THR D 150 -6.22 29.88 23.26
C THR D 150 -7.60 29.75 22.61
N VAL D 151 -8.47 28.88 23.15
CA VAL D 151 -9.87 28.67 22.68
C VAL D 151 -10.70 29.92 23.04
N ILE D 152 -10.54 30.46 24.25
CA ILE D 152 -11.24 31.70 24.70
C ILE D 152 -10.92 32.79 23.68
N GLY D 153 -9.62 33.07 23.51
CA GLY D 153 -9.11 34.09 22.57
C GLY D 153 -9.66 33.89 21.16
N ALA D 154 -9.68 32.65 20.67
CA ALA D 154 -10.15 32.30 19.31
C ALA D 154 -11.63 32.70 19.16
N ILE D 155 -12.46 32.35 20.15
CA ILE D 155 -13.92 32.66 20.17
C ILE D 155 -14.11 34.18 20.25
N MET D 156 -13.34 34.85 21.12
CA MET D 156 -13.36 36.33 21.27
C MET D 156 -13.15 36.98 19.89
N VAL D 157 -12.11 36.58 19.17
CA VAL D 157 -11.74 37.14 17.83
C VAL D 157 -12.86 36.84 16.83
N GLN D 158 -13.41 35.62 16.87
CA GLN D 158 -14.50 35.16 15.97
C GLN D 158 -15.76 36.00 16.21
N ARG D 159 -16.02 36.38 17.46
CA ARG D 159 -17.22 37.15 17.89
C ARG D 159 -17.07 38.64 17.55
N GLY D 160 -15.82 39.11 17.37
CA GLY D 160 -15.51 40.51 17.02
C GLY D 160 -15.22 41.36 18.24
N GLU D 161 -15.09 40.74 19.41
CA GLU D 161 -14.70 41.40 20.69
C GLU D 161 -13.17 41.55 20.74
N ALA D 162 -12.49 41.08 19.69
CA ALA D 162 -11.04 41.28 19.45
C ALA D 162 -10.78 41.14 17.94
N ASP D 163 -9.68 41.72 17.47
CA ASP D 163 -9.38 41.85 16.02
C ASP D 163 -8.31 40.84 15.62
N ALA D 164 -7.38 40.53 16.53
CA ALA D 164 -6.23 39.64 16.28
C ALA D 164 -5.86 38.88 17.57
N MET D 165 -5.02 37.85 17.43
CA MET D 165 -4.52 37.01 18.54
C MET D 165 -3.05 36.64 18.26
N ILE D 166 -2.23 36.60 19.31
CA ILE D 166 -0.86 36.02 19.33
C ILE D 166 -0.82 35.03 20.50
N CYS D 167 -0.45 33.79 20.20
CA CYS D 167 -0.42 32.69 21.21
C CYS D 167 0.77 31.77 20.95
N GLY D 168 0.96 30.76 21.79
CA GLY D 168 2.02 29.76 21.60
C GLY D 168 3.33 30.13 22.27
N THR D 169 3.29 31.06 23.24
CA THR D 169 4.42 31.37 24.14
C THR D 169 4.60 30.22 25.13
N VAL D 170 3.61 29.31 25.21
CA VAL D 170 3.61 28.08 26.05
C VAL D 170 2.95 26.94 25.26
N GLY D 171 3.47 25.72 25.36
CA GLY D 171 2.86 24.50 24.80
C GLY D 171 3.45 24.12 23.45
N ASP D 172 2.65 23.39 22.67
CA ASP D 172 3.09 22.91 21.34
C ASP D 172 2.33 23.67 20.25
N TYR D 173 2.96 23.87 19.10
CA TYR D 173 2.40 24.65 17.96
C TYR D 173 1.00 24.15 17.62
N HIS D 174 0.82 22.86 17.36
CA HIS D 174 -0.47 22.34 16.87
C HIS D 174 -1.58 22.41 17.92
N GLU D 175 -1.23 22.31 19.18
CA GLU D 175 -2.26 22.53 20.24
C GLU D 175 -3.00 23.84 19.94
N HIS D 176 -2.26 24.90 19.60
CA HIS D 176 -2.78 26.26 19.34
C HIS D 176 -3.32 26.37 17.91
N PHE D 177 -2.59 25.82 16.93
CA PHE D 177 -2.94 25.93 15.49
C PHE D 177 -4.29 25.26 15.22
N SER D 178 -4.47 24.01 15.66
CA SER D 178 -5.69 23.21 15.43
C SER D 178 -6.93 23.95 15.95
N VAL D 179 -6.79 24.64 17.09
CA VAL D 179 -7.83 25.52 17.70
C VAL D 179 -8.11 26.67 16.71
N VAL D 180 -7.07 27.35 16.24
CA VAL D 180 -7.22 28.49 15.31
C VAL D 180 -7.87 28.01 14.01
N LYS D 181 -7.41 26.87 13.49
CA LYS D 181 -7.96 26.32 12.22
C LYS D 181 -9.44 25.97 12.40
N ASN D 182 -9.79 25.29 13.49
CA ASN D 182 -11.17 24.83 13.81
C ASN D 182 -12.12 26.04 13.83
N VAL D 183 -11.79 27.05 14.65
CA VAL D 183 -12.71 28.19 14.96
C VAL D 183 -12.78 29.14 13.77
N PHE D 184 -11.64 29.47 13.15
CA PHE D 184 -11.51 30.51 12.11
C PHE D 184 -11.68 29.90 10.70
N GLY D 185 -11.04 28.76 10.45
CA GLY D 185 -10.99 28.12 9.12
C GLY D 185 -10.01 28.83 8.20
N TYR D 186 -9.97 28.39 6.94
CA TYR D 186 -9.01 28.96 5.96
C TYR D 186 -9.64 30.18 5.27
N ARG D 187 -8.80 31.04 4.70
CA ARG D 187 -9.30 32.22 3.96
C ARG D 187 -9.98 31.74 2.68
N ASP D 188 -10.73 32.61 2.03
CA ASP D 188 -11.47 32.21 0.80
C ASP D 188 -10.48 31.91 -0.31
N GLY D 189 -10.68 30.81 -1.04
CA GLY D 189 -9.78 30.44 -2.14
C GLY D 189 -8.61 29.61 -1.67
N VAL D 190 -8.36 29.61 -0.37
CA VAL D 190 -7.23 28.83 0.20
C VAL D 190 -7.78 27.55 0.79
N HIS D 191 -7.00 26.48 0.72
CA HIS D 191 -7.42 25.14 1.24
C HIS D 191 -6.31 24.53 2.12
N THR D 192 -5.35 25.37 2.54
CA THR D 192 -4.23 24.93 3.41
C THR D 192 -3.56 26.12 4.11
N ALA D 193 -2.93 25.90 5.26
CA ALA D 193 -2.17 26.92 6.02
C ALA D 193 -0.67 26.61 5.91
N GLY D 194 0.16 27.57 6.27
CA GLY D 194 1.63 27.44 6.23
C GLY D 194 2.30 28.49 7.10
N ALA D 195 3.37 28.10 7.80
CA ALA D 195 4.22 28.99 8.63
C ALA D 195 5.49 29.35 7.85
N MET D 196 5.95 30.59 8.01
CA MET D 196 7.15 31.15 7.34
C MET D 196 8.06 31.77 8.41
N ASN D 197 9.34 31.42 8.34
CA ASN D 197 10.34 32.00 9.27
C ASN D 197 11.31 32.87 8.46
N ALA D 198 12.04 33.76 9.13
CA ALA D 198 12.92 34.75 8.49
C ALA D 198 14.35 34.60 9.04
N LEU D 199 15.35 34.72 8.16
CA LEU D 199 16.79 34.74 8.51
C LEU D 199 17.45 35.92 7.78
N LEU D 200 18.51 36.48 8.37
CA LEU D 200 19.45 37.38 7.68
C LEU D 200 20.70 36.56 7.30
N LEU D 201 20.72 36.05 6.07
CA LEU D 201 21.89 35.40 5.45
C LEU D 201 22.69 36.47 4.72
N PRO D 202 23.96 36.21 4.34
CA PRO D 202 24.71 37.15 3.50
C PRO D 202 23.92 37.63 2.28
N SER D 203 23.05 36.81 1.70
CA SER D 203 22.28 37.14 0.47
C SER D 203 21.23 38.20 0.75
N GLY D 204 20.89 38.37 2.01
CA GLY D 204 19.88 39.35 2.47
C GLY D 204 18.85 38.69 3.38
N ASN D 205 17.76 39.39 3.67
CA ASN D 205 16.57 38.81 4.35
C ASN D 205 16.09 37.62 3.51
N THR D 206 15.94 36.46 4.14
CA THR D 206 15.60 35.16 3.47
C THR D 206 14.56 34.43 4.31
N PHE D 207 13.43 34.07 3.70
CA PHE D 207 12.27 33.41 4.33
C PHE D 207 12.24 31.92 3.94
N ILE D 208 11.76 31.07 4.84
CA ILE D 208 11.63 29.59 4.63
C ILE D 208 10.20 29.17 4.96
N ALA D 209 9.60 28.35 4.10
CA ALA D 209 8.28 27.70 4.34
C ALA D 209 8.31 26.29 3.74
N ASP D 210 7.38 25.41 4.15
CA ASP D 210 6.60 25.51 5.42
C ASP D 210 7.42 24.93 6.57
N THR D 211 7.44 25.61 7.71
CA THR D 211 8.32 25.20 8.82
C THR D 211 7.58 24.54 9.98
N TYR D 212 6.27 24.75 10.10
CA TYR D 212 5.58 24.25 11.33
C TYR D 212 4.24 23.55 11.07
N VAL D 213 3.53 23.85 9.98
CA VAL D 213 2.15 23.29 9.82
C VAL D 213 2.17 21.95 9.08
N ASN D 214 2.36 21.97 7.76
CA ASN D 214 2.30 20.72 6.96
C ASN D 214 3.62 19.96 7.10
N ASP D 215 3.55 18.70 7.53
CA ASP D 215 4.78 17.90 7.75
C ASP D 215 5.29 17.41 6.41
N GLU D 216 4.39 17.07 5.50
CA GLU D 216 4.79 16.69 4.13
C GLU D 216 3.69 17.11 3.17
N PRO D 217 3.64 18.38 2.75
CA PRO D 217 2.57 18.89 1.88
C PRO D 217 2.67 18.29 0.46
N ASP D 218 1.53 18.17 -0.23
CA ASP D 218 1.45 17.68 -1.64
C ASP D 218 1.68 18.85 -2.60
N ALA D 219 1.76 18.56 -3.91
CA ALA D 219 2.03 19.54 -4.98
C ALA D 219 1.08 20.73 -4.88
N GLU D 220 -0.20 20.48 -4.56
CA GLU D 220 -1.26 21.50 -4.45
C GLU D 220 -1.01 22.38 -3.21
N GLU D 221 -0.68 21.75 -2.08
CA GLU D 221 -0.46 22.45 -0.79
C GLU D 221 0.78 23.34 -0.90
N LEU D 222 1.86 22.83 -1.51
CA LEU D 222 3.11 23.61 -1.77
C LEU D 222 2.78 24.82 -2.67
N ALA D 223 2.01 24.58 -3.74
CA ALA D 223 1.60 25.63 -4.71
C ALA D 223 0.95 26.80 -3.97
N GLU D 224 0.03 26.52 -3.04
CA GLU D 224 -0.71 27.56 -2.28
C GLU D 224 0.21 28.27 -1.30
N ILE D 225 1.05 27.50 -0.58
CA ILE D 225 2.06 28.00 0.40
C ILE D 225 2.96 29.04 -0.30
N THR D 226 3.56 28.65 -1.43
CA THR D 226 4.41 29.51 -2.30
C THR D 226 3.71 30.85 -2.58
N LEU D 227 2.45 30.81 -3.01
CA LEU D 227 1.66 32.02 -3.38
C LEU D 227 1.41 32.87 -2.13
N MET D 228 1.10 32.25 -0.99
CA MET D 228 0.87 32.95 0.30
C MET D 228 2.16 33.64 0.73
N ALA D 229 3.29 32.92 0.70
CA ALA D 229 4.63 33.42 1.07
C ALA D 229 5.01 34.60 0.16
N ALA D 230 4.71 34.52 -1.12
CA ALA D 230 5.06 35.61 -2.05
C ALA D 230 4.31 36.89 -1.66
N GLU D 231 3.02 36.79 -1.35
CA GLU D 231 2.23 38.01 -1.06
C GLU D 231 2.59 38.53 0.32
N THR D 232 2.98 37.66 1.23
CA THR D 232 3.37 38.09 2.59
C THR D 232 4.62 38.96 2.48
N VAL D 233 5.58 38.54 1.65
CA VAL D 233 6.85 39.32 1.48
C VAL D 233 6.53 40.57 0.67
N ARG D 234 5.72 40.42 -0.36
CA ARG D 234 5.31 41.60 -1.19
C ARG D 234 4.68 42.64 -0.27
N ARG D 235 3.97 42.22 0.78
CA ARG D 235 3.31 43.16 1.73
C ARG D 235 4.34 43.78 2.66
N PHE D 236 5.43 43.08 2.97
CA PHE D 236 6.56 43.66 3.74
C PHE D 236 7.33 44.67 2.87
N GLY D 237 6.93 44.86 1.61
CA GLY D 237 7.56 45.78 0.66
C GLY D 237 8.88 45.24 0.15
N ILE D 238 8.92 43.95 -0.22
CA ILE D 238 10.12 43.22 -0.72
C ILE D 238 9.72 42.45 -1.99
N GLU D 239 10.59 42.43 -3.01
CA GLU D 239 10.39 41.67 -4.26
C GLU D 239 10.43 40.18 -3.93
N PRO D 240 9.31 39.43 -4.05
CA PRO D 240 9.34 37.98 -3.83
C PRO D 240 10.10 37.27 -4.97
N ARG D 241 11.19 36.58 -4.62
CA ARG D 241 12.04 35.77 -5.54
C ARG D 241 12.15 34.35 -4.98
N VAL D 242 11.38 33.41 -5.55
CA VAL D 242 11.11 32.07 -4.95
C VAL D 242 11.98 30.99 -5.60
N ALA D 243 12.56 30.12 -4.77
CA ALA D 243 13.24 28.88 -5.20
C ALA D 243 12.60 27.70 -4.46
N LEU D 244 12.08 26.72 -5.20
CA LEU D 244 11.61 25.42 -4.68
C LEU D 244 12.84 24.51 -4.57
N LEU D 245 13.20 24.12 -3.34
CA LEU D 245 14.48 23.40 -3.04
C LEU D 245 14.28 21.88 -3.07
N SER D 246 15.36 21.17 -3.39
CA SER D 246 15.49 19.69 -3.40
C SER D 246 16.97 19.31 -3.41
N HIS D 247 17.27 18.01 -3.27
CA HIS D 247 18.62 17.42 -3.48
C HIS D 247 18.79 17.13 -4.98
N SER D 248 17.70 17.22 -5.74
CA SER D 248 17.66 17.13 -7.22
C SER D 248 17.92 18.51 -7.81
N ASN D 249 18.88 18.64 -8.73
CA ASN D 249 19.19 19.90 -9.46
C ASN D 249 18.55 19.81 -10.85
N PHE D 250 17.36 20.40 -11.01
CA PHE D 250 16.57 20.47 -12.27
C PHE D 250 16.54 19.09 -12.95
N GLY D 251 16.00 18.08 -12.25
CA GLY D 251 15.67 16.75 -12.79
C GLY D 251 16.76 15.71 -12.59
N SER D 252 17.80 16.00 -11.80
CA SER D 252 18.92 15.05 -11.55
C SER D 252 18.43 13.79 -10.86
N SER D 253 17.30 13.87 -10.17
CA SER D 253 16.68 12.75 -9.41
C SER D 253 15.19 12.66 -9.75
N ASP D 254 14.61 11.46 -9.65
CA ASP D 254 13.18 11.19 -9.95
C ASP D 254 12.48 10.60 -8.71
N CYS D 255 12.98 10.92 -7.50
CA CYS D 255 12.31 10.58 -6.21
C CYS D 255 10.98 11.33 -6.14
N PRO D 256 9.94 10.78 -5.46
CA PRO D 256 8.60 11.38 -5.50
C PRO D 256 8.53 12.72 -4.76
N SER D 257 9.56 13.02 -3.96
CA SER D 257 9.78 14.31 -3.25
C SER D 257 10.08 15.43 -4.26
N SER D 258 10.94 15.17 -5.25
CA SER D 258 11.44 16.17 -6.23
C SER D 258 10.42 16.37 -7.36
N SER D 259 9.76 15.28 -7.79
CA SER D 259 8.60 15.32 -8.74
C SER D 259 7.57 16.32 -8.19
N LYS D 260 7.23 16.17 -6.91
CA LYS D 260 6.26 17.02 -6.17
C LYS D 260 6.62 18.50 -6.37
N MET D 261 7.90 18.85 -6.24
CA MET D 261 8.38 20.25 -6.39
C MET D 261 8.23 20.68 -7.86
N ARG D 262 8.56 19.80 -8.81
CA ARG D 262 8.43 20.06 -10.27
C ARG D 262 6.97 20.37 -10.61
N GLN D 263 6.01 19.67 -9.99
CA GLN D 263 4.56 19.84 -10.24
C GLN D 263 4.09 21.13 -9.56
N ALA D 264 4.56 21.39 -8.34
CA ALA D 264 4.25 22.61 -7.56
C ALA D 264 4.61 23.84 -8.40
N LEU D 265 5.74 23.78 -9.12
CA LEU D 265 6.23 24.87 -9.99
C LEU D 265 5.18 25.16 -11.06
N GLU D 266 4.85 24.16 -11.90
CA GLU D 266 3.84 24.28 -12.99
C GLU D 266 2.61 25.00 -12.45
N LEU D 267 2.04 24.48 -11.36
CA LEU D 267 0.81 25.00 -10.70
C LEU D 267 1.01 26.49 -10.34
N VAL D 268 2.19 26.85 -9.81
CA VAL D 268 2.51 28.25 -9.38
C VAL D 268 2.56 29.15 -10.63
N ARG D 269 3.25 28.72 -11.70
CA ARG D 269 3.48 29.54 -12.92
C ARG D 269 2.14 29.83 -13.61
N GLU D 270 1.20 28.89 -13.58
CA GLU D 270 -0.18 29.04 -14.15
C GLU D 270 -0.94 30.12 -13.38
N ARG D 271 -0.76 30.18 -12.05
CA ARG D 271 -1.59 30.99 -11.12
C ARG D 271 -1.00 32.38 -10.93
N ALA D 272 0.32 32.56 -11.11
CA ALA D 272 1.03 33.84 -10.88
C ALA D 272 2.18 33.99 -11.88
N PRO D 273 1.89 34.15 -13.20
CA PRO D 273 2.94 34.20 -14.22
C PRO D 273 3.94 35.36 -14.02
N GLU D 274 3.57 36.37 -13.23
CA GLU D 274 4.40 37.57 -12.95
C GLU D 274 5.47 37.23 -11.91
N LEU D 275 5.13 36.40 -10.92
CA LEU D 275 6.02 36.02 -9.77
C LEU D 275 7.34 35.46 -10.31
N MET D 276 8.46 35.90 -9.73
CA MET D 276 9.81 35.36 -10.04
C MET D 276 10.01 34.07 -9.25
N ILE D 277 10.06 32.93 -9.94
CA ILE D 277 10.23 31.59 -9.32
C ILE D 277 10.99 30.67 -10.30
N ASP D 278 11.74 29.71 -9.75
CA ASP D 278 12.33 28.59 -10.54
C ASP D 278 12.63 27.42 -9.60
N GLY D 279 12.78 26.22 -10.16
CA GLY D 279 13.05 24.98 -9.41
C GLY D 279 12.86 23.75 -10.29
N GLU D 280 13.06 22.56 -9.70
CA GLU D 280 13.62 22.39 -8.38
C GLU D 280 15.15 22.49 -8.48
N MET D 281 15.82 23.01 -7.44
CA MET D 281 17.29 23.27 -7.46
C MET D 281 17.89 23.10 -6.06
N HIS D 282 19.21 23.02 -5.98
CA HIS D 282 19.99 22.96 -4.71
C HIS D 282 19.92 24.31 -4.00
N GLY D 283 20.10 24.31 -2.68
CA GLY D 283 20.10 25.53 -1.84
C GLY D 283 21.20 26.49 -2.26
N ASP D 284 22.36 25.96 -2.68
CA ASP D 284 23.53 26.78 -3.12
C ASP D 284 23.18 27.43 -4.47
N ALA D 285 22.39 26.78 -5.31
CA ALA D 285 21.94 27.30 -6.63
C ALA D 285 20.92 28.43 -6.42
N ALA D 286 20.11 28.35 -5.37
CA ALA D 286 19.08 29.36 -5.02
C ALA D 286 19.74 30.68 -4.64
N LEU D 287 20.85 30.62 -3.89
CA LEU D 287 21.44 31.79 -3.19
C LEU D 287 22.60 32.41 -3.98
N VAL D 288 23.39 31.60 -4.70
CA VAL D 288 24.60 32.08 -5.44
C VAL D 288 24.30 32.03 -6.96
N GLU D 289 24.21 33.20 -7.59
CA GLU D 289 23.76 33.39 -8.99
C GLU D 289 24.66 32.60 -9.95
N ALA D 290 25.97 32.56 -9.71
CA ALA D 290 26.99 31.93 -10.58
C ALA D 290 26.77 30.41 -10.63
N ILE D 291 26.50 29.79 -9.47
CA ILE D 291 26.29 28.32 -9.35
C ILE D 291 25.07 27.94 -10.21
N ARG D 292 24.00 28.73 -10.13
CA ARG D 292 22.73 28.52 -10.87
C ARG D 292 22.95 28.81 -12.35
N ASN D 293 23.47 30.00 -12.69
CA ASN D 293 23.70 30.45 -14.09
C ASN D 293 24.53 29.40 -14.84
N ASP D 294 25.37 28.67 -14.13
CA ASP D 294 26.24 27.65 -14.78
C ASP D 294 25.41 26.41 -15.10
N ARG D 295 24.46 26.08 -14.25
CA ARG D 295 23.60 24.88 -14.42
C ARG D 295 22.40 25.21 -15.33
N MET D 296 21.71 26.33 -15.07
CA MET D 296 20.50 26.76 -15.82
C MET D 296 20.65 28.24 -16.25
N PRO D 297 21.35 28.51 -17.38
CA PRO D 297 21.59 29.89 -17.83
C PRO D 297 20.36 30.78 -18.03
N ASP D 298 19.21 30.20 -18.44
CA ASP D 298 17.97 30.96 -18.74
C ASP D 298 17.00 30.89 -17.56
N SER D 299 17.49 30.64 -16.34
CA SER D 299 16.67 30.62 -15.11
C SER D 299 15.90 31.93 -15.00
N SER D 300 14.59 31.88 -14.70
CA SER D 300 13.76 33.09 -14.52
C SER D 300 14.15 33.77 -13.21
N LEU D 301 14.69 33.01 -12.28
CA LEU D 301 15.20 33.54 -10.99
C LEU D 301 16.50 34.33 -11.23
N LYS D 302 16.59 35.55 -10.68
CA LYS D 302 17.77 36.46 -10.74
C LYS D 302 18.35 36.65 -9.34
N GLY D 303 19.66 36.85 -9.24
CA GLY D 303 20.37 37.09 -7.97
C GLY D 303 20.08 36.00 -6.95
N SER D 304 19.91 36.38 -5.68
CA SER D 304 19.59 35.46 -4.56
C SER D 304 18.07 35.34 -4.41
N ALA D 305 17.55 34.11 -4.37
CA ALA D 305 16.17 33.82 -3.93
C ALA D 305 16.06 34.26 -2.46
N ASN D 306 14.94 34.87 -2.08
CA ASN D 306 14.67 35.35 -0.71
C ASN D 306 13.50 34.57 -0.09
N ILE D 307 12.87 33.67 -0.86
CA ILE D 307 11.87 32.68 -0.33
C ILE D 307 12.32 31.28 -0.74
N LEU D 308 12.74 30.48 0.23
CA LEU D 308 13.13 29.06 0.07
C LEU D 308 11.95 28.17 0.47
N VAL D 309 11.19 27.66 -0.50
CA VAL D 309 10.05 26.71 -0.27
C VAL D 309 10.63 25.30 -0.20
N MET D 310 10.25 24.53 0.82
CA MET D 310 10.88 23.24 1.18
C MET D 310 9.91 22.09 0.90
N PRO D 311 10.42 20.89 0.54
CA PRO D 311 9.57 19.74 0.18
C PRO D 311 8.84 19.11 1.37
N ASN D 312 9.53 19.07 2.52
CA ASN D 312 8.97 18.49 3.76
C ASN D 312 9.32 19.40 4.95
N MET D 313 8.65 19.22 6.09
CA MET D 313 8.91 20.02 7.32
C MET D 313 10.26 19.62 7.92
N GLU D 314 10.65 18.35 7.80
CA GLU D 314 11.96 17.91 8.34
C GLU D 314 13.05 18.78 7.71
N ALA D 315 13.10 18.83 6.38
CA ALA D 315 14.07 19.67 5.64
C ALA D 315 13.95 21.13 6.10
N ALA D 316 12.72 21.63 6.19
CA ALA D 316 12.40 23.03 6.55
C ALA D 316 12.96 23.36 7.93
N ARG D 317 12.52 22.66 8.98
CA ARG D 317 12.95 23.00 10.36
C ARG D 317 14.45 22.81 10.55
N ILE D 318 14.99 21.67 10.13
CA ILE D 318 16.45 21.38 10.34
C ILE D 318 17.27 22.50 9.68
N SER D 319 16.88 22.90 8.48
CA SER D 319 17.61 23.97 7.77
C SER D 319 17.58 25.24 8.60
N TYR D 320 16.39 25.70 9.01
CA TYR D 320 16.23 26.95 9.78
C TYR D 320 16.99 26.87 11.10
N ASN D 321 16.71 25.84 11.88
CA ASN D 321 17.33 25.71 13.23
C ASN D 321 18.85 25.85 13.08
N LEU D 322 19.44 25.09 12.14
CA LEU D 322 20.91 25.11 11.94
C LEU D 322 21.36 26.50 11.45
N LEU D 323 20.60 27.12 10.54
CA LEU D 323 20.97 28.44 9.95
C LEU D 323 20.79 29.54 11.01
N ARG D 324 19.75 29.46 11.84
CA ARG D 324 19.38 30.52 12.81
C ARG D 324 20.50 30.71 13.84
N VAL D 325 21.21 29.63 14.21
CA VAL D 325 22.26 29.65 15.27
C VAL D 325 23.66 29.72 14.64
N SER D 326 23.75 29.72 13.31
CA SER D 326 25.05 29.77 12.63
C SER D 326 25.17 31.13 11.94
N SER D 327 24.14 31.53 11.19
CA SER D 327 24.11 32.88 10.60
C SER D 327 23.37 33.77 11.59
N SER D 328 23.84 33.79 12.84
CA SER D 328 23.12 34.54 13.90
C SER D 328 23.47 36.02 13.85
N GLU D 329 22.60 36.84 13.29
CA GLU D 329 22.81 38.31 13.26
C GLU D 329 21.62 39.00 13.95
N GLY D 330 20.40 38.59 13.64
CA GLY D 330 19.15 39.14 14.20
C GLY D 330 17.98 38.93 13.26
N VAL D 331 16.79 38.73 13.86
CA VAL D 331 15.52 38.59 13.08
C VAL D 331 14.46 39.27 13.93
N THR D 332 13.36 39.70 13.32
CA THR D 332 12.28 40.45 14.01
C THR D 332 10.95 39.69 13.92
N VAL D 333 10.80 38.82 12.91
CA VAL D 333 9.47 38.17 12.67
C VAL D 333 9.57 36.66 12.55
N GLY D 334 8.48 35.97 12.78
CA GLY D 334 8.34 34.50 12.63
C GLY D 334 7.91 33.81 13.92
N PRO D 335 7.24 32.64 13.89
CA PRO D 335 6.70 32.04 12.68
C PRO D 335 5.46 32.77 12.14
N VAL D 336 5.51 33.24 10.90
CA VAL D 336 4.39 34.00 10.29
C VAL D 336 3.38 32.98 9.73
N LEU D 337 2.18 32.93 10.33
CA LEU D 337 1.07 32.05 9.91
C LEU D 337 0.32 32.70 8.74
N MET D 338 -0.03 31.88 7.73
CA MET D 338 -0.67 32.32 6.46
C MET D 338 -1.80 31.34 6.12
N GLY D 339 -2.89 31.83 5.55
CA GLY D 339 -4.02 31.01 5.05
C GLY D 339 -5.16 30.88 6.05
N VAL D 340 -4.99 31.42 7.26
CA VAL D 340 -6.03 31.43 8.32
C VAL D 340 -6.88 32.70 8.14
N ALA D 341 -8.20 32.56 8.28
CA ALA D 341 -9.23 33.57 7.89
C ALA D 341 -9.36 34.69 8.92
N LYS D 342 -8.49 34.74 9.94
CA LYS D 342 -8.40 35.87 10.92
C LYS D 342 -6.94 36.19 11.19
N PRO D 343 -6.63 37.41 11.70
CA PRO D 343 -5.25 37.78 12.03
C PRO D 343 -4.75 37.02 13.28
N VAL D 344 -4.19 35.83 13.09
CA VAL D 344 -3.62 35.00 14.18
C VAL D 344 -2.20 34.58 13.82
N HIS D 345 -1.35 34.43 14.84
CA HIS D 345 0.03 33.88 14.73
C HIS D 345 0.33 33.03 15.97
N VAL D 346 0.75 31.79 15.75
CA VAL D 346 1.26 30.86 16.80
C VAL D 346 2.78 31.01 16.82
N LEU D 347 3.34 31.39 17.96
CA LEU D 347 4.81 31.51 18.19
C LEU D 347 5.31 30.23 18.87
N THR D 348 6.60 30.20 19.22
CA THR D 348 7.27 29.09 19.96
C THR D 348 7.36 29.47 21.43
N PRO D 349 7.63 28.52 22.35
CA PRO D 349 7.91 28.84 23.75
C PRO D 349 9.22 29.63 23.99
N ILE D 350 10.13 29.67 23.01
CA ILE D 350 11.45 30.40 23.11
C ILE D 350 11.30 31.82 22.52
N ALA D 351 10.11 32.20 22.07
CA ALA D 351 9.81 33.55 21.54
C ALA D 351 10.28 34.60 22.55
N SER D 352 11.01 35.62 22.09
CA SER D 352 11.54 36.75 22.90
C SER D 352 10.41 37.75 23.16
N VAL D 353 10.69 38.80 23.94
CA VAL D 353 9.71 39.90 24.25
C VAL D 353 9.52 40.73 22.98
N ARG D 354 10.59 41.01 22.23
CA ARG D 354 10.45 41.77 20.97
C ARG D 354 9.65 40.95 19.98
N ARG D 355 9.95 39.66 19.83
CA ARG D 355 9.23 38.86 18.82
C ARG D 355 7.73 39.04 19.05
N ILE D 356 7.29 38.92 20.31
CA ILE D 356 5.83 39.03 20.62
C ILE D 356 5.36 40.42 20.19
N VAL D 357 6.09 41.47 20.57
CA VAL D 357 5.78 42.89 20.21
C VAL D 357 5.68 43.00 18.68
N ASN D 358 6.71 42.49 17.99
CA ASN D 358 6.82 42.51 16.50
C ASN D 358 5.58 41.87 15.88
N MET D 359 5.29 40.62 16.27
CA MET D 359 4.19 39.80 15.70
C MET D 359 2.83 40.42 16.05
N VAL D 360 2.70 40.97 17.27
CA VAL D 360 1.47 41.70 17.70
C VAL D 360 1.27 42.87 16.74
N ALA D 361 2.34 43.64 16.48
CA ALA D 361 2.34 44.79 15.54
C ALA D 361 1.85 44.31 14.16
N LEU D 362 2.48 43.28 13.61
CA LEU D 362 2.12 42.68 12.29
C LEU D 362 0.64 42.30 12.30
N ALA D 363 0.19 41.61 13.35
CA ALA D 363 -1.21 41.12 13.52
C ALA D 363 -2.19 42.30 13.45
N VAL D 364 -1.82 43.45 14.02
CA VAL D 364 -2.66 44.69 14.05
C VAL D 364 -2.92 45.16 12.61
N VAL D 365 -1.91 45.06 11.74
CA VAL D 365 -1.96 45.59 10.34
C VAL D 365 -2.82 44.65 9.46
N GLU D 366 -2.75 43.35 9.67
CA GLU D 366 -3.63 42.43 8.91
C GLU D 366 -5.06 42.74 9.32
N ALA D 367 -5.25 42.98 10.62
CA ALA D 367 -6.59 43.30 11.14
C ALA D 367 -7.09 44.55 10.43
N GLN D 368 -6.22 45.54 10.31
CA GLN D 368 -6.58 46.79 9.61
C GLN D 368 -6.81 46.46 8.14
N THR D 369 -5.94 45.64 7.55
CA THR D 369 -6.06 45.28 6.12
C THR D 369 -6.78 43.94 6.01
N GLN D 370 -6.15 42.97 5.34
CA GLN D 370 -6.72 41.60 5.24
C GLN D 370 -5.71 40.63 5.83
N PRO D 371 -6.15 39.49 6.39
CA PRO D 371 -5.26 38.53 7.03
C PRO D 371 -4.23 37.98 6.03
N LEU D 372 -3.07 37.59 6.52
CA LEU D 372 -1.99 37.02 5.66
C LEU D 372 -2.35 35.58 5.31
N LEU E 42 -25.55 -11.03 42.89
CA LEU E 42 -24.50 -10.12 42.36
C LEU E 42 -23.12 -10.74 42.56
N PHE E 43 -22.20 -10.52 41.62
CA PHE E 43 -20.80 -11.03 41.77
C PHE E 43 -19.93 -9.96 42.45
N MET E 44 -20.50 -8.83 42.87
CA MET E 44 -19.78 -7.73 43.57
C MET E 44 -19.60 -8.06 45.04
N LYS E 45 -20.41 -8.98 45.56
CA LYS E 45 -20.40 -9.28 47.01
C LYS E 45 -19.05 -9.86 47.42
N PRO E 46 -18.51 -10.90 46.75
CA PRO E 46 -17.18 -11.39 47.11
C PRO E 46 -16.08 -10.33 46.96
N ILE E 47 -16.28 -9.33 46.09
CA ILE E 47 -15.35 -8.20 45.83
C ILE E 47 -15.49 -7.18 46.98
N PHE E 48 -16.70 -6.66 47.20
CA PHE E 48 -17.06 -5.71 48.30
C PHE E 48 -16.51 -6.25 49.63
N SER E 49 -16.68 -7.55 49.88
CA SER E 49 -16.23 -8.27 51.11
C SER E 49 -14.70 -8.16 51.26
N GLN E 50 -13.97 -8.45 50.17
CA GLN E 50 -12.48 -8.50 50.12
C GLN E 50 -11.91 -7.08 50.27
N ALA E 51 -12.68 -6.05 49.89
CA ALA E 51 -12.32 -4.62 50.01
C ALA E 51 -12.32 -4.22 51.49
N ARG E 52 -13.38 -4.59 52.23
CA ARG E 52 -13.54 -4.30 53.69
C ARG E 52 -12.40 -4.93 54.49
N LYS E 53 -11.85 -6.04 54.01
CA LYS E 53 -10.73 -6.70 54.74
C LYS E 53 -9.55 -5.76 54.80
N ALA E 54 -9.12 -5.26 53.65
CA ALA E 54 -7.94 -4.37 53.56
C ALA E 54 -8.26 -3.18 52.65
N PRO E 55 -9.07 -2.19 53.11
CA PRO E 55 -9.34 -0.97 52.34
C PRO E 55 -8.04 -0.24 51.99
N LYS E 56 -7.87 0.07 50.70
CA LYS E 56 -6.59 0.67 50.24
C LYS E 56 -6.83 2.09 49.72
N ARG E 57 -5.73 2.80 49.44
CA ARG E 57 -5.80 4.20 48.96
C ARG E 57 -6.14 4.22 47.47
N VAL E 58 -7.20 4.91 47.12
CA VAL E 58 -7.69 5.01 45.71
C VAL E 58 -7.80 6.50 45.35
N VAL E 59 -7.11 6.93 44.29
CA VAL E 59 -7.18 8.33 43.78
C VAL E 59 -8.36 8.44 42.83
N LEU E 60 -9.32 9.30 43.15
CA LEU E 60 -10.42 9.71 42.24
C LEU E 60 -10.10 11.12 41.74
N PRO E 61 -9.43 11.25 40.57
CA PRO E 61 -8.96 12.54 40.09
C PRO E 61 -10.04 13.65 40.07
N GLU E 62 -11.29 13.27 39.79
CA GLU E 62 -12.42 14.22 39.55
C GLU E 62 -13.17 14.46 40.87
N GLY E 63 -12.47 15.01 41.88
CA GLY E 63 -13.01 15.26 43.22
C GLY E 63 -14.07 16.35 43.27
N GLU E 64 -14.13 17.19 42.23
CA GLU E 64 -15.05 18.36 42.14
C GLU E 64 -16.40 17.95 41.53
N GLU E 65 -16.51 16.71 41.04
CA GLU E 65 -17.75 16.15 40.42
C GLU E 65 -18.71 15.67 41.51
N ALA E 66 -20.01 15.88 41.31
CA ALA E 66 -21.10 15.50 42.24
C ALA E 66 -21.16 13.97 42.40
N ARG E 67 -21.12 13.24 41.28
CA ARG E 67 -21.31 11.76 41.24
C ARG E 67 -20.16 11.10 42.02
N VAL E 68 -18.95 11.65 41.92
CA VAL E 68 -17.74 11.15 42.63
C VAL E 68 -17.88 11.41 44.13
N LEU E 69 -18.57 12.49 44.50
CA LEU E 69 -18.73 12.94 45.92
C LEU E 69 -19.74 12.03 46.64
N HIS E 70 -20.89 11.75 46.03
CA HIS E 70 -21.86 10.74 46.52
C HIS E 70 -21.12 9.41 46.74
N ALA E 71 -20.37 8.96 45.73
CA ALA E 71 -19.64 7.67 45.70
C ALA E 71 -18.63 7.58 46.85
N THR E 72 -17.91 8.66 47.15
CA THR E 72 -16.85 8.61 48.19
C THR E 72 -17.52 8.46 49.56
N GLN E 73 -18.72 9.02 49.74
CA GLN E 73 -19.50 8.87 51.00
C GLN E 73 -19.81 7.40 51.22
N GLU E 74 -20.41 6.75 50.22
CA GLU E 74 -20.75 5.31 50.22
C GLU E 74 -19.48 4.48 50.51
N LEU E 75 -18.33 4.90 49.97
CA LEU E 75 -17.03 4.20 50.12
C LEU E 75 -16.60 4.20 51.59
N VAL E 76 -16.80 5.31 52.32
CA VAL E 76 -16.39 5.44 53.75
C VAL E 76 -17.46 4.78 54.63
N THR E 77 -18.74 4.93 54.29
CA THR E 77 -19.90 4.30 54.99
C THR E 77 -19.73 2.78 54.94
N LEU E 78 -19.59 2.21 53.74
CA LEU E 78 -19.42 0.75 53.49
C LEU E 78 -17.97 0.34 53.78
N GLY E 79 -17.07 1.31 53.92
CA GLY E 79 -15.66 1.10 54.36
C GLY E 79 -14.89 0.23 53.38
N LEU E 80 -14.87 0.63 52.10
CA LEU E 80 -14.35 -0.18 50.96
C LEU E 80 -12.94 0.28 50.57
N ALA E 81 -12.73 1.59 50.44
CA ALA E 81 -11.44 2.22 50.06
C ALA E 81 -11.16 3.41 50.97
N LYS E 82 -9.91 3.92 50.90
CA LYS E 82 -9.51 5.15 51.61
C LYS E 82 -9.33 6.21 50.53
N PRO E 83 -10.38 6.97 50.19
CA PRO E 83 -10.33 7.95 49.10
C PRO E 83 -9.31 9.08 49.19
N ILE E 84 -8.80 9.52 48.04
CA ILE E 84 -7.87 10.67 47.96
C ILE E 84 -8.35 11.52 46.79
N LEU E 85 -9.32 12.40 47.02
CA LEU E 85 -9.91 13.21 45.92
C LEU E 85 -8.95 14.31 45.49
N ILE E 86 -9.09 14.81 44.26
CA ILE E 86 -8.17 15.87 43.72
C ILE E 86 -8.99 17.04 43.21
N GLY E 87 -8.54 18.27 43.45
CA GLY E 87 -9.28 19.50 43.11
C GLY E 87 -9.13 20.57 44.17
N ARG E 88 -9.85 21.68 44.03
CA ARG E 88 -9.77 22.88 44.91
C ARG E 88 -10.58 22.63 46.18
N PRO E 89 -9.94 22.52 47.37
CA PRO E 89 -10.64 22.22 48.62
C PRO E 89 -11.87 23.11 48.89
N ASN E 90 -11.88 24.34 48.35
CA ASN E 90 -13.02 25.30 48.44
C ASN E 90 -14.28 24.67 47.84
N VAL E 91 -14.25 24.32 46.56
CA VAL E 91 -15.46 23.87 45.79
C VAL E 91 -15.86 22.45 46.23
N ILE E 92 -14.94 21.65 46.78
CA ILE E 92 -15.25 20.31 47.35
C ILE E 92 -16.18 20.50 48.56
N GLU E 93 -15.75 21.27 49.55
CA GLU E 93 -16.56 21.44 50.79
C GLU E 93 -17.83 22.23 50.44
N MET E 94 -17.73 23.22 49.55
CA MET E 94 -18.90 24.05 49.13
C MET E 94 -19.98 23.15 48.50
N ARG E 95 -19.57 22.08 47.79
CA ARG E 95 -20.48 21.14 47.08
C ARG E 95 -20.88 19.97 47.99
N ILE E 96 -19.98 19.53 48.88
CA ILE E 96 -20.28 18.54 49.96
C ILE E 96 -21.48 19.02 50.78
N GLN E 97 -21.57 20.34 51.00
CA GLN E 97 -22.69 20.89 51.78
C GLN E 97 -23.93 20.93 50.89
N LYS E 98 -23.83 21.55 49.72
CA LYS E 98 -25.04 21.68 48.87
C LYS E 98 -25.62 20.30 48.61
N LEU E 99 -24.75 19.32 48.36
CA LEU E 99 -25.21 17.93 48.10
C LEU E 99 -25.76 17.34 49.40
N GLY E 100 -25.36 17.90 50.54
CA GLY E 100 -25.82 17.38 51.84
C GLY E 100 -25.10 16.09 52.17
N LEU E 101 -23.83 16.19 52.55
CA LEU E 101 -23.05 14.96 52.79
C LEU E 101 -22.45 15.00 54.20
N GLN E 102 -21.88 13.89 54.65
CA GLN E 102 -21.40 13.80 56.05
C GLN E 102 -19.92 13.45 56.05
N ILE E 103 -19.22 13.70 54.94
CA ILE E 103 -17.80 13.27 54.85
C ILE E 103 -16.90 14.44 55.28
N LYS E 104 -16.07 14.20 56.28
CA LYS E 104 -15.21 15.29 56.82
C LYS E 104 -13.87 15.30 56.08
N ALA E 105 -13.59 16.41 55.42
CA ALA E 105 -12.30 16.54 54.71
C ALA E 105 -11.16 16.37 55.72
N GLY E 106 -10.21 15.49 55.42
CA GLY E 106 -9.06 15.29 56.32
C GLY E 106 -9.29 14.12 57.25
N VAL E 107 -10.54 13.88 57.60
CA VAL E 107 -10.85 12.79 58.57
C VAL E 107 -11.23 11.51 57.80
N ASP E 108 -12.25 11.61 56.93
CA ASP E 108 -12.83 10.47 56.17
C ASP E 108 -12.04 10.24 54.88
N PHE E 109 -11.65 11.33 54.18
CA PHE E 109 -10.93 11.31 52.89
C PHE E 109 -9.94 12.48 52.83
N GLU E 110 -8.81 12.30 52.15
CA GLU E 110 -7.77 13.35 51.91
C GLU E 110 -8.15 14.14 50.66
N ILE E 111 -7.77 15.43 50.62
CA ILE E 111 -7.84 16.30 49.41
C ILE E 111 -6.43 16.69 49.01
N VAL E 112 -6.02 16.34 47.79
CA VAL E 112 -4.77 16.83 47.13
C VAL E 112 -5.16 18.02 46.25
N ASN E 113 -4.83 19.24 46.69
CA ASN E 113 -5.10 20.51 45.95
C ASN E 113 -4.21 20.54 44.70
N ASN E 114 -4.81 20.64 43.52
CA ASN E 114 -4.03 20.62 42.25
C ASN E 114 -3.29 21.93 42.08
N GLU E 115 -3.80 23.00 42.68
CA GLU E 115 -3.23 24.38 42.57
C GLU E 115 -2.08 24.57 43.57
N SER E 116 -2.11 23.89 44.74
CA SER E 116 -1.13 24.10 45.83
C SER E 116 -0.87 22.79 46.59
N ASP E 117 0.34 22.23 46.46
CA ASP E 117 0.75 20.95 47.09
C ASP E 117 2.25 20.97 47.32
N PRO E 118 2.75 20.53 48.50
CA PRO E 118 4.18 20.51 48.77
C PRO E 118 4.99 19.44 48.01
N ARG E 119 4.31 18.50 47.35
CA ARG E 119 4.95 17.37 46.60
C ARG E 119 5.14 17.75 45.12
N PHE E 120 4.60 18.91 44.71
CA PHE E 120 4.57 19.44 43.32
C PHE E 120 5.89 19.18 42.57
N LYS E 121 7.02 19.59 43.17
CA LYS E 121 8.37 19.58 42.53
C LYS E 121 8.78 18.14 42.17
N GLU E 122 8.48 17.18 43.05
CA GLU E 122 8.84 15.75 42.86
C GLU E 122 7.92 15.12 41.81
N TYR E 123 6.68 15.61 41.71
CA TYR E 123 5.61 15.06 40.83
C TYR E 123 5.93 15.36 39.36
N TRP E 124 6.20 16.62 39.01
CA TRP E 124 6.49 17.02 37.60
C TRP E 124 7.85 16.45 37.17
N THR E 125 8.79 16.25 38.12
CA THR E 125 10.14 15.69 37.87
C THR E 125 10.01 14.22 37.44
N GLU E 126 9.25 13.41 38.19
CA GLU E 126 9.04 11.97 37.88
C GLU E 126 8.28 11.85 36.56
N TYR E 127 7.28 12.71 36.34
CA TYR E 127 6.51 12.78 35.06
C TYR E 127 7.48 13.13 33.93
N PHE E 128 8.35 14.12 34.13
CA PHE E 128 9.38 14.55 33.15
C PHE E 128 10.36 13.39 32.91
N GLN E 129 10.74 12.66 33.96
CA GLN E 129 11.69 11.52 33.85
C GLN E 129 11.08 10.44 32.94
N ILE E 130 9.75 10.31 32.95
CA ILE E 130 9.00 9.28 32.16
C ILE E 130 8.75 9.79 30.73
N MET E 131 8.47 11.09 30.55
CA MET E 131 8.04 11.68 29.25
C MET E 131 9.11 12.61 28.66
N LYS E 132 10.33 12.59 29.17
CA LYS E 132 11.42 13.46 28.65
C LYS E 132 11.66 13.17 27.18
N ARG E 133 11.71 11.90 26.79
CA ARG E 133 12.00 11.47 25.40
C ARG E 133 10.68 11.23 24.63
N ARG E 134 9.53 11.57 25.24
CA ARG E 134 8.19 11.47 24.61
C ARG E 134 7.58 12.88 24.47
N GLY E 135 8.41 13.86 24.09
CA GLY E 135 7.99 15.21 23.65
C GLY E 135 7.29 15.99 24.74
N VAL E 136 7.71 15.83 26.00
CA VAL E 136 7.19 16.61 27.17
C VAL E 136 8.37 17.33 27.82
N THR E 137 8.36 18.67 27.76
CA THR E 137 9.38 19.56 28.37
C THR E 137 9.10 19.68 29.88
N GLN E 138 10.04 20.28 30.62
CA GLN E 138 9.88 20.56 32.06
C GLN E 138 8.70 21.52 32.27
N GLU E 139 8.50 22.45 31.33
CA GLU E 139 7.43 23.49 31.39
C GLU E 139 6.05 22.82 31.23
N GLN E 140 5.92 21.89 30.29
CA GLN E 140 4.66 21.14 30.01
C GLN E 140 4.35 20.21 31.19
N ALA E 141 5.36 19.52 31.71
CA ALA E 141 5.28 18.65 32.92
C ALA E 141 4.72 19.47 34.08
N GLN E 142 5.30 20.66 34.31
CA GLN E 142 4.90 21.59 35.40
C GLN E 142 3.44 21.98 35.22
N ARG E 143 3.02 22.28 33.98
CA ARG E 143 1.62 22.66 33.67
C ARG E 143 0.71 21.45 33.82
N ALA E 144 1.19 20.25 33.48
CA ALA E 144 0.45 18.97 33.56
C ALA E 144 0.04 18.68 35.01
N LEU E 145 0.97 18.84 35.96
CA LEU E 145 0.77 18.53 37.40
C LEU E 145 0.01 19.66 38.11
N ILE E 146 -0.59 20.60 37.36
CA ILE E 146 -1.58 21.59 37.86
C ILE E 146 -2.93 21.37 37.14
N SER E 147 -2.91 21.10 35.83
CA SER E 147 -4.09 21.21 34.92
C SER E 147 -4.65 19.84 34.52
N ASN E 148 -3.95 18.73 34.81
CA ASN E 148 -4.40 17.37 34.40
C ASN E 148 -4.45 16.46 35.63
N PRO E 149 -5.62 16.38 36.31
CA PRO E 149 -5.75 15.58 37.53
C PRO E 149 -5.37 14.10 37.37
N THR E 150 -5.66 13.53 36.20
CA THR E 150 -5.36 12.11 35.83
C THR E 150 -3.85 11.89 35.87
N VAL E 151 -3.06 12.89 35.48
CA VAL E 151 -1.56 12.81 35.51
C VAL E 151 -1.11 12.87 36.97
N ILE E 152 -1.74 13.72 37.79
CA ILE E 152 -1.44 13.84 39.24
C ILE E 152 -1.72 12.47 39.87
N GLY E 153 -2.92 11.95 39.66
CA GLY E 153 -3.38 10.64 40.17
C GLY E 153 -2.41 9.52 39.83
N ALA E 154 -2.07 9.37 38.55
CA ALA E 154 -1.19 8.31 38.03
C ALA E 154 0.18 8.38 38.73
N ILE E 155 0.71 9.59 38.92
CA ILE E 155 2.07 9.82 39.52
C ILE E 155 2.04 9.41 41.01
N MET E 156 0.96 9.74 41.74
CA MET E 156 0.73 9.33 43.14
C MET E 156 0.82 7.80 43.26
N VAL E 157 0.15 7.09 42.33
CA VAL E 157 0.05 5.59 42.32
C VAL E 157 1.43 5.00 42.02
N GLN E 158 2.13 5.54 41.03
CA GLN E 158 3.50 5.13 40.63
C GLN E 158 4.46 5.33 41.81
N ARG E 159 4.26 6.43 42.56
CA ARG E 159 5.13 6.87 43.68
C ARG E 159 4.97 5.93 44.88
N GLY E 160 3.80 5.29 45.00
CA GLY E 160 3.45 4.40 46.13
C GLY E 160 2.57 5.11 47.15
N GLU E 161 2.35 6.42 46.99
CA GLU E 161 1.53 7.27 47.89
C GLU E 161 0.04 7.01 47.67
N ALA E 162 -0.31 6.21 46.64
CA ALA E 162 -1.65 5.64 46.43
C ALA E 162 -1.50 4.21 45.88
N ASP E 163 -2.59 3.44 45.86
CA ASP E 163 -2.58 1.99 45.55
C ASP E 163 -3.33 1.72 44.23
N ALA E 164 -4.39 2.49 43.96
CA ALA E 164 -5.23 2.36 42.74
C ALA E 164 -5.76 3.74 42.32
N MET E 165 -6.34 3.83 41.12
CA MET E 165 -6.98 5.07 40.60
C MET E 165 -8.22 4.69 39.78
N ILE E 166 -9.29 5.48 39.92
CA ILE E 166 -10.53 5.40 39.10
C ILE E 166 -10.79 6.79 38.52
N CYS E 167 -10.76 6.90 37.19
CA CYS E 167 -10.88 8.18 36.44
C CYS E 167 -11.84 8.02 35.25
N GLY E 168 -12.00 9.06 34.43
CA GLY E 168 -12.76 9.02 33.17
C GLY E 168 -14.22 9.41 33.35
N THR E 169 -14.60 9.91 34.54
CA THR E 169 -15.96 10.43 34.84
C THR E 169 -16.17 11.77 34.13
N VAL E 170 -15.14 12.20 33.41
CA VAL E 170 -15.18 13.46 32.61
C VAL E 170 -14.20 13.32 31.43
N GLY E 171 -14.59 13.78 30.23
CA GLY E 171 -13.74 13.79 29.02
C GLY E 171 -13.68 12.44 28.32
N ASP E 172 -12.87 12.35 27.25
CA ASP E 172 -12.76 11.18 26.36
C ASP E 172 -11.97 10.06 27.05
N TYR E 173 -12.27 8.80 26.72
CA TYR E 173 -11.59 7.60 27.28
C TYR E 173 -10.08 7.72 27.03
N HIS E 174 -9.69 8.04 25.80
CA HIS E 174 -8.28 7.94 25.31
C HIS E 174 -7.38 9.01 25.96
N GLU E 175 -7.93 10.17 26.32
CA GLU E 175 -7.23 11.21 27.12
C GLU E 175 -6.58 10.56 28.35
N HIS E 176 -7.39 9.84 29.14
CA HIS E 176 -7.01 9.22 30.43
C HIS E 176 -6.11 8.02 30.16
N PHE E 177 -6.49 7.15 29.21
CA PHE E 177 -5.72 5.93 28.86
C PHE E 177 -4.29 6.32 28.47
N SER E 178 -4.13 7.33 27.62
CA SER E 178 -2.81 7.88 27.21
C SER E 178 -1.93 8.02 28.46
N VAL E 179 -2.39 8.81 29.44
CA VAL E 179 -1.70 9.10 30.73
C VAL E 179 -1.37 7.78 31.42
N VAL E 180 -2.41 6.98 31.68
CA VAL E 180 -2.36 5.67 32.40
C VAL E 180 -1.33 4.76 31.72
N LYS E 181 -1.41 4.62 30.39
CA LYS E 181 -0.48 3.78 29.58
C LYS E 181 0.95 4.33 29.72
N ASN E 182 1.11 5.64 29.63
CA ASN E 182 2.44 6.31 29.57
C ASN E 182 3.17 6.13 30.92
N VAL E 183 2.50 6.40 32.03
CA VAL E 183 3.13 6.50 33.38
C VAL E 183 3.43 5.08 33.89
N PHE E 184 2.46 4.17 33.77
CA PHE E 184 2.50 2.79 34.35
C PHE E 184 3.09 1.79 33.35
N GLY E 185 2.71 1.91 32.08
CA GLY E 185 3.07 0.92 31.04
C GLY E 185 2.25 -0.35 31.21
N TYR E 186 2.53 -1.35 30.36
CA TYR E 186 1.89 -2.68 30.39
C TYR E 186 2.46 -3.48 31.57
N ARG E 187 1.69 -4.43 32.11
CA ARG E 187 2.19 -5.39 33.14
C ARG E 187 3.04 -6.44 32.43
N ASP E 188 3.80 -7.23 33.19
CA ASP E 188 4.80 -8.22 32.67
C ASP E 188 4.12 -9.20 31.71
N GLY E 189 4.76 -9.49 30.57
CA GLY E 189 4.40 -10.57 29.63
C GLY E 189 3.34 -10.14 28.62
N VAL E 190 2.96 -8.86 28.67
CA VAL E 190 1.86 -8.32 27.84
C VAL E 190 2.31 -7.07 27.08
N HIS E 191 1.87 -6.92 25.85
CA HIS E 191 2.19 -5.76 24.95
C HIS E 191 0.89 -5.15 24.42
N THR E 192 -0.24 -5.47 25.04
CA THR E 192 -1.62 -5.11 24.59
C THR E 192 -2.48 -4.77 25.82
N ALA E 193 -3.28 -3.71 25.74
CA ALA E 193 -4.32 -3.37 26.73
C ALA E 193 -5.69 -3.53 26.08
N GLY E 194 -6.73 -3.75 26.88
CA GLY E 194 -8.09 -3.98 26.41
C GLY E 194 -9.11 -3.62 27.48
N ALA E 195 -10.24 -3.04 27.07
CA ALA E 195 -11.40 -2.73 27.93
C ALA E 195 -12.47 -3.80 27.67
N MET E 196 -13.29 -4.09 28.68
CA MET E 196 -14.28 -5.19 28.66
C MET E 196 -15.52 -4.74 29.46
N ASN E 197 -16.69 -4.69 28.82
CA ASN E 197 -17.98 -4.27 29.42
C ASN E 197 -18.84 -5.51 29.69
N ALA E 198 -19.73 -5.45 30.68
CA ALA E 198 -20.62 -6.55 31.09
C ALA E 198 -22.07 -6.23 30.71
N LEU E 199 -22.86 -7.27 30.45
CA LEU E 199 -24.33 -7.21 30.25
C LEU E 199 -24.96 -8.33 31.10
N LEU E 200 -26.27 -8.24 31.36
CA LEU E 200 -27.07 -9.40 31.82
C LEU E 200 -28.09 -9.72 30.73
N LEU E 201 -27.70 -10.64 29.84
CA LEU E 201 -28.57 -11.20 28.76
C LEU E 201 -29.34 -12.38 29.33
N PRO E 202 -30.33 -12.94 28.60
CA PRO E 202 -31.03 -14.13 29.06
C PRO E 202 -30.10 -15.31 29.37
N SER E 203 -28.96 -15.41 28.70
CA SER E 203 -27.99 -16.52 28.90
C SER E 203 -27.25 -16.31 30.22
N GLY E 204 -27.21 -15.06 30.68
CA GLY E 204 -26.57 -14.70 31.96
C GLY E 204 -25.62 -13.54 31.80
N ASN E 205 -24.73 -13.34 32.78
CA ASN E 205 -23.67 -12.28 32.74
C ASN E 205 -22.78 -12.54 31.52
N THR E 206 -22.82 -11.63 30.55
CA THR E 206 -22.05 -11.69 29.28
C THR E 206 -21.07 -10.52 29.24
N PHE E 207 -19.81 -10.77 28.86
CA PHE E 207 -18.75 -9.75 28.72
C PHE E 207 -18.38 -9.59 27.25
N ILE E 208 -18.13 -8.34 26.83
CA ILE E 208 -17.71 -7.95 25.45
C ILE E 208 -16.37 -7.21 25.54
N ALA E 209 -15.42 -7.59 24.69
CA ALA E 209 -14.11 -6.90 24.49
C ALA E 209 -13.74 -6.99 23.02
N ASP E 210 -12.90 -6.05 22.51
CA ASP E 210 -12.38 -4.89 23.23
C ASP E 210 -13.17 -3.64 22.79
N THR E 211 -13.72 -2.94 23.77
CA THR E 211 -14.69 -1.85 23.49
C THR E 211 -14.14 -0.43 23.58
N TYR E 212 -12.95 -0.20 24.12
CA TYR E 212 -12.54 1.22 24.31
C TYR E 212 -11.06 1.50 24.02
N VAL E 213 -10.24 0.50 23.70
CA VAL E 213 -8.77 0.78 23.59
C VAL E 213 -8.25 0.63 22.15
N ASN E 214 -8.56 -0.46 21.46
CA ASN E 214 -7.98 -0.74 20.12
C ASN E 214 -9.07 -0.73 19.04
N ASP E 215 -8.92 0.17 18.06
CA ASP E 215 -9.83 0.31 16.89
C ASP E 215 -9.80 -0.99 16.09
N GLU E 216 -8.60 -1.36 15.60
CA GLU E 216 -8.33 -2.59 14.81
C GLU E 216 -7.22 -3.39 15.50
N PRO E 217 -7.55 -4.23 16.51
CA PRO E 217 -6.57 -5.15 17.07
C PRO E 217 -6.22 -6.25 16.03
N ASP E 218 -4.92 -6.55 15.89
CA ASP E 218 -4.42 -7.65 15.05
C ASP E 218 -4.62 -8.98 15.79
N ALA E 219 -4.31 -10.10 15.12
CA ALA E 219 -4.46 -11.47 15.65
C ALA E 219 -3.80 -11.58 17.03
N GLU E 220 -2.55 -11.12 17.16
CA GLU E 220 -1.81 -11.30 18.43
C GLU E 220 -2.42 -10.42 19.53
N GLU E 221 -2.85 -9.22 19.17
CA GLU E 221 -3.51 -8.31 20.14
C GLU E 221 -4.80 -8.96 20.64
N LEU E 222 -5.62 -9.49 19.75
CA LEU E 222 -6.89 -10.19 20.10
C LEU E 222 -6.57 -11.39 20.98
N ALA E 223 -5.57 -12.18 20.61
CA ALA E 223 -5.12 -13.38 21.37
C ALA E 223 -4.83 -12.98 22.82
N GLU E 224 -4.17 -11.83 23.03
CA GLU E 224 -3.76 -11.33 24.37
C GLU E 224 -5.00 -10.85 25.14
N ILE E 225 -5.87 -10.09 24.48
CA ILE E 225 -7.14 -9.55 25.07
C ILE E 225 -8.00 -10.72 25.56
N THR E 226 -8.05 -11.81 24.78
CA THR E 226 -8.86 -13.01 25.06
C THR E 226 -8.40 -13.63 26.39
N LEU E 227 -7.09 -13.81 26.57
CA LEU E 227 -6.51 -14.46 27.77
C LEU E 227 -6.67 -13.56 29.01
N MET E 228 -6.56 -12.24 28.83
CA MET E 228 -6.81 -11.24 29.90
C MET E 228 -8.28 -11.33 30.33
N ALA E 229 -9.20 -11.39 29.37
CA ALA E 229 -10.66 -11.38 29.57
C ALA E 229 -11.07 -12.64 30.35
N ALA E 230 -10.51 -13.80 29.98
CA ALA E 230 -10.74 -15.10 30.65
C ALA E 230 -10.28 -15.02 32.10
N GLU E 231 -9.07 -14.55 32.38
CA GLU E 231 -8.55 -14.50 33.76
C GLU E 231 -9.40 -13.55 34.60
N THR E 232 -9.68 -12.36 34.07
CA THR E 232 -10.55 -11.37 34.78
C THR E 232 -11.85 -12.04 35.21
N VAL E 233 -12.42 -12.88 34.35
CA VAL E 233 -13.75 -13.52 34.57
C VAL E 233 -13.58 -14.68 35.57
N ARG E 234 -12.40 -15.29 35.64
CA ARG E 234 -12.05 -16.28 36.70
C ARG E 234 -12.05 -15.57 38.05
N ARG E 235 -11.42 -14.40 38.11
CA ARG E 235 -11.31 -13.56 39.34
C ARG E 235 -12.71 -13.18 39.86
N PHE E 236 -13.70 -13.07 38.97
CA PHE E 236 -15.12 -12.79 39.31
C PHE E 236 -15.82 -14.08 39.76
N GLY E 237 -15.14 -15.23 39.62
CA GLY E 237 -15.61 -16.54 40.11
C GLY E 237 -16.32 -17.34 39.03
N ILE E 238 -16.48 -16.77 37.84
CA ILE E 238 -17.18 -17.38 36.67
C ILE E 238 -16.16 -18.17 35.85
N GLU E 239 -16.58 -19.27 35.21
CA GLU E 239 -15.71 -20.04 34.28
C GLU E 239 -15.72 -19.32 32.94
N PRO E 240 -14.54 -19.00 32.36
CA PRO E 240 -14.48 -18.33 31.06
C PRO E 240 -14.92 -19.30 29.95
N ARG E 241 -15.96 -18.90 29.21
CA ARG E 241 -16.45 -19.62 28.00
C ARG E 241 -16.51 -18.60 26.86
N VAL E 242 -15.47 -18.60 26.01
CA VAL E 242 -15.18 -17.52 25.01
C VAL E 242 -15.71 -17.94 23.64
N ALA E 243 -16.23 -16.97 22.89
CA ALA E 243 -16.58 -17.06 21.46
C ALA E 243 -15.93 -15.89 20.72
N LEU E 244 -15.17 -16.18 19.66
CA LEU E 244 -14.63 -15.17 18.72
C LEU E 244 -15.68 -14.94 17.63
N LEU E 245 -16.32 -13.77 17.62
CA LEU E 245 -17.49 -13.46 16.78
C LEU E 245 -17.03 -12.93 15.41
N SER E 246 -17.84 -13.20 14.39
CA SER E 246 -17.66 -12.70 13.01
C SER E 246 -18.97 -12.89 12.23
N HIS E 247 -19.15 -12.15 11.14
CA HIS E 247 -20.24 -12.38 10.14
C HIS E 247 -19.94 -13.68 9.39
N SER E 248 -18.69 -14.14 9.44
CA SER E 248 -18.24 -15.48 8.97
C SER E 248 -18.66 -16.55 9.98
N ASN E 249 -19.24 -17.65 9.51
CA ASN E 249 -19.58 -18.79 10.41
C ASN E 249 -18.64 -19.94 10.11
N PHE E 250 -17.62 -20.12 10.94
CA PHE E 250 -16.67 -21.25 10.78
C PHE E 250 -16.14 -21.35 9.35
N GLY E 251 -15.61 -20.25 8.80
CA GLY E 251 -14.92 -20.29 7.50
C GLY E 251 -15.76 -19.89 6.32
N SER E 252 -16.95 -19.37 6.57
CA SER E 252 -17.87 -19.08 5.43
C SER E 252 -17.43 -17.83 4.66
N SER E 253 -16.62 -16.95 5.27
CA SER E 253 -16.07 -15.72 4.63
C SER E 253 -14.54 -15.71 4.69
N ASP E 254 -13.90 -14.99 3.76
CA ASP E 254 -12.43 -14.92 3.60
C ASP E 254 -11.93 -13.49 3.65
N CYS E 255 -12.78 -12.53 4.03
CA CYS E 255 -12.40 -11.11 4.31
C CYS E 255 -11.28 -11.10 5.34
N PRO E 256 -10.41 -10.06 5.38
CA PRO E 256 -9.23 -10.08 6.24
C PRO E 256 -9.55 -10.08 7.74
N SER E 257 -10.75 -9.67 8.14
CA SER E 257 -11.18 -9.55 9.57
C SER E 257 -11.68 -10.89 10.10
N SER E 258 -12.31 -11.72 9.26
CA SER E 258 -12.74 -13.09 9.62
C SER E 258 -11.52 -14.02 9.66
N SER E 259 -10.55 -13.81 8.78
CA SER E 259 -9.23 -14.51 8.75
C SER E 259 -8.45 -14.15 10.03
N LYS E 260 -8.52 -12.89 10.44
CA LYS E 260 -7.84 -12.35 11.65
C LYS E 260 -8.35 -13.12 12.88
N MET E 261 -9.68 -13.31 12.99
CA MET E 261 -10.34 -14.01 14.11
C MET E 261 -9.88 -15.47 14.14
N ARG E 262 -9.86 -16.15 12.99
CA ARG E 262 -9.42 -17.56 12.85
C ARG E 262 -7.96 -17.69 13.29
N GLN E 263 -7.13 -16.69 12.95
CA GLN E 263 -5.69 -16.66 13.30
C GLN E 263 -5.55 -16.42 14.80
N ALA E 264 -6.41 -15.56 15.38
CA ALA E 264 -6.42 -15.24 16.82
C ALA E 264 -6.74 -16.51 17.62
N LEU E 265 -7.64 -17.36 17.12
CA LEU E 265 -8.07 -18.62 17.77
C LEU E 265 -6.88 -19.58 17.86
N GLU E 266 -6.23 -19.89 16.72
CA GLU E 266 -5.02 -20.74 16.62
C GLU E 266 -4.01 -20.33 17.70
N LEU E 267 -3.82 -19.03 17.92
CA LEU E 267 -2.87 -18.45 18.91
C LEU E 267 -3.29 -18.82 20.33
N VAL E 268 -4.58 -18.70 20.66
CA VAL E 268 -5.13 -18.91 22.04
C VAL E 268 -5.11 -20.42 22.34
N ARG E 269 -5.54 -21.26 21.39
CA ARG E 269 -5.53 -22.73 21.53
C ARG E 269 -4.10 -23.22 21.82
N GLU E 270 -3.11 -22.66 21.12
CA GLU E 270 -1.65 -22.99 21.27
C GLU E 270 -1.20 -22.67 22.70
N ARG E 271 -1.48 -21.45 23.17
CA ARG E 271 -0.93 -20.88 24.43
C ARG E 271 -1.79 -21.32 25.63
N ALA E 272 -3.10 -21.48 25.45
CA ALA E 272 -4.07 -21.72 26.55
C ALA E 272 -5.01 -22.87 26.16
N PRO E 273 -4.51 -24.11 26.05
CA PRO E 273 -5.36 -25.26 25.70
C PRO E 273 -6.48 -25.50 26.71
N GLU E 274 -6.34 -25.04 27.96
CA GLU E 274 -7.30 -25.27 29.07
C GLU E 274 -8.56 -24.41 28.88
N LEU E 275 -8.48 -23.29 28.16
CA LEU E 275 -9.59 -22.30 28.01
C LEU E 275 -10.66 -22.86 27.06
N MET E 276 -11.92 -22.89 27.50
CA MET E 276 -13.07 -23.21 26.63
C MET E 276 -13.27 -22.06 25.65
N ILE E 277 -12.88 -22.25 24.39
CA ILE E 277 -12.97 -21.22 23.32
C ILE E 277 -13.41 -21.90 22.02
N ASP E 278 -14.08 -21.14 21.14
CA ASP E 278 -14.29 -21.56 19.73
C ASP E 278 -14.58 -20.31 18.89
N GLY E 279 -14.59 -20.47 17.56
CA GLY E 279 -14.82 -19.42 16.57
C GLY E 279 -14.18 -19.77 15.23
N GLU E 280 -14.25 -18.85 14.26
CA GLU E 280 -15.09 -17.67 14.32
C GLU E 280 -16.55 -18.09 14.08
N MET E 281 -17.52 -17.43 14.70
CA MET E 281 -18.94 -17.83 14.63
C MET E 281 -19.87 -16.61 14.78
N HIS E 282 -21.15 -16.78 14.43
CA HIS E 282 -22.21 -15.75 14.58
C HIS E 282 -22.55 -15.60 16.07
N GLY E 283 -23.05 -14.42 16.47
CA GLY E 283 -23.46 -14.11 17.85
C GLY E 283 -24.51 -15.09 18.38
N ASP E 284 -25.43 -15.53 17.51
CA ASP E 284 -26.53 -16.46 17.87
C ASP E 284 -25.91 -17.83 18.21
N ALA E 285 -24.95 -18.29 17.40
CA ALA E 285 -24.18 -19.54 17.61
C ALA E 285 -23.41 -19.48 18.94
N ALA E 286 -22.98 -18.28 19.35
CA ALA E 286 -22.25 -18.05 20.62
C ALA E 286 -23.17 -18.29 21.82
N LEU E 287 -24.44 -17.89 21.74
CA LEU E 287 -25.36 -17.77 22.91
C LEU E 287 -26.45 -18.84 22.91
N VAL E 288 -26.58 -19.64 21.84
CA VAL E 288 -27.65 -20.67 21.70
C VAL E 288 -27.01 -22.00 21.30
N GLU E 289 -26.89 -22.93 22.25
CA GLU E 289 -26.20 -24.24 22.08
C GLU E 289 -26.70 -24.93 20.81
N ALA E 290 -28.02 -24.91 20.57
CA ALA E 290 -28.70 -25.68 19.51
C ALA E 290 -28.33 -25.15 18.11
N ILE E 291 -28.07 -23.86 17.96
CA ILE E 291 -27.70 -23.25 16.64
C ILE E 291 -26.27 -23.65 16.30
N ARG E 292 -25.38 -23.59 17.30
CA ARG E 292 -23.95 -23.97 17.19
C ARG E 292 -23.83 -25.46 16.88
N ASN E 293 -24.63 -26.31 17.53
CA ASN E 293 -24.57 -27.79 17.43
C ASN E 293 -24.95 -28.24 16.00
N ASP E 294 -25.87 -27.52 15.34
CA ASP E 294 -26.31 -27.80 13.95
C ASP E 294 -25.18 -27.44 12.98
N ARG E 295 -24.34 -26.46 13.29
CA ARG E 295 -23.26 -26.02 12.36
C ARG E 295 -21.94 -26.68 12.73
N MET E 296 -21.66 -26.78 14.02
CA MET E 296 -20.36 -27.33 14.53
C MET E 296 -20.64 -28.24 15.72
N PRO E 297 -21.06 -29.50 15.48
CA PRO E 297 -21.45 -30.42 16.55
C PRO E 297 -20.34 -30.73 17.58
N ASP E 298 -19.07 -30.75 17.13
CA ASP E 298 -17.89 -31.14 17.95
C ASP E 298 -17.37 -29.95 18.76
N SER E 299 -17.96 -28.76 18.63
CA SER E 299 -17.48 -27.48 19.21
C SER E 299 -17.07 -27.67 20.66
N SER E 300 -15.87 -27.20 21.02
CA SER E 300 -15.31 -27.22 22.40
C SER E 300 -16.14 -26.31 23.31
N LEU E 301 -16.81 -25.32 22.74
CA LEU E 301 -17.72 -24.39 23.48
C LEU E 301 -19.02 -25.12 23.84
N LYS E 302 -19.34 -25.18 25.13
CA LYS E 302 -20.54 -25.86 25.71
C LYS E 302 -21.42 -24.80 26.39
N GLY E 303 -22.74 -24.91 26.19
CA GLY E 303 -23.72 -23.92 26.68
C GLY E 303 -23.59 -22.62 25.91
N SER E 304 -23.90 -21.49 26.54
CA SER E 304 -23.81 -20.14 25.91
C SER E 304 -22.55 -19.43 26.42
N ALA E 305 -21.78 -18.83 25.50
CA ALA E 305 -20.54 -18.09 25.80
C ALA E 305 -20.85 -16.93 26.76
N ASN E 306 -19.94 -16.62 27.68
CA ASN E 306 -20.06 -15.45 28.60
C ASN E 306 -19.04 -14.37 28.21
N ILE E 307 -18.08 -14.67 27.34
CA ILE E 307 -17.06 -13.71 26.82
C ILE E 307 -17.18 -13.64 25.30
N LEU E 308 -17.59 -12.49 24.76
CA LEU E 308 -17.77 -12.26 23.31
C LEU E 308 -16.63 -11.35 22.82
N VAL E 309 -15.61 -11.94 22.21
CA VAL E 309 -14.41 -11.21 21.70
C VAL E 309 -14.71 -10.74 20.27
N MET E 310 -14.50 -9.45 20.02
CA MET E 310 -15.02 -8.72 18.82
C MET E 310 -13.87 -8.37 17.89
N PRO E 311 -14.10 -8.43 16.56
CA PRO E 311 -13.04 -8.17 15.59
C PRO E 311 -12.55 -6.71 15.52
N ASN E 312 -13.35 -5.74 15.96
CA ASN E 312 -12.96 -4.29 15.94
C ASN E 312 -13.83 -3.53 16.94
N MET E 313 -13.42 -2.30 17.29
CA MET E 313 -14.07 -1.44 18.32
C MET E 313 -15.48 -1.04 17.83
N GLU E 314 -15.68 -0.92 16.53
CA GLU E 314 -16.98 -0.52 15.92
C GLU E 314 -18.01 -1.62 16.19
N ALA E 315 -17.69 -2.86 15.82
CA ALA E 315 -18.59 -3.99 16.06
C ALA E 315 -18.82 -4.19 17.56
N ALA E 316 -17.83 -3.87 18.37
CA ALA E 316 -17.93 -4.08 19.83
C ALA E 316 -18.79 -3.00 20.47
N ARG E 317 -18.45 -1.74 20.27
CA ARG E 317 -19.19 -0.64 20.93
C ARG E 317 -20.64 -0.64 20.44
N ILE E 318 -20.84 -0.75 19.14
CA ILE E 318 -22.22 -0.66 18.59
C ILE E 318 -23.06 -1.80 19.20
N SER E 319 -22.53 -3.02 19.23
CA SER E 319 -23.17 -4.22 19.85
C SER E 319 -23.46 -3.95 21.32
N TYR E 320 -22.45 -3.57 22.10
CA TYR E 320 -22.58 -3.24 23.54
C TYR E 320 -23.65 -2.16 23.73
N ASN E 321 -23.54 -1.04 23.00
CA ASN E 321 -24.43 0.14 23.11
C ASN E 321 -25.89 -0.29 22.88
N LEU E 322 -26.15 -1.07 21.82
CA LEU E 322 -27.53 -1.45 21.41
C LEU E 322 -28.08 -2.52 22.38
N LEU E 323 -27.24 -3.42 22.88
CA LEU E 323 -27.61 -4.47 23.87
C LEU E 323 -27.88 -3.84 25.23
N ARG E 324 -27.06 -2.89 25.65
CA ARG E 324 -27.23 -2.23 26.97
C ARG E 324 -28.62 -1.63 27.05
N VAL E 325 -28.98 -0.79 26.09
CA VAL E 325 -30.30 -0.11 26.08
C VAL E 325 -31.40 -1.16 25.93
N SER E 326 -31.14 -2.21 25.15
CA SER E 326 -32.19 -3.22 24.86
C SER E 326 -32.28 -4.28 25.97
N SER E 327 -31.15 -4.92 26.33
CA SER E 327 -31.15 -6.00 27.35
C SER E 327 -31.61 -5.44 28.69
N SER E 328 -31.41 -4.15 28.89
CA SER E 328 -31.85 -3.50 30.14
C SER E 328 -31.25 -4.22 31.34
N GLU E 329 -32.08 -4.60 32.31
CA GLU E 329 -31.55 -5.21 33.56
C GLU E 329 -30.48 -4.26 34.08
N GLY E 330 -29.30 -4.78 34.36
CA GLY E 330 -28.22 -3.89 34.79
C GLY E 330 -26.95 -4.66 35.09
N VAL E 331 -25.83 -3.96 35.21
CA VAL E 331 -24.54 -4.61 35.53
C VAL E 331 -23.78 -3.70 36.48
N THR E 332 -22.86 -4.26 37.25
CA THR E 332 -22.15 -3.46 38.27
C THR E 332 -20.74 -3.16 37.82
N VAL E 333 -20.33 -3.74 36.69
CA VAL E 333 -18.92 -3.55 36.26
C VAL E 333 -18.83 -3.08 34.81
N GLY E 334 -17.81 -2.31 34.50
CA GLY E 334 -17.49 -1.83 33.14
C GLY E 334 -17.19 -0.33 33.12
N PRO E 335 -16.32 0.19 32.24
CA PRO E 335 -15.39 -0.61 31.44
C PRO E 335 -14.18 -1.09 32.24
N VAL E 336 -13.97 -2.41 32.30
CA VAL E 336 -12.81 -2.98 33.03
C VAL E 336 -11.58 -2.90 32.14
N LEU E 337 -10.59 -2.09 32.53
CA LEU E 337 -9.27 -2.00 31.86
C LEU E 337 -8.41 -3.18 32.31
N MET E 338 -7.71 -3.82 31.36
CA MET E 338 -6.84 -5.01 31.56
C MET E 338 -5.55 -4.82 30.76
N GLY E 339 -4.41 -5.20 31.34
CA GLY E 339 -3.10 -5.24 30.66
C GLY E 339 -2.14 -4.17 31.18
N VAL E 340 -2.64 -3.24 32.01
CA VAL E 340 -1.87 -2.09 32.56
C VAL E 340 -1.24 -2.50 33.90
N ALA E 341 -0.06 -1.95 34.22
CA ALA E 341 0.87 -2.40 35.27
C ALA E 341 0.50 -1.88 36.67
N LYS E 342 -0.63 -1.19 36.78
CA LYS E 342 -1.11 -0.71 38.10
C LYS E 342 -2.62 -0.86 38.17
N PRO E 343 -3.23 -0.83 39.37
CA PRO E 343 -4.68 -0.92 39.52
C PRO E 343 -5.37 0.37 39.06
N VAL E 344 -5.74 0.41 37.78
CA VAL E 344 -6.38 1.64 37.22
C VAL E 344 -7.58 1.23 36.38
N HIS E 345 -8.60 2.08 36.32
CA HIS E 345 -9.77 1.82 35.44
C HIS E 345 -10.29 3.16 34.92
N VAL E 346 -10.51 3.26 33.62
CA VAL E 346 -11.06 4.48 32.98
C VAL E 346 -12.55 4.23 32.74
N LEU E 347 -13.41 5.11 33.25
CA LEU E 347 -14.88 5.03 33.10
C LEU E 347 -15.31 6.00 31.99
N THR E 348 -16.62 6.18 31.81
CA THR E 348 -17.22 7.12 30.84
C THR E 348 -17.89 8.26 31.61
N PRO E 349 -18.15 9.43 30.98
CA PRO E 349 -18.79 10.56 31.67
C PRO E 349 -20.22 10.27 32.17
N ILE E 350 -20.92 9.30 31.56
CA ILE E 350 -22.32 8.91 31.90
C ILE E 350 -22.32 7.77 32.92
N ALA E 351 -21.16 7.39 33.45
CA ALA E 351 -21.02 6.36 34.52
C ALA E 351 -21.82 6.81 35.75
N SER E 352 -22.58 5.88 36.34
CA SER E 352 -23.47 6.10 37.50
C SER E 352 -22.66 6.19 38.79
N VAL E 353 -23.32 6.55 39.90
CA VAL E 353 -22.71 6.61 41.26
C VAL E 353 -22.37 5.18 41.70
N ARG E 354 -23.22 4.22 41.34
CA ARG E 354 -23.04 2.77 41.66
C ARG E 354 -21.73 2.29 41.02
N ARG E 355 -21.53 2.53 39.73
CA ARG E 355 -20.34 2.03 39.00
C ARG E 355 -19.04 2.49 39.66
N ILE E 356 -18.96 3.77 39.98
CA ILE E 356 -17.70 4.34 40.55
C ILE E 356 -17.36 3.56 41.82
N VAL E 357 -18.37 3.24 42.65
CA VAL E 357 -18.21 2.48 43.92
C VAL E 357 -17.78 1.04 43.58
N ASN E 358 -18.46 0.42 42.61
CA ASN E 358 -18.22 -0.99 42.18
C ASN E 358 -16.80 -1.13 41.61
N MET E 359 -16.38 -0.19 40.75
CA MET E 359 -15.07 -0.22 40.07
C MET E 359 -13.96 0.12 41.08
N VAL E 360 -14.21 1.06 42.00
CA VAL E 360 -13.28 1.43 43.11
C VAL E 360 -12.99 0.17 43.93
N ALA E 361 -14.05 -0.47 44.43
CA ALA E 361 -14.00 -1.75 45.17
C ALA E 361 -13.18 -2.77 44.38
N LEU E 362 -13.49 -2.93 43.09
CA LEU E 362 -12.75 -3.82 42.15
C LEU E 362 -11.26 -3.44 42.18
N ALA E 363 -10.96 -2.15 42.07
CA ALA E 363 -9.58 -1.61 42.09
C ALA E 363 -8.89 -1.96 43.41
N VAL E 364 -9.60 -1.83 44.54
CA VAL E 364 -9.06 -2.13 45.90
C VAL E 364 -8.58 -3.58 45.95
N VAL E 365 -9.35 -4.50 45.35
CA VAL E 365 -9.02 -5.96 45.30
C VAL E 365 -7.80 -6.16 44.40
N GLU E 366 -7.66 -5.36 43.34
CA GLU E 366 -6.46 -5.37 42.45
C GLU E 366 -5.25 -4.82 43.19
N ALA E 367 -5.48 -3.87 44.11
CA ALA E 367 -4.45 -3.28 45.00
C ALA E 367 -3.85 -4.39 45.87
N GLN E 368 -4.73 -5.26 46.38
CA GLN E 368 -4.24 -6.47 47.06
C GLN E 368 -3.99 -7.40 45.88
N THR E 369 -3.47 -8.59 46.06
CA THR E 369 -3.32 -9.46 44.86
C THR E 369 -2.50 -8.75 43.78
N GLN E 370 -2.99 -8.71 42.54
CA GLN E 370 -2.21 -8.11 41.41
C GLN E 370 -3.14 -7.35 40.48
N PRO E 371 -2.61 -6.58 39.50
CA PRO E 371 -3.46 -5.80 38.60
C PRO E 371 -4.11 -6.66 37.51
N LEU E 372 -5.34 -6.33 37.14
CA LEU E 372 -6.07 -7.12 36.11
C LEU E 372 -5.36 -6.95 34.77
N GLU F 35 -50.16 0.74 16.61
CA GLU F 35 -49.62 1.33 15.37
C GLU F 35 -48.67 0.32 14.72
N ASN F 36 -48.37 0.51 13.43
CA ASN F 36 -47.52 -0.46 12.71
C ASN F 36 -46.20 -0.59 13.48
N LEU F 37 -45.66 0.53 13.95
CA LEU F 37 -44.44 0.49 14.78
C LEU F 37 -44.87 0.15 16.21
N TYR F 38 -43.94 -0.24 17.07
CA TYR F 38 -44.29 -0.66 18.46
C TYR F 38 -45.48 -1.61 18.47
N PHE F 39 -45.39 -2.75 17.79
CA PHE F 39 -46.43 -3.80 17.87
C PHE F 39 -45.92 -5.03 17.12
N GLN F 40 -46.40 -6.22 17.46
CA GLN F 40 -45.82 -7.44 16.87
C GLN F 40 -46.50 -7.84 15.57
N GLY F 41 -45.78 -7.73 14.45
CA GLY F 41 -46.28 -8.24 13.14
C GLY F 41 -47.51 -7.51 12.62
N LEU F 42 -47.82 -6.32 13.11
CA LEU F 42 -49.05 -5.61 12.67
C LEU F 42 -48.79 -4.96 11.31
N PHE F 43 -47.57 -4.48 11.09
CA PHE F 43 -47.17 -3.81 9.82
C PHE F 43 -47.30 -4.79 8.64
N MET F 44 -47.45 -6.09 8.91
CA MET F 44 -47.48 -7.17 7.88
C MET F 44 -48.90 -7.38 7.33
N LYS F 45 -49.95 -6.90 8.01
CA LYS F 45 -51.36 -7.27 7.69
C LYS F 45 -51.71 -6.83 6.26
N PRO F 46 -51.39 -5.59 5.83
CA PRO F 46 -51.62 -5.17 4.45
C PRO F 46 -50.94 -6.04 3.37
N ILE F 47 -49.80 -6.67 3.72
CA ILE F 47 -49.00 -7.52 2.79
C ILE F 47 -49.82 -8.79 2.47
N PHE F 48 -50.33 -9.46 3.51
CA PHE F 48 -51.22 -10.65 3.37
C PHE F 48 -52.50 -10.24 2.63
N SER F 49 -53.13 -9.15 3.09
CA SER F 49 -54.33 -8.52 2.48
C SER F 49 -54.12 -8.38 0.96
N GLN F 50 -52.99 -7.76 0.57
CA GLN F 50 -52.66 -7.39 -0.84
C GLN F 50 -52.32 -8.65 -1.64
N ALA F 51 -51.62 -9.61 -1.03
CA ALA F 51 -51.20 -10.89 -1.66
C ALA F 51 -52.43 -11.72 -2.03
N ARG F 52 -53.39 -11.85 -1.11
CA ARG F 52 -54.64 -12.64 -1.26
C ARG F 52 -55.40 -12.20 -2.51
N LYS F 53 -55.36 -10.90 -2.84
CA LYS F 53 -56.14 -10.27 -3.94
C LYS F 53 -55.62 -10.72 -5.31
N ALA F 54 -54.30 -10.83 -5.48
CA ALA F 54 -53.63 -11.26 -6.74
C ALA F 54 -52.46 -12.19 -6.43
N PRO F 55 -52.72 -13.48 -6.11
CA PRO F 55 -51.65 -14.44 -5.83
C PRO F 55 -50.74 -14.67 -7.06
N LYS F 56 -49.44 -14.62 -6.83
CA LYS F 56 -48.44 -14.76 -7.91
C LYS F 56 -47.68 -16.06 -7.76
N ARG F 57 -46.91 -16.44 -8.78
CA ARG F 57 -46.18 -17.73 -8.77
C ARG F 57 -44.78 -17.49 -8.22
N VAL F 58 -44.46 -18.11 -7.08
CA VAL F 58 -43.15 -17.87 -6.41
C VAL F 58 -42.36 -19.17 -6.46
N VAL F 59 -41.09 -19.08 -6.85
CA VAL F 59 -40.26 -20.31 -7.01
C VAL F 59 -39.52 -20.58 -5.70
N LEU F 60 -39.64 -21.80 -5.19
CA LEU F 60 -38.94 -22.22 -3.95
C LEU F 60 -37.91 -23.28 -4.33
N PRO F 61 -36.68 -22.87 -4.71
CA PRO F 61 -35.66 -23.80 -5.20
C PRO F 61 -35.33 -24.98 -4.27
N GLU F 62 -35.44 -24.81 -2.95
CA GLU F 62 -35.18 -25.87 -1.94
C GLU F 62 -36.47 -26.64 -1.67
N GLY F 63 -37.05 -27.28 -2.70
CA GLY F 63 -38.37 -27.92 -2.67
C GLY F 63 -38.40 -29.21 -1.85
N GLU F 64 -37.23 -29.79 -1.56
CA GLU F 64 -37.10 -31.07 -0.80
C GLU F 64 -37.01 -30.80 0.70
N GLU F 65 -36.83 -29.54 1.11
CA GLU F 65 -36.71 -29.15 2.54
C GLU F 65 -38.09 -29.17 3.19
N ALA F 66 -38.21 -29.79 4.37
CA ALA F 66 -39.44 -29.91 5.18
C ALA F 66 -40.03 -28.52 5.41
N ARG F 67 -39.19 -27.57 5.83
CA ARG F 67 -39.61 -26.18 6.18
C ARG F 67 -40.23 -25.52 4.95
N VAL F 68 -39.74 -25.80 3.75
CA VAL F 68 -40.29 -25.25 2.46
C VAL F 68 -41.62 -25.95 2.15
N LEU F 69 -41.74 -27.24 2.51
CA LEU F 69 -42.96 -28.06 2.25
C LEU F 69 -44.08 -27.64 3.23
N HIS F 70 -43.75 -27.47 4.51
CA HIS F 70 -44.65 -26.86 5.53
C HIS F 70 -45.11 -25.49 5.04
N ALA F 71 -44.16 -24.64 4.62
CA ALA F 71 -44.39 -23.27 4.13
C ALA F 71 -45.34 -23.29 2.93
N THR F 72 -45.17 -24.26 2.04
CA THR F 72 -45.99 -24.44 0.80
C THR F 72 -47.44 -24.72 1.21
N GLN F 73 -47.65 -25.63 2.18
CA GLN F 73 -48.99 -25.95 2.74
C GLN F 73 -49.64 -24.64 3.20
N GLU F 74 -49.00 -23.93 4.13
CA GLU F 74 -49.51 -22.68 4.74
C GLU F 74 -49.89 -21.68 3.63
N LEU F 75 -49.03 -21.53 2.62
CA LEU F 75 -49.25 -20.59 1.48
C LEU F 75 -50.54 -20.95 0.74
N VAL F 76 -50.76 -22.23 0.46
CA VAL F 76 -51.96 -22.75 -0.28
C VAL F 76 -53.21 -22.54 0.60
N THR F 77 -53.15 -22.98 1.86
CA THR F 77 -54.25 -22.88 2.86
C THR F 77 -54.70 -21.42 3.00
N LEU F 78 -53.75 -20.47 3.08
CA LEU F 78 -54.04 -19.02 3.33
C LEU F 78 -54.15 -18.25 2.00
N GLY F 79 -54.02 -18.94 0.87
CA GLY F 79 -54.21 -18.39 -0.50
C GLY F 79 -53.38 -17.13 -0.73
N LEU F 80 -52.07 -17.21 -0.49
CA LEU F 80 -51.11 -16.07 -0.56
C LEU F 80 -50.32 -16.09 -1.87
N ALA F 81 -50.07 -17.27 -2.45
CA ALA F 81 -49.24 -17.45 -3.66
C ALA F 81 -49.52 -18.81 -4.30
N LYS F 82 -49.16 -18.97 -5.58
CA LYS F 82 -49.13 -20.26 -6.33
C LYS F 82 -47.70 -20.80 -6.31
N PRO F 83 -47.36 -21.70 -5.35
CA PRO F 83 -45.98 -22.19 -5.23
C PRO F 83 -45.51 -23.03 -6.42
N ILE F 84 -44.26 -22.82 -6.83
CA ILE F 84 -43.52 -23.71 -7.78
C ILE F 84 -42.29 -24.24 -7.04
N LEU F 85 -42.26 -25.54 -6.74
CA LEU F 85 -41.11 -26.18 -6.04
C LEU F 85 -40.13 -26.73 -7.07
N ILE F 86 -38.89 -26.99 -6.65
CA ILE F 86 -37.80 -27.57 -7.48
C ILE F 86 -37.10 -28.66 -6.66
N GLY F 87 -36.87 -29.83 -7.27
CA GLY F 87 -36.26 -31.01 -6.63
C GLY F 87 -36.77 -32.29 -7.27
N ARG F 88 -36.41 -33.43 -6.68
CA ARG F 88 -36.74 -34.79 -7.19
C ARG F 88 -38.21 -35.09 -6.85
N PRO F 89 -39.14 -35.11 -7.85
CA PRO F 89 -40.57 -35.25 -7.57
C PRO F 89 -40.90 -36.46 -6.68
N ASN F 90 -40.11 -37.52 -6.80
CA ASN F 90 -40.18 -38.76 -5.98
C ASN F 90 -39.98 -38.41 -4.49
N VAL F 91 -38.82 -37.82 -4.14
CA VAL F 91 -38.49 -37.53 -2.71
C VAL F 91 -39.53 -36.58 -2.13
N ILE F 92 -39.81 -35.51 -2.85
CA ILE F 92 -40.79 -34.49 -2.39
C ILE F 92 -42.06 -35.21 -1.92
N GLU F 93 -42.63 -36.07 -2.76
CA GLU F 93 -43.95 -36.74 -2.53
C GLU F 93 -43.89 -37.63 -1.28
N MET F 94 -42.73 -38.22 -0.99
CA MET F 94 -42.59 -39.08 0.22
C MET F 94 -42.69 -38.20 1.46
N ARG F 95 -42.15 -36.98 1.40
CA ARG F 95 -42.13 -36.08 2.57
C ARG F 95 -43.51 -35.49 2.81
N ILE F 96 -44.19 -35.07 1.75
CA ILE F 96 -45.55 -34.46 1.90
C ILE F 96 -46.37 -35.45 2.71
N GLN F 97 -46.00 -36.73 2.66
CA GLN F 97 -46.72 -37.77 3.42
C GLN F 97 -46.05 -37.95 4.78
N LYS F 98 -44.73 -38.12 4.79
CA LYS F 98 -44.03 -38.36 6.08
C LYS F 98 -44.31 -37.17 7.00
N LEU F 99 -44.85 -36.07 6.45
CA LEU F 99 -45.20 -34.88 7.27
C LEU F 99 -46.72 -34.80 7.39
N GLY F 100 -47.44 -35.67 6.68
CA GLY F 100 -48.91 -35.72 6.75
C GLY F 100 -49.54 -34.41 6.31
N LEU F 101 -49.16 -33.90 5.14
CA LEU F 101 -49.66 -32.63 4.55
C LEU F 101 -50.69 -32.95 3.46
N GLN F 102 -51.54 -31.99 3.11
CA GLN F 102 -52.64 -32.25 2.15
C GLN F 102 -52.26 -31.76 0.75
N ILE F 103 -51.25 -30.90 0.66
CA ILE F 103 -50.84 -30.31 -0.65
C ILE F 103 -50.51 -31.46 -1.61
N LYS F 104 -50.92 -31.33 -2.87
CA LYS F 104 -50.66 -32.39 -3.87
C LYS F 104 -49.99 -31.80 -5.13
N ALA F 105 -49.03 -32.52 -5.68
CA ALA F 105 -48.27 -32.04 -6.86
C ALA F 105 -49.16 -31.99 -8.11
N GLY F 106 -49.00 -30.95 -8.91
CA GLY F 106 -49.82 -30.79 -10.12
C GLY F 106 -51.18 -30.21 -9.79
N VAL F 107 -51.54 -30.24 -8.51
CA VAL F 107 -52.90 -29.77 -8.10
C VAL F 107 -52.78 -28.48 -7.28
N ASP F 108 -52.22 -28.57 -6.09
CA ASP F 108 -52.12 -27.40 -5.19
C ASP F 108 -50.81 -26.66 -5.47
N PHE F 109 -49.90 -27.28 -6.20
CA PHE F 109 -48.58 -26.67 -6.49
C PHE F 109 -47.93 -27.38 -7.69
N GLU F 110 -46.88 -26.78 -8.25
CA GLU F 110 -46.22 -27.38 -9.44
C GLU F 110 -44.79 -27.78 -9.07
N ILE F 111 -44.34 -28.94 -9.55
CA ILE F 111 -42.95 -29.39 -9.27
C ILE F 111 -42.14 -29.36 -10.57
N VAL F 112 -41.07 -28.58 -10.59
CA VAL F 112 -40.10 -28.52 -11.73
C VAL F 112 -38.96 -29.48 -11.39
N ASN F 113 -38.87 -30.60 -12.12
CA ASN F 113 -37.84 -31.65 -11.90
C ASN F 113 -36.49 -31.12 -12.42
N ASN F 114 -35.53 -30.92 -11.51
CA ASN F 114 -34.17 -30.39 -11.85
C ASN F 114 -33.45 -31.38 -12.76
N GLU F 115 -33.60 -32.69 -12.49
CA GLU F 115 -32.89 -33.79 -13.19
C GLU F 115 -33.45 -34.02 -14.61
N SER F 116 -34.66 -33.52 -14.92
CA SER F 116 -35.34 -33.70 -16.23
C SER F 116 -36.42 -32.64 -16.45
N ASP F 117 -36.29 -31.79 -17.46
CA ASP F 117 -37.27 -30.72 -17.81
C ASP F 117 -37.32 -30.54 -19.32
N PRO F 118 -38.52 -30.32 -19.91
CA PRO F 118 -38.65 -30.06 -21.34
C PRO F 118 -38.37 -28.61 -21.79
N ARG F 119 -37.76 -27.81 -20.91
CA ARG F 119 -37.30 -26.42 -21.20
C ARG F 119 -35.79 -26.29 -20.94
N PHE F 120 -35.11 -27.39 -20.60
CA PHE F 120 -33.69 -27.44 -20.18
C PHE F 120 -32.79 -26.71 -21.21
N LYS F 121 -33.07 -26.89 -22.51
CA LYS F 121 -32.24 -26.35 -23.62
C LYS F 121 -32.17 -24.83 -23.53
N GLU F 122 -33.34 -24.17 -23.53
CA GLU F 122 -33.43 -22.69 -23.53
C GLU F 122 -32.98 -22.11 -22.20
N TYR F 123 -32.98 -22.94 -21.16
CA TYR F 123 -32.59 -22.48 -19.80
C TYR F 123 -31.08 -22.36 -19.72
N TRP F 124 -30.36 -23.44 -20.03
CA TRP F 124 -28.87 -23.39 -19.98
C TRP F 124 -28.39 -22.37 -21.02
N THR F 125 -29.07 -22.28 -22.17
CA THR F 125 -28.78 -21.30 -23.25
C THR F 125 -28.93 -19.87 -22.69
N GLU F 126 -30.05 -19.54 -22.05
CA GLU F 126 -30.31 -18.18 -21.53
C GLU F 126 -29.29 -17.84 -20.43
N TYR F 127 -28.88 -18.82 -19.63
CA TYR F 127 -27.84 -18.67 -18.56
C TYR F 127 -26.49 -18.42 -19.24
N PHE F 128 -26.14 -19.21 -20.26
CA PHE F 128 -24.87 -19.09 -21.01
C PHE F 128 -24.77 -17.67 -21.59
N GLN F 129 -25.85 -17.16 -22.19
CA GLN F 129 -25.89 -15.79 -22.80
C GLN F 129 -25.49 -14.76 -21.74
N ILE F 130 -25.99 -14.91 -20.51
CA ILE F 130 -25.75 -13.98 -19.37
C ILE F 130 -24.30 -14.11 -18.88
N MET F 131 -23.73 -15.32 -18.90
CA MET F 131 -22.51 -15.69 -18.13
C MET F 131 -21.37 -16.20 -19.03
N LYS F 132 -21.49 -16.12 -20.35
CA LYS F 132 -20.49 -16.65 -21.33
C LYS F 132 -19.18 -15.87 -21.20
N ARG F 133 -19.22 -14.59 -20.85
CA ARG F 133 -18.02 -13.72 -20.69
C ARG F 133 -17.70 -13.54 -19.20
N ARG F 134 -18.32 -14.34 -18.33
CA ARG F 134 -18.10 -14.31 -16.86
C ARG F 134 -17.70 -15.73 -16.39
N GLY F 135 -16.95 -16.45 -17.23
CA GLY F 135 -16.25 -17.70 -16.87
C GLY F 135 -17.17 -18.91 -16.79
N VAL F 136 -18.18 -18.97 -17.67
CA VAL F 136 -19.16 -20.10 -17.74
C VAL F 136 -19.17 -20.61 -19.19
N THR F 137 -18.69 -21.84 -19.41
CA THR F 137 -18.78 -22.58 -20.70
C THR F 137 -20.20 -23.14 -20.83
N GLN F 138 -20.61 -23.49 -22.05
CA GLN F 138 -21.91 -24.15 -22.34
C GLN F 138 -22.02 -25.44 -21.50
N GLU F 139 -20.91 -26.16 -21.34
CA GLU F 139 -20.81 -27.40 -20.52
C GLU F 139 -21.16 -27.05 -19.06
N GLN F 140 -20.55 -25.98 -18.53
CA GLN F 140 -20.69 -25.53 -17.12
C GLN F 140 -22.13 -25.08 -16.86
N ALA F 141 -22.75 -24.39 -17.82
CA ALA F 141 -24.16 -23.91 -17.76
C ALA F 141 -25.09 -25.12 -17.62
N GLN F 142 -24.92 -26.12 -18.48
CA GLN F 142 -25.76 -27.34 -18.54
C GLN F 142 -25.74 -28.05 -17.18
N ARG F 143 -24.56 -28.25 -16.60
CA ARG F 143 -24.39 -28.84 -15.25
C ARG F 143 -25.23 -28.05 -14.24
N ALA F 144 -25.22 -26.71 -14.33
CA ALA F 144 -25.81 -25.78 -13.34
C ALA F 144 -27.34 -25.80 -13.41
N LEU F 145 -27.93 -25.93 -14.61
CA LEU F 145 -29.41 -25.89 -14.78
C LEU F 145 -29.99 -27.24 -14.39
N ILE F 146 -29.16 -28.17 -13.94
CA ILE F 146 -29.55 -29.51 -13.41
C ILE F 146 -29.18 -29.58 -11.92
N SER F 147 -28.08 -28.92 -11.53
CA SER F 147 -27.36 -29.14 -10.24
C SER F 147 -27.51 -27.96 -9.27
N ASN F 148 -27.95 -26.78 -9.76
CA ASN F 148 -28.10 -25.56 -8.93
C ASN F 148 -29.55 -25.06 -9.03
N PRO F 149 -30.42 -25.39 -8.04
CA PRO F 149 -31.82 -25.00 -8.08
C PRO F 149 -32.04 -23.47 -8.22
N THR F 150 -31.19 -22.66 -7.60
CA THR F 150 -31.30 -21.18 -7.54
C THR F 150 -31.13 -20.58 -8.95
N VAL F 151 -30.30 -21.20 -9.80
CA VAL F 151 -30.09 -20.77 -11.20
C VAL F 151 -31.37 -21.06 -11.99
N ILE F 152 -31.88 -22.28 -11.88
CA ILE F 152 -33.16 -22.73 -12.53
C ILE F 152 -34.24 -21.72 -12.14
N GLY F 153 -34.41 -21.47 -10.83
CA GLY F 153 -35.35 -20.50 -10.26
C GLY F 153 -35.14 -19.09 -10.82
N ALA F 154 -33.89 -18.62 -10.83
CA ALA F 154 -33.52 -17.28 -11.35
C ALA F 154 -33.95 -17.14 -12.81
N ILE F 155 -33.65 -18.15 -13.63
CA ILE F 155 -33.95 -18.17 -15.10
C ILE F 155 -35.47 -18.17 -15.32
N MET F 156 -36.21 -18.98 -14.54
CA MET F 156 -37.69 -19.06 -14.57
C MET F 156 -38.29 -17.66 -14.38
N VAL F 157 -37.88 -16.96 -13.31
CA VAL F 157 -38.42 -15.61 -12.95
C VAL F 157 -38.06 -14.62 -14.06
N GLN F 158 -36.81 -14.65 -14.52
CA GLN F 158 -36.26 -13.77 -15.59
C GLN F 158 -37.08 -13.96 -16.88
N ARG F 159 -37.27 -15.22 -17.30
CA ARG F 159 -38.05 -15.60 -18.52
C ARG F 159 -39.50 -15.12 -18.40
N GLY F 160 -40.05 -15.04 -17.17
CA GLY F 160 -41.43 -14.62 -16.88
C GLY F 160 -42.36 -15.80 -16.65
N GLU F 161 -41.80 -17.01 -16.55
CA GLU F 161 -42.53 -18.25 -16.18
C GLU F 161 -42.81 -18.26 -14.67
N ALA F 162 -42.18 -17.35 -13.92
CA ALA F 162 -42.44 -17.10 -12.48
C ALA F 162 -42.36 -15.59 -12.20
N ASP F 163 -42.99 -15.14 -11.11
CA ASP F 163 -43.16 -13.70 -10.74
C ASP F 163 -42.12 -13.28 -9.69
N ALA F 164 -41.62 -14.23 -8.89
CA ALA F 164 -40.74 -14.01 -7.72
C ALA F 164 -40.01 -15.30 -7.33
N MET F 165 -39.06 -15.20 -6.40
CA MET F 165 -38.27 -16.34 -5.88
C MET F 165 -37.93 -16.11 -4.41
N ILE F 166 -38.08 -17.15 -3.58
CA ILE F 166 -37.58 -17.20 -2.17
C ILE F 166 -36.64 -18.40 -2.05
N CYS F 167 -35.37 -18.11 -1.72
CA CYS F 167 -34.24 -19.09 -1.74
C CYS F 167 -33.36 -18.82 -0.52
N GLY F 168 -32.34 -19.68 -0.33
CA GLY F 168 -31.31 -19.53 0.73
C GLY F 168 -31.72 -20.15 2.04
N THR F 169 -32.68 -21.06 1.99
CA THR F 169 -33.10 -21.80 3.20
C THR F 169 -32.04 -22.85 3.49
N VAL F 170 -30.99 -22.88 2.68
CA VAL F 170 -29.91 -23.90 2.85
C VAL F 170 -28.60 -23.34 2.30
N GLY F 171 -27.53 -23.36 3.09
CA GLY F 171 -26.19 -22.96 2.57
C GLY F 171 -25.70 -21.59 2.98
N ASP F 172 -24.86 -20.98 2.14
CA ASP F 172 -24.31 -19.61 2.39
C ASP F 172 -25.23 -18.59 1.70
N TYR F 173 -25.29 -17.37 2.22
CA TYR F 173 -26.07 -16.26 1.62
C TYR F 173 -25.53 -15.97 0.22
N HIS F 174 -24.22 -15.68 0.12
CA HIS F 174 -23.55 -15.19 -1.12
C HIS F 174 -23.60 -16.27 -2.21
N GLU F 175 -23.71 -17.55 -1.81
CA GLU F 175 -23.93 -18.70 -2.72
C GLU F 175 -25.14 -18.39 -3.63
N HIS F 176 -26.22 -17.88 -3.05
CA HIS F 176 -27.52 -17.62 -3.73
C HIS F 176 -27.55 -16.20 -4.31
N PHE F 177 -27.04 -15.21 -3.58
CA PHE F 177 -27.04 -13.77 -3.99
C PHE F 177 -26.29 -13.60 -5.30
N SER F 178 -25.14 -14.26 -5.46
CA SER F 178 -24.24 -14.12 -6.64
C SER F 178 -24.99 -14.53 -7.92
N VAL F 179 -25.78 -15.60 -7.86
CA VAL F 179 -26.64 -16.06 -8.98
C VAL F 179 -27.75 -15.03 -9.24
N VAL F 180 -28.41 -14.57 -8.17
CA VAL F 180 -29.51 -13.57 -8.18
C VAL F 180 -29.00 -12.25 -8.81
N LYS F 181 -27.80 -11.80 -8.42
CA LYS F 181 -27.16 -10.57 -8.96
C LYS F 181 -26.90 -10.76 -10.46
N ASN F 182 -26.22 -11.85 -10.83
CA ASN F 182 -25.79 -12.16 -12.21
C ASN F 182 -26.96 -12.08 -13.18
N VAL F 183 -28.09 -12.73 -12.85
CA VAL F 183 -29.21 -13.00 -13.79
C VAL F 183 -30.13 -11.77 -13.87
N PHE F 184 -30.51 -11.19 -12.73
CA PHE F 184 -31.51 -10.08 -12.64
C PHE F 184 -30.83 -8.72 -12.80
N GLY F 185 -29.59 -8.58 -12.34
CA GLY F 185 -28.89 -7.29 -12.25
C GLY F 185 -29.57 -6.37 -11.25
N TYR F 186 -29.24 -5.08 -11.28
CA TYR F 186 -29.78 -4.07 -10.34
C TYR F 186 -31.04 -3.42 -10.91
N ARG F 187 -31.83 -2.77 -10.05
CA ARG F 187 -32.94 -1.86 -10.43
C ARG F 187 -32.35 -0.63 -11.11
N ASP F 188 -33.16 0.10 -11.88
CA ASP F 188 -32.76 1.38 -12.54
C ASP F 188 -32.31 2.36 -11.45
N GLY F 189 -31.27 3.14 -11.75
CA GLY F 189 -30.71 4.19 -10.87
C GLY F 189 -30.30 3.63 -9.51
N VAL F 190 -29.70 2.42 -9.54
CA VAL F 190 -29.18 1.72 -8.34
C VAL F 190 -27.95 0.92 -8.76
N HIS F 191 -26.82 1.02 -8.05
CA HIS F 191 -25.53 0.38 -8.39
C HIS F 191 -24.99 -0.40 -7.18
N THR F 192 -25.92 -0.78 -6.29
CA THR F 192 -25.58 -1.53 -5.06
C THR F 192 -26.81 -2.27 -4.51
N ALA F 193 -26.62 -3.48 -3.96
CA ALA F 193 -27.65 -4.29 -3.29
C ALA F 193 -27.41 -4.23 -1.79
N GLY F 194 -28.48 -4.40 -1.00
CA GLY F 194 -28.44 -4.31 0.47
C GLY F 194 -29.46 -5.23 1.10
N ALA F 195 -29.10 -5.85 2.22
CA ALA F 195 -29.96 -6.75 3.02
C ALA F 195 -30.32 -6.06 4.34
N MET F 196 -31.57 -6.20 4.76
CA MET F 196 -32.15 -5.54 5.97
C MET F 196 -32.86 -6.60 6.82
N ASN F 197 -32.56 -6.68 8.11
CA ASN F 197 -33.27 -7.54 9.08
C ASN F 197 -34.13 -6.66 9.99
N ALA F 198 -35.13 -7.26 10.64
CA ALA F 198 -36.10 -6.57 11.52
C ALA F 198 -36.13 -7.25 12.89
N LEU F 199 -36.06 -6.46 13.95
CA LEU F 199 -36.22 -6.88 15.36
C LEU F 199 -37.37 -6.09 15.98
N LEU F 200 -38.17 -6.72 16.86
CA LEU F 200 -39.06 -5.98 17.78
C LEU F 200 -38.30 -5.76 19.08
N LEU F 201 -37.69 -4.59 19.18
CA LEU F 201 -36.95 -4.21 20.40
C LEU F 201 -37.89 -3.39 21.26
N PRO F 202 -37.57 -3.14 22.53
CA PRO F 202 -38.49 -2.42 23.40
C PRO F 202 -38.88 -1.11 22.72
N SER F 203 -37.94 -0.50 22.02
CA SER F 203 -38.17 0.80 21.35
C SER F 203 -39.24 0.65 20.26
N GLY F 204 -39.33 -0.53 19.67
CA GLY F 204 -40.28 -0.75 18.57
C GLY F 204 -39.63 -1.50 17.42
N ASN F 205 -40.40 -1.84 16.40
CA ASN F 205 -39.82 -2.50 15.20
C ASN F 205 -38.60 -1.69 14.76
N THR F 206 -37.44 -2.34 14.74
CA THR F 206 -36.13 -1.75 14.37
C THR F 206 -35.51 -2.56 13.24
N PHE F 207 -35.08 -1.90 12.16
CA PHE F 207 -34.45 -2.52 10.98
C PHE F 207 -32.95 -2.20 11.01
N ILE F 208 -32.13 -3.13 10.54
CA ILE F 208 -30.64 -3.01 10.48
C ILE F 208 -30.17 -3.37 9.07
N ALA F 209 -29.30 -2.53 8.48
CA ALA F 209 -28.68 -2.75 7.16
C ALA F 209 -27.27 -2.17 7.17
N ASP F 210 -26.40 -2.60 6.24
CA ASP F 210 -26.54 -3.84 5.45
C ASP F 210 -26.05 -5.00 6.30
N THR F 211 -26.72 -6.15 6.18
CA THR F 211 -26.41 -7.29 7.07
C THR F 211 -25.79 -8.47 6.32
N TYR F 212 -25.90 -8.55 4.99
CA TYR F 212 -25.43 -9.77 4.30
C TYR F 212 -24.80 -9.54 2.92
N VAL F 213 -24.80 -8.33 2.37
CA VAL F 213 -24.30 -8.18 0.97
C VAL F 213 -22.90 -7.58 0.94
N ASN F 214 -22.70 -6.38 1.47
CA ASN F 214 -21.39 -5.69 1.36
C ASN F 214 -20.65 -5.77 2.70
N ASP F 215 -19.35 -6.08 2.67
CA ASP F 215 -18.57 -6.22 3.94
C ASP F 215 -18.14 -4.84 4.39
N GLU F 216 -17.49 -4.08 3.52
CA GLU F 216 -17.06 -2.68 3.81
C GLU F 216 -17.67 -1.76 2.75
N PRO F 217 -18.98 -1.42 2.83
CA PRO F 217 -19.60 -0.52 1.86
C PRO F 217 -19.03 0.91 2.01
N ASP F 218 -18.83 1.60 0.88
CA ASP F 218 -18.31 3.00 0.84
C ASP F 218 -19.47 3.97 1.05
N ALA F 219 -19.17 5.26 1.15
CA ALA F 219 -20.14 6.36 1.38
C ALA F 219 -21.31 6.24 0.39
N GLU F 220 -21.00 6.08 -0.91
CA GLU F 220 -22.01 6.00 -2.01
C GLU F 220 -22.94 4.80 -1.79
N GLU F 221 -22.37 3.64 -1.47
CA GLU F 221 -23.14 2.39 -1.26
C GLU F 221 -24.03 2.55 -0.02
N LEU F 222 -23.48 3.07 1.08
CA LEU F 222 -24.23 3.32 2.34
C LEU F 222 -25.37 4.32 2.09
N ALA F 223 -25.19 5.26 1.16
CA ALA F 223 -26.20 6.28 0.77
C ALA F 223 -27.38 5.59 0.07
N GLU F 224 -27.09 4.70 -0.88
CA GLU F 224 -28.11 3.98 -1.69
C GLU F 224 -28.84 2.96 -0.82
N ILE F 225 -28.13 2.36 0.13
CA ILE F 225 -28.66 1.37 1.12
C ILE F 225 -29.64 2.09 2.05
N THR F 226 -29.27 3.28 2.53
CA THR F 226 -30.09 4.14 3.42
C THR F 226 -31.42 4.48 2.73
N LEU F 227 -31.35 4.92 1.46
CA LEU F 227 -32.54 5.31 0.64
C LEU F 227 -33.46 4.10 0.48
N MET F 228 -32.90 2.95 0.06
CA MET F 228 -33.63 1.68 -0.16
C MET F 228 -34.25 1.19 1.15
N ALA F 229 -33.50 1.29 2.26
CA ALA F 229 -33.94 0.91 3.62
C ALA F 229 -35.17 1.75 4.01
N ALA F 230 -35.13 3.06 3.74
CA ALA F 230 -36.21 4.02 4.06
C ALA F 230 -37.45 3.72 3.22
N GLU F 231 -37.28 3.50 1.91
CA GLU F 231 -38.39 3.22 0.96
C GLU F 231 -39.11 1.93 1.36
N THR F 232 -38.36 0.92 1.81
CA THR F 232 -38.88 -0.39 2.28
C THR F 232 -39.71 -0.17 3.55
N VAL F 233 -39.18 0.60 4.49
CA VAL F 233 -39.86 0.90 5.80
C VAL F 233 -41.15 1.68 5.54
N ARG F 234 -41.16 2.57 4.53
CA ARG F 234 -42.37 3.36 4.13
C ARG F 234 -43.43 2.41 3.58
N ARG F 235 -43.03 1.47 2.73
CA ARG F 235 -44.00 0.52 2.12
C ARG F 235 -44.69 -0.29 3.21
N PHE F 236 -44.00 -0.56 4.31
CA PHE F 236 -44.60 -1.26 5.48
C PHE F 236 -45.57 -0.33 6.20
N GLY F 237 -45.63 0.94 5.78
CA GLY F 237 -46.51 1.98 6.36
C GLY F 237 -45.97 2.50 7.68
N ILE F 238 -44.65 2.67 7.76
CA ILE F 238 -43.93 3.20 8.97
C ILE F 238 -43.12 4.43 8.55
N GLU F 239 -43.11 5.47 9.39
CA GLU F 239 -42.29 6.70 9.21
C GLU F 239 -40.82 6.33 9.40
N PRO F 240 -39.97 6.40 8.35
CA PRO F 240 -38.56 6.03 8.48
C PRO F 240 -37.82 7.10 9.27
N ARG F 241 -37.16 6.68 10.37
CA ARG F 241 -36.30 7.52 11.23
C ARG F 241 -34.91 6.87 11.28
N VAL F 242 -33.98 7.35 10.45
CA VAL F 242 -32.66 6.69 10.22
C VAL F 242 -31.64 7.22 11.22
N ALA F 243 -30.65 6.38 11.55
CA ALA F 243 -29.45 6.74 12.34
C ALA F 243 -28.26 6.00 11.75
N LEU F 244 -27.26 6.72 11.25
CA LEU F 244 -25.95 6.14 10.85
C LEU F 244 -25.14 5.90 12.12
N LEU F 245 -24.74 4.65 12.36
CA LEU F 245 -24.08 4.23 13.63
C LEU F 245 -22.57 4.19 13.47
N SER F 246 -21.83 4.48 14.55
CA SER F 246 -20.37 4.33 14.66
C SER F 246 -19.98 4.19 16.14
N HIS F 247 -18.75 3.82 16.30
CA HIS F 247 -18.18 3.86 17.64
C HIS F 247 -17.76 5.30 17.97
N SER F 248 -17.90 6.26 17.03
CA SER F 248 -17.66 7.71 17.18
C SER F 248 -18.99 8.42 17.48
N ASN F 249 -19.02 9.27 18.50
CA ASN F 249 -20.23 10.06 18.78
C ASN F 249 -20.04 11.44 18.15
N PHE F 250 -20.57 11.64 16.95
CA PHE F 250 -20.50 12.96 16.27
C PHE F 250 -19.08 13.53 16.32
N GLY F 251 -18.10 12.85 15.71
CA GLY F 251 -16.73 13.39 15.60
C GLY F 251 -15.76 12.89 16.65
N SER F 252 -16.24 12.13 17.63
CA SER F 252 -15.38 11.61 18.71
C SER F 252 -14.15 10.93 18.13
N SER F 253 -14.30 10.37 16.94
CA SER F 253 -13.19 9.60 16.34
C SER F 253 -13.06 9.90 14.84
N ASP F 254 -11.83 9.90 14.36
CA ASP F 254 -11.53 10.13 12.92
C ASP F 254 -10.99 8.84 12.31
N CSO F 255 -11.73 7.69 12.39
CA CSO F 255 -11.57 6.49 11.58
CB CSO F 255 -12.54 5.41 12.01
SG CSO F 255 -12.41 4.96 13.76
C CSO F 255 -11.89 6.86 10.13
O CSO F 255 -12.50 7.89 9.86
OD CSO F 255 -13.27 3.68 14.39
N PRO F 256 -11.51 5.99 9.20
CA PRO F 256 -12.05 6.06 7.84
C PRO F 256 -13.54 5.74 7.87
N SER F 257 -13.96 4.90 8.83
CA SER F 257 -15.36 4.48 9.09
C SER F 257 -16.22 5.67 9.51
N SER F 258 -15.72 6.50 10.43
CA SER F 258 -16.43 7.69 10.96
C SER F 258 -16.72 8.66 9.80
N SER F 259 -15.70 8.99 9.00
CA SER F 259 -15.88 9.92 7.86
C SER F 259 -16.84 9.28 6.86
N LYS F 260 -16.67 7.99 6.63
CA LYS F 260 -17.51 7.22 5.67
C LYS F 260 -18.99 7.47 5.98
N MET F 261 -19.37 7.31 7.25
CA MET F 261 -20.76 7.53 7.74
C MET F 261 -21.12 9.01 7.58
N ARG F 262 -20.19 9.92 7.88
CA ARG F 262 -20.39 11.40 7.78
C ARG F 262 -20.53 11.81 6.31
N GLN F 263 -19.79 11.17 5.40
CA GLN F 263 -19.85 11.46 3.94
C GLN F 263 -21.14 10.86 3.36
N ALA F 264 -21.58 9.71 3.88
CA ALA F 264 -22.84 9.04 3.49
C ALA F 264 -24.03 9.91 3.88
N LEU F 265 -23.98 10.55 5.06
CA LEU F 265 -25.02 11.48 5.57
C LEU F 265 -25.22 12.63 4.57
N GLU F 266 -24.13 13.26 4.12
CA GLU F 266 -24.15 14.38 3.14
C GLU F 266 -24.92 13.94 1.89
N LEU F 267 -24.56 12.78 1.33
CA LEU F 267 -25.14 12.28 0.06
C LEU F 267 -26.65 12.06 0.23
N VAL F 268 -27.07 11.46 1.35
CA VAL F 268 -28.48 11.11 1.66
C VAL F 268 -29.29 12.39 1.84
N ARG F 269 -28.76 13.36 2.58
CA ARG F 269 -29.44 14.66 2.91
C ARG F 269 -29.78 15.40 1.61
N GLU F 270 -28.83 15.47 0.66
CA GLU F 270 -29.01 16.10 -0.68
C GLU F 270 -30.04 15.30 -1.49
N ARG F 271 -29.88 13.97 -1.53
CA ARG F 271 -30.67 13.06 -2.40
C ARG F 271 -32.11 12.94 -1.88
N ALA F 272 -32.32 13.11 -0.57
CA ALA F 272 -33.63 12.97 0.11
C ALA F 272 -33.72 13.92 1.30
N PRO F 273 -34.03 15.21 1.09
CA PRO F 273 -34.24 16.14 2.21
C PRO F 273 -35.46 15.78 3.08
N GLU F 274 -36.43 15.05 2.52
CA GLU F 274 -37.69 14.68 3.24
C GLU F 274 -37.34 13.71 4.39
N LEU F 275 -36.33 12.87 4.21
CA LEU F 275 -36.00 11.72 5.10
C LEU F 275 -35.44 12.25 6.43
N MET F 276 -36.03 11.82 7.56
CA MET F 276 -35.47 12.07 8.91
C MET F 276 -34.27 11.14 9.10
N ILE F 277 -33.08 11.73 9.23
CA ILE F 277 -31.80 11.00 9.42
C ILE F 277 -30.84 11.88 10.23
N ASP F 278 -29.88 11.27 10.92
CA ASP F 278 -28.73 11.97 11.54
C ASP F 278 -27.62 10.95 11.85
N GLY F 279 -26.41 11.44 12.12
CA GLY F 279 -25.22 10.62 12.44
C GLY F 279 -23.93 11.40 12.28
N GLU F 280 -22.79 10.74 12.50
CA GLU F 280 -22.70 9.40 13.05
C GLU F 280 -22.92 9.45 14.57
N MET F 281 -23.50 8.42 15.16
CA MET F 281 -23.81 8.39 16.62
C MET F 281 -23.73 6.95 17.16
N HIS F 282 -23.62 6.84 18.49
CA HIS F 282 -23.67 5.57 19.25
C HIS F 282 -25.08 4.98 19.16
N GLY F 283 -25.19 3.66 19.33
CA GLY F 283 -26.48 2.92 19.26
C GLY F 283 -27.48 3.43 20.29
N ASP F 284 -27.01 3.69 21.52
CA ASP F 284 -27.86 4.14 22.65
C ASP F 284 -28.54 5.45 22.24
N ALA F 285 -27.76 6.44 21.77
CA ALA F 285 -28.23 7.75 21.28
C ALA F 285 -29.26 7.54 20.16
N ALA F 286 -29.05 6.55 19.30
CA ALA F 286 -29.93 6.24 18.15
C ALA F 286 -31.32 5.85 18.67
N LEU F 287 -31.39 4.99 19.69
CA LEU F 287 -32.64 4.32 20.15
C LEU F 287 -33.30 5.10 21.29
N VAL F 288 -32.56 5.87 22.08
CA VAL F 288 -33.05 6.55 23.31
C VAL F 288 -32.87 8.07 23.18
N GLU F 289 -33.98 8.78 22.96
CA GLU F 289 -34.06 10.26 22.82
C GLU F 289 -33.23 10.97 23.90
N ALA F 290 -33.48 10.66 25.18
CA ALA F 290 -32.86 11.32 26.35
C ALA F 290 -31.33 11.31 26.24
N ILE F 291 -30.76 10.23 25.70
CA ILE F 291 -29.29 10.04 25.53
C ILE F 291 -28.80 10.93 24.39
N ARG F 292 -29.56 10.99 23.29
CA ARG F 292 -29.21 11.81 22.09
C ARG F 292 -29.32 13.30 22.44
N ASN F 293 -30.38 13.69 23.15
CA ASN F 293 -30.65 15.10 23.55
C ASN F 293 -29.49 15.65 24.38
N ASP F 294 -28.87 14.81 25.22
CA ASP F 294 -27.76 15.23 26.12
C ASP F 294 -26.49 15.50 25.30
N ARG F 295 -26.23 14.70 24.27
CA ARG F 295 -25.02 14.86 23.40
C ARG F 295 -25.29 15.94 22.35
N MET F 296 -26.31 15.72 21.51
CA MET F 296 -26.64 16.67 20.42
C MET F 296 -28.07 17.15 20.64
N PRO F 297 -28.27 18.29 21.34
CA PRO F 297 -29.60 18.76 21.66
C PRO F 297 -30.53 18.98 20.47
N ASP F 298 -30.01 19.43 19.34
CA ASP F 298 -30.89 19.76 18.19
C ASP F 298 -30.55 18.86 17.00
N SER F 299 -30.79 17.57 17.16
CA SER F 299 -30.54 16.60 16.06
C SER F 299 -31.74 16.56 15.15
N SER F 300 -31.53 16.19 13.89
CA SER F 300 -32.63 16.05 12.92
C SER F 300 -33.47 14.84 13.31
N LEU F 301 -32.86 13.88 14.02
CA LEU F 301 -33.57 12.65 14.42
C LEU F 301 -34.34 12.89 15.71
N LYS F 302 -35.67 12.73 15.64
CA LYS F 302 -36.56 12.88 16.82
C LYS F 302 -36.97 11.49 17.31
N GLY F 303 -37.31 11.37 18.59
CA GLY F 303 -37.83 10.13 19.22
C GLY F 303 -36.82 9.00 19.17
N SER F 304 -37.19 7.89 18.53
CA SER F 304 -36.43 6.61 18.50
C SER F 304 -36.22 6.19 17.05
N ALA F 305 -34.97 5.87 16.68
CA ALA F 305 -34.59 5.38 15.34
C ALA F 305 -35.19 3.99 15.14
N ASN F 306 -35.76 3.75 13.95
CA ASN F 306 -36.31 2.43 13.52
C ASN F 306 -35.43 1.84 12.42
N ILE F 307 -34.56 2.63 11.79
CA ILE F 307 -33.54 2.14 10.81
C ILE F 307 -32.15 2.44 11.37
N LEU F 308 -31.37 1.40 11.66
CA LEU F 308 -29.95 1.49 12.08
C LEU F 308 -29.05 1.09 10.91
N VAL F 309 -28.37 2.06 10.31
CA VAL F 309 -27.43 1.83 9.16
C VAL F 309 -26.01 1.66 9.72
N MET F 310 -25.36 0.54 9.38
CA MET F 310 -24.10 0.07 10.00
C MET F 310 -22.93 0.36 9.07
N PRO F 311 -21.72 0.61 9.62
CA PRO F 311 -20.55 0.94 8.82
C PRO F 311 -20.00 -0.25 8.01
N ASN F 312 -19.98 -1.45 8.62
CA ASN F 312 -19.44 -2.69 8.00
C ASN F 312 -20.38 -3.86 8.34
N MET F 313 -20.39 -4.89 7.50
CA MET F 313 -21.21 -6.12 7.69
C MET F 313 -20.87 -6.76 9.04
N GLU F 314 -19.59 -6.73 9.42
CA GLU F 314 -19.10 -7.29 10.71
C GLU F 314 -19.96 -6.73 11.84
N ALA F 315 -19.98 -5.40 12.00
CA ALA F 315 -20.70 -4.66 13.07
C ALA F 315 -22.22 -4.86 12.93
N ALA F 316 -22.70 -5.03 11.69
CA ALA F 316 -24.14 -5.18 11.35
C ALA F 316 -24.64 -6.55 11.83
N ARG F 317 -24.06 -7.63 11.32
CA ARG F 317 -24.54 -9.00 11.65
C ARG F 317 -24.35 -9.30 13.13
N ILE F 318 -23.20 -8.93 13.69
CA ILE F 318 -22.92 -9.22 15.13
C ILE F 318 -23.98 -8.51 16.00
N SER F 319 -24.29 -7.24 15.70
CA SER F 319 -25.32 -6.46 16.44
C SER F 319 -26.67 -7.19 16.35
N TYR F 320 -27.11 -7.52 15.13
CA TYR F 320 -28.42 -8.18 14.87
C TYR F 320 -28.49 -9.52 15.60
N ASN F 321 -27.49 -10.39 15.36
CA ASN F 321 -27.44 -11.78 15.90
C ASN F 321 -27.59 -11.77 17.42
N LEU F 322 -26.86 -10.89 18.11
CA LEU F 322 -26.87 -10.80 19.59
C LEU F 322 -28.21 -10.23 20.07
N LEU F 323 -28.80 -9.29 19.33
CA LEU F 323 -30.10 -8.67 19.68
C LEU F 323 -31.24 -9.67 19.46
N ARG F 324 -31.22 -10.43 18.35
CA ARG F 324 -32.30 -11.36 17.99
C ARG F 324 -32.49 -12.37 19.13
N VAL F 325 -31.40 -12.85 19.70
CA VAL F 325 -31.35 -13.93 20.74
C VAL F 325 -31.57 -13.33 22.13
N SER F 326 -31.26 -12.05 22.32
CA SER F 326 -31.34 -11.45 23.67
C SER F 326 -32.69 -10.76 23.84
N SER F 327 -33.42 -10.57 22.74
CA SER F 327 -34.79 -9.99 22.81
C SER F 327 -35.80 -11.09 23.15
N SER F 328 -36.90 -10.72 23.80
CA SER F 328 -37.97 -11.70 24.10
C SER F 328 -39.04 -11.62 23.02
N GLU F 329 -38.86 -10.72 22.05
CA GLU F 329 -39.87 -10.54 20.98
C GLU F 329 -39.38 -11.23 19.71
N GLY F 330 -40.28 -11.91 19.01
CA GLY F 330 -39.92 -12.65 17.79
C GLY F 330 -39.76 -11.75 16.58
N VAL F 331 -38.97 -12.19 15.60
CA VAL F 331 -38.77 -11.51 14.29
C VAL F 331 -39.97 -11.86 13.38
N THR F 332 -40.24 -11.01 12.39
CA THR F 332 -41.35 -11.23 11.43
C THR F 332 -40.79 -11.24 10.01
N VAL F 333 -39.82 -10.39 9.72
CA VAL F 333 -39.22 -10.31 8.35
C VAL F 333 -37.70 -10.36 8.46
N GLY F 334 -37.02 -10.66 7.34
CA GLY F 334 -35.56 -10.71 7.32
C GLY F 334 -35.07 -11.95 6.60
N PRO F 335 -33.90 -11.94 5.93
CA PRO F 335 -33.28 -10.70 5.43
C PRO F 335 -33.97 -10.14 4.18
N VAL F 336 -34.34 -8.86 4.20
CA VAL F 336 -35.06 -8.21 3.06
C VAL F 336 -34.02 -7.65 2.08
N LEU F 337 -33.85 -8.34 0.95
CA LEU F 337 -32.95 -7.94 -0.18
C LEU F 337 -33.53 -6.71 -0.87
N MET F 338 -32.67 -5.75 -1.22
CA MET F 338 -33.04 -4.45 -1.84
C MET F 338 -32.04 -4.10 -2.95
N GLY F 339 -32.53 -3.74 -4.14
CA GLY F 339 -31.64 -3.31 -5.23
C GLY F 339 -31.72 -4.21 -6.45
N VAL F 340 -32.25 -5.40 -6.29
CA VAL F 340 -32.34 -6.39 -7.42
C VAL F 340 -33.54 -6.04 -8.29
N ALA F 341 -33.49 -6.34 -9.58
CA ALA F 341 -34.55 -5.92 -10.52
C ALA F 341 -35.69 -6.93 -10.62
N LYS F 342 -35.67 -7.96 -9.80
CA LYS F 342 -36.80 -8.93 -9.78
C LYS F 342 -37.16 -9.22 -8.31
N PRO F 343 -38.42 -9.58 -8.01
CA PRO F 343 -38.84 -9.82 -6.63
C PRO F 343 -38.15 -11.06 -6.08
N VAL F 344 -37.03 -10.88 -5.36
CA VAL F 344 -36.25 -12.05 -4.86
C VAL F 344 -35.77 -11.77 -3.45
N HIS F 345 -35.63 -12.81 -2.65
CA HIS F 345 -35.10 -12.66 -1.28
C HIS F 345 -34.29 -13.89 -0.87
N VAL F 346 -33.03 -13.69 -0.47
CA VAL F 346 -32.15 -14.79 0.04
C VAL F 346 -32.36 -14.83 1.56
N LEU F 347 -32.60 -16.02 2.11
CA LEU F 347 -32.87 -16.25 3.56
C LEU F 347 -31.67 -16.97 4.19
N THR F 348 -31.77 -17.29 5.48
CA THR F 348 -30.71 -18.01 6.25
C THR F 348 -31.16 -19.46 6.42
N PRO F 349 -30.26 -20.42 6.76
CA PRO F 349 -30.70 -21.78 7.01
C PRO F 349 -31.47 -21.92 8.33
N ILE F 350 -31.49 -20.88 9.17
CA ILE F 350 -32.14 -20.96 10.50
C ILE F 350 -33.52 -20.32 10.38
N ALA F 351 -34.00 -20.19 9.15
CA ALA F 351 -35.31 -19.56 8.91
C ALA F 351 -36.45 -20.48 9.32
N SER F 352 -37.39 -19.96 10.11
CA SER F 352 -38.58 -20.73 10.53
C SER F 352 -39.59 -20.79 9.37
N VAL F 353 -40.56 -21.70 9.46
CA VAL F 353 -41.64 -21.89 8.46
C VAL F 353 -42.37 -20.55 8.28
N ARG F 354 -42.63 -19.84 9.37
CA ARG F 354 -43.37 -18.56 9.40
C ARG F 354 -42.60 -17.49 8.62
N ARG F 355 -41.30 -17.35 8.85
CA ARG F 355 -40.51 -16.31 8.15
C ARG F 355 -40.62 -16.53 6.65
N ILE F 356 -40.40 -17.76 6.21
CA ILE F 356 -40.48 -18.09 4.75
C ILE F 356 -41.83 -17.61 4.23
N VAL F 357 -42.92 -18.00 4.92
CA VAL F 357 -44.33 -17.67 4.55
C VAL F 357 -44.48 -16.14 4.48
N ASN F 358 -43.92 -15.41 5.46
CA ASN F 358 -43.93 -13.93 5.51
C ASN F 358 -43.20 -13.38 4.28
N MET F 359 -41.97 -13.84 4.04
CA MET F 359 -41.06 -13.32 2.98
C MET F 359 -41.63 -13.61 1.59
N VAL F 360 -42.36 -14.71 1.42
CA VAL F 360 -43.05 -15.06 0.14
C VAL F 360 -44.17 -14.04 -0.12
N ALA F 361 -44.95 -13.71 0.92
CA ALA F 361 -46.06 -12.72 0.87
C ALA F 361 -45.52 -11.36 0.44
N LEU F 362 -44.42 -10.92 1.05
CA LEU F 362 -43.72 -9.66 0.72
C LEU F 362 -43.30 -9.68 -0.76
N ALA F 363 -42.77 -10.82 -1.22
CA ALA F 363 -42.26 -11.02 -2.60
C ALA F 363 -43.42 -11.01 -3.61
N VAL F 364 -44.59 -11.53 -3.21
CA VAL F 364 -45.82 -11.49 -4.05
C VAL F 364 -46.21 -10.03 -4.28
N VAL F 365 -46.30 -9.24 -3.21
CA VAL F 365 -46.71 -7.79 -3.24
C VAL F 365 -45.69 -7.00 -4.07
N GLU F 366 -44.42 -7.39 -4.04
CA GLU F 366 -43.35 -6.80 -4.88
C GLU F 366 -43.67 -7.06 -6.36
N ALA F 367 -44.05 -8.28 -6.70
CA ALA F 367 -44.40 -8.63 -8.09
C ALA F 367 -45.64 -7.86 -8.53
N GLN F 368 -46.63 -7.76 -7.64
CA GLN F 368 -47.85 -6.99 -7.94
C GLN F 368 -47.49 -5.53 -8.12
N THR F 369 -46.32 -5.13 -7.63
CA THR F 369 -45.95 -3.68 -7.65
C THR F 369 -44.57 -3.53 -8.29
N GLN F 370 -43.62 -3.03 -7.52
CA GLN F 370 -42.23 -2.86 -8.01
C GLN F 370 -41.28 -3.52 -7.01
N PRO F 371 -40.24 -4.24 -7.46
CA PRO F 371 -39.27 -4.84 -6.55
C PRO F 371 -38.68 -3.81 -5.58
N LEU F 372 -38.14 -4.29 -4.46
CA LEU F 372 -37.50 -3.40 -3.45
C LEU F 372 -36.03 -3.16 -3.81
S SO4 G . -8.89 -22.20 -17.28
O1 SO4 G . -8.02 -22.97 -18.13
O2 SO4 G . -8.88 -20.82 -17.70
O3 SO4 G . -10.23 -22.72 -17.38
O4 SO4 G . -8.44 -22.30 -15.92
S SO4 H . -23.08 -16.41 6.06
O1 SO4 H . -22.26 -15.35 5.55
O2 SO4 H . -22.24 -17.47 6.56
O3 SO4 H . -23.91 -16.92 5.01
O4 SO4 H . -23.91 -15.92 7.12
#